data_7A1W
# 
_entry.id   7A1W 
# 
_audit_conform.dict_name       mmcif_pdbx.dic 
_audit_conform.dict_version    5.399 
_audit_conform.dict_location   http://mmcif.pdb.org/dictionaries/ascii/mmcif_pdbx.dic 
# 
loop_
_database_2.database_id 
_database_2.database_code 
_database_2.pdbx_database_accession 
_database_2.pdbx_DOI 
PDB   7A1W         pdb_00007a1w 10.2210/pdb7a1w/pdb 
WWPDB D_1292110745 ?            ?                   
# 
loop_
_pdbx_audit_revision_history.ordinal 
_pdbx_audit_revision_history.data_content_type 
_pdbx_audit_revision_history.major_revision 
_pdbx_audit_revision_history.minor_revision 
_pdbx_audit_revision_history.revision_date 
1 'Structure model' 1 0 2021-10-13 
2 'Structure model' 1 1 2022-01-12 
3 'Structure model' 1 2 2024-05-01 
4 'Structure model' 1 3 2024-11-20 
# 
_pdbx_audit_revision_details.ordinal             1 
_pdbx_audit_revision_details.revision_ordinal    1 
_pdbx_audit_revision_details.data_content_type   'Structure model' 
_pdbx_audit_revision_details.provider            repository 
_pdbx_audit_revision_details.type                'Initial release' 
_pdbx_audit_revision_details.description         ? 
_pdbx_audit_revision_details.details             ? 
# 
loop_
_pdbx_audit_revision_group.ordinal 
_pdbx_audit_revision_group.revision_ordinal 
_pdbx_audit_revision_group.data_content_type 
_pdbx_audit_revision_group.group 
1 2 'Structure model' 'Database references'    
2 3 'Structure model' 'Data collection'        
3 3 'Structure model' 'Refinement description' 
4 4 'Structure model' 'Structure summary'      
# 
loop_
_pdbx_audit_revision_category.ordinal 
_pdbx_audit_revision_category.revision_ordinal 
_pdbx_audit_revision_category.data_content_type 
_pdbx_audit_revision_category.category 
1 2 'Structure model' citation                      
2 2 'Structure model' citation_author               
3 3 'Structure model' chem_comp_atom                
4 3 'Structure model' chem_comp_bond                
5 3 'Structure model' pdbx_initial_refinement_model 
6 4 'Structure model' pdbx_entry_details            
7 4 'Structure model' pdbx_modification_feature     
# 
loop_
_pdbx_audit_revision_item.ordinal 
_pdbx_audit_revision_item.revision_ordinal 
_pdbx_audit_revision_item.data_content_type 
_pdbx_audit_revision_item.item 
1 2 'Structure model' '_citation.country'                            
2 2 'Structure model' '_citation.journal_abbrev'                     
3 2 'Structure model' '_citation.journal_volume'                     
4 2 'Structure model' '_citation.page_first'                         
5 2 'Structure model' '_citation.page_last'                          
6 2 'Structure model' '_citation.year'                               
7 2 'Structure model' '_citation_author.identifier_ORCID'            
8 4 'Structure model' '_pdbx_entry_details.has_protein_modification' 
# 
_pdbx_database_status.status_code                     REL 
_pdbx_database_status.status_code_sf                  REL 
_pdbx_database_status.status_code_mr                  ? 
_pdbx_database_status.entry_id                        7A1W 
_pdbx_database_status.recvd_initial_deposition_date   2020-08-14 
_pdbx_database_status.SG_entry                        N 
_pdbx_database_status.deposit_site                    PDBE 
_pdbx_database_status.process_site                    PDBE 
_pdbx_database_status.status_code_cs                  ? 
_pdbx_database_status.status_code_nmr_data            ? 
_pdbx_database_status.methods_development_category    ? 
_pdbx_database_status.pdb_format_compatible           Y 
# 
loop_
_audit_author.name 
_audit_author.pdbx_ordinal 
_audit_author.identifier_ORCID 
'Mathieu, M.' 1 0000-0003-4960-0632 
'Steier, V.'  2 ?                   
# 
_citation.abstract                  ? 
_citation.abstract_id_CAS           ? 
_citation.book_id_ISBN              ? 
_citation.book_publisher            ? 
_citation.book_publisher_city       ? 
_citation.book_title                ? 
_citation.coordinate_linkage        ? 
_citation.country                   US 
_citation.database_id_Medline       ? 
_citation.details                   ? 
_citation.id                        primary 
_citation.journal_abbrev            'Small Gtpases' 
_citation.journal_id_ASTM           ? 
_citation.journal_id_CSD            ? 
_citation.journal_id_ISSN           2154-1256 
_citation.journal_full              ? 
_citation.journal_issue             ? 
_citation.journal_volume            13 
_citation.language                  ? 
_citation.page_first                225 
_citation.page_last                 238 
_citation.title                     'KRAS G12C fragment screening renders new binding pockets.' 
_citation.year                      2022 
_citation.database_id_CSD           ? 
_citation.pdbx_database_id_DOI      10.1080/21541248.2021.1979360 
_citation.pdbx_database_id_PubMed   34558391 
_citation.unpublished_flag          ? 
# 
loop_
_citation_author.citation_id 
_citation_author.name 
_citation_author.ordinal 
_citation_author.identifier_ORCID 
primary 'Mathieu, M.'     1  ? 
primary 'Steier, V.'      2  ? 
primary 'Fassy, F.'       3  ? 
primary 'Delorme, C.'     4  ? 
primary 'Papin, D.'       5  ? 
primary 'Genet, B.'       6  ? 
primary 'Duffieux, F.'    7  ? 
primary 'Bertrand, T.'    8  ? 
primary 'Delarbre, L.'    9  ? 
primary 'Le-Borgne, H.'   10 ? 
primary 'Parent, A.'      11 ? 
primary 'Didier, P.'      12 ? 
primary 'Marquette, J.P.' 13 ? 
primary 'Lowinski, M.'    14 ? 
primary 'Houtmann, J.'    15 ? 
primary 'Lamberton, A.'   16 ? 
primary 'Debussche, L.'   17 ? 
primary 'Alexey, R.'      18 ? 
# 
loop_
_entity.id 
_entity.type 
_entity.src_method 
_entity.pdbx_description 
_entity.formula_weight 
_entity.pdbx_number_of_molecules 
_entity.pdbx_ec 
_entity.pdbx_mutation 
_entity.pdbx_fragment 
_entity.details 
1 polymer     man 'Isoform 2B of GTPase KRas'                                                        19374.902 1   3.6.5.2 G12C ? 
? 
2 non-polymer syn "GUANOSINE-5'-DIPHOSPHATE"                                                         443.201   1   ?       ?    ? 
? 
3 non-polymer syn 'MAGNESIUM ION'                                                                    24.305    1   ?       ?    ? 
? 
4 non-polymer syn 'PHOSPHATE ION'                                                                    94.971    1   ?       ?    ? 
? 
5 non-polymer syn '~{N}-[6-(phenylmethyl)-7,8-dihydro-5~{H}-pyrido[4,3-d]pyrimidin-2-yl]propanamide' 296.367   2   ?       ?    ? 
? 
6 water       nat water                                                                              18.015    111 ?       ?    ? 
? 
# 
_entity_name_com.entity_id   1 
_entity_name_com.name        'K-Ras 2,Ki-Ras,c-K-ras,c-Ki-ras' 
# 
_entity_poly.entity_id                      1 
_entity_poly.type                           'polypeptide(L)' 
_entity_poly.nstd_linkage                   no 
_entity_poly.nstd_monomer                   no 
_entity_poly.pdbx_seq_one_letter_code       
;GMTEYKLVVVGACGVGKSALTIQLIQNHFVDEYDPTIEDSYRKQVVIDGETCLLDILDTAGQEEYSAMRDQYMRTGEGFL
CVFAINNTKSFEDIHHYREQIKRVKDSEDVPMVLVGNKCDLPSRTVDTKQAQDLARSYGIPFIETSAKTRQGVDDAFYTL
VREIRKHKEK
;
_entity_poly.pdbx_seq_one_letter_code_can   
;GMTEYKLVVVGACGVGKSALTIQLIQNHFVDEYDPTIEDSYRKQVVIDGETCLLDILDTAGQEEYSAMRDQYMRTGEGFL
CVFAINNTKSFEDIHHYREQIKRVKDSEDVPMVLVGNKCDLPSRTVDTKQAQDLARSYGIPFIETSAKTRQGVDDAFYTL
VREIRKHKEK
;
_entity_poly.pdbx_strand_id                 A 
_entity_poly.pdbx_target_identifier         ? 
# 
loop_
_pdbx_entity_nonpoly.entity_id 
_pdbx_entity_nonpoly.name 
_pdbx_entity_nonpoly.comp_id 
2 "GUANOSINE-5'-DIPHOSPHATE"                                                         GDP 
3 'MAGNESIUM ION'                                                                    MG  
4 'PHOSPHATE ION'                                                                    PO4 
5 '~{N}-[6-(phenylmethyl)-7,8-dihydro-5~{H}-pyrido[4,3-d]pyrimidin-2-yl]propanamide' QWK 
6 water                                                                              HOH 
# 
loop_
_entity_poly_seq.entity_id 
_entity_poly_seq.num 
_entity_poly_seq.mon_id 
_entity_poly_seq.hetero 
1 1   GLY n 
1 2   MET n 
1 3   THR n 
1 4   GLU n 
1 5   TYR n 
1 6   LYS n 
1 7   LEU n 
1 8   VAL n 
1 9   VAL n 
1 10  VAL n 
1 11  GLY n 
1 12  ALA n 
1 13  CYS n 
1 14  GLY n 
1 15  VAL n 
1 16  GLY n 
1 17  LYS n 
1 18  SER n 
1 19  ALA n 
1 20  LEU n 
1 21  THR n 
1 22  ILE n 
1 23  GLN n 
1 24  LEU n 
1 25  ILE n 
1 26  GLN n 
1 27  ASN n 
1 28  HIS n 
1 29  PHE n 
1 30  VAL n 
1 31  ASP n 
1 32  GLU n 
1 33  TYR n 
1 34  ASP n 
1 35  PRO n 
1 36  THR n 
1 37  ILE n 
1 38  GLU n 
1 39  ASP n 
1 40  SER n 
1 41  TYR n 
1 42  ARG n 
1 43  LYS n 
1 44  GLN n 
1 45  VAL n 
1 46  VAL n 
1 47  ILE n 
1 48  ASP n 
1 49  GLY n 
1 50  GLU n 
1 51  THR n 
1 52  CYS n 
1 53  LEU n 
1 54  LEU n 
1 55  ASP n 
1 56  ILE n 
1 57  LEU n 
1 58  ASP n 
1 59  THR n 
1 60  ALA n 
1 61  GLY n 
1 62  GLN n 
1 63  GLU n 
1 64  GLU n 
1 65  TYR n 
1 66  SER n 
1 67  ALA n 
1 68  MET n 
1 69  ARG n 
1 70  ASP n 
1 71  GLN n 
1 72  TYR n 
1 73  MET n 
1 74  ARG n 
1 75  THR n 
1 76  GLY n 
1 77  GLU n 
1 78  GLY n 
1 79  PHE n 
1 80  LEU n 
1 81  CYS n 
1 82  VAL n 
1 83  PHE n 
1 84  ALA n 
1 85  ILE n 
1 86  ASN n 
1 87  ASN n 
1 88  THR n 
1 89  LYS n 
1 90  SER n 
1 91  PHE n 
1 92  GLU n 
1 93  ASP n 
1 94  ILE n 
1 95  HIS n 
1 96  HIS n 
1 97  TYR n 
1 98  ARG n 
1 99  GLU n 
1 100 GLN n 
1 101 ILE n 
1 102 LYS n 
1 103 ARG n 
1 104 VAL n 
1 105 LYS n 
1 106 ASP n 
1 107 SER n 
1 108 GLU n 
1 109 ASP n 
1 110 VAL n 
1 111 PRO n 
1 112 MET n 
1 113 VAL n 
1 114 LEU n 
1 115 VAL n 
1 116 GLY n 
1 117 ASN n 
1 118 LYS n 
1 119 CYS n 
1 120 ASP n 
1 121 LEU n 
1 122 PRO n 
1 123 SER n 
1 124 ARG n 
1 125 THR n 
1 126 VAL n 
1 127 ASP n 
1 128 THR n 
1 129 LYS n 
1 130 GLN n 
1 131 ALA n 
1 132 GLN n 
1 133 ASP n 
1 134 LEU n 
1 135 ALA n 
1 136 ARG n 
1 137 SER n 
1 138 TYR n 
1 139 GLY n 
1 140 ILE n 
1 141 PRO n 
1 142 PHE n 
1 143 ILE n 
1 144 GLU n 
1 145 THR n 
1 146 SER n 
1 147 ALA n 
1 148 LYS n 
1 149 THR n 
1 150 ARG n 
1 151 GLN n 
1 152 GLY n 
1 153 VAL n 
1 154 ASP n 
1 155 ASP n 
1 156 ALA n 
1 157 PHE n 
1 158 TYR n 
1 159 THR n 
1 160 LEU n 
1 161 VAL n 
1 162 ARG n 
1 163 GLU n 
1 164 ILE n 
1 165 ARG n 
1 166 LYS n 
1 167 HIS n 
1 168 LYS n 
1 169 GLU n 
1 170 LYS n 
# 
_entity_src_gen.entity_id                          1 
_entity_src_gen.pdbx_src_id                        1 
_entity_src_gen.pdbx_alt_source_flag               sample 
_entity_src_gen.pdbx_seq_type                      'Biological sequence' 
_entity_src_gen.pdbx_beg_seq_num                   1 
_entity_src_gen.pdbx_end_seq_num                   170 
_entity_src_gen.gene_src_common_name               Human 
_entity_src_gen.gene_src_genus                     ? 
_entity_src_gen.pdbx_gene_src_gene                 'KRAS, KRAS2, RASK2' 
_entity_src_gen.gene_src_species                   ? 
_entity_src_gen.gene_src_strain                    ? 
_entity_src_gen.gene_src_tissue                    ? 
_entity_src_gen.gene_src_tissue_fraction           ? 
_entity_src_gen.gene_src_details                   ? 
_entity_src_gen.pdbx_gene_src_fragment             ? 
_entity_src_gen.pdbx_gene_src_scientific_name      'Homo sapiens' 
_entity_src_gen.pdbx_gene_src_ncbi_taxonomy_id     9606 
_entity_src_gen.pdbx_gene_src_variant              ? 
_entity_src_gen.pdbx_gene_src_cell_line            ? 
_entity_src_gen.pdbx_gene_src_atcc                 ? 
_entity_src_gen.pdbx_gene_src_organ                ? 
_entity_src_gen.pdbx_gene_src_organelle            ? 
_entity_src_gen.pdbx_gene_src_cell                 ? 
_entity_src_gen.pdbx_gene_src_cellular_location    ? 
_entity_src_gen.host_org_common_name               ? 
_entity_src_gen.pdbx_host_org_scientific_name      'Escherichia coli BL21(DE3)' 
_entity_src_gen.pdbx_host_org_ncbi_taxonomy_id     469008 
_entity_src_gen.host_org_genus                     ? 
_entity_src_gen.pdbx_host_org_gene                 ? 
_entity_src_gen.pdbx_host_org_organ                NA 
_entity_src_gen.host_org_species                   ? 
_entity_src_gen.pdbx_host_org_tissue               NA 
_entity_src_gen.pdbx_host_org_tissue_fraction      ? 
_entity_src_gen.pdbx_host_org_strain               NA 
_entity_src_gen.pdbx_host_org_variant              NA 
_entity_src_gen.pdbx_host_org_cell_line            ? 
_entity_src_gen.pdbx_host_org_atcc                 NA 
_entity_src_gen.pdbx_host_org_culture_collection   ? 
_entity_src_gen.pdbx_host_org_cell                 NA 
_entity_src_gen.pdbx_host_org_organelle            ? 
_entity_src_gen.pdbx_host_org_cellular_location    ? 
_entity_src_gen.pdbx_host_org_vector_type          'Episomal low copy number' 
_entity_src_gen.pdbx_host_org_vector               ? 
_entity_src_gen.host_org_details                   'T7 promoter' 
_entity_src_gen.expression_system_id               ? 
_entity_src_gen.plasmid_name                       pET-28a 
_entity_src_gen.plasmid_details                    ? 
_entity_src_gen.pdbx_description                   ? 
# 
loop_
_chem_comp.id 
_chem_comp.type 
_chem_comp.mon_nstd_flag 
_chem_comp.name 
_chem_comp.pdbx_synonyms 
_chem_comp.formula 
_chem_comp.formula_weight 
ALA 'L-peptide linking' y ALANINE                                                                            ?     'C3 H7 N O2' 
89.093  
ARG 'L-peptide linking' y ARGININE                                                                           ?     
'C6 H15 N4 O2 1'    175.209 
ASN 'L-peptide linking' y ASPARAGINE                                                                         ?     'C4 H8 N2 O3' 
132.118 
ASP 'L-peptide linking' y 'ASPARTIC ACID'                                                                    ?     'C4 H7 N O4' 
133.103 
CYS 'L-peptide linking' y CYSTEINE                                                                           ?     'C3 H7 N O2 S' 
121.158 
GDP 'RNA linking'       n "GUANOSINE-5'-DIPHOSPHATE"                                                         ?     
'C10 H15 N5 O11 P2' 443.201 
GLN 'L-peptide linking' y GLUTAMINE                                                                          ?     'C5 H10 N2 O3' 
146.144 
GLU 'L-peptide linking' y 'GLUTAMIC ACID'                                                                    ?     'C5 H9 N O4' 
147.129 
GLY 'peptide linking'   y GLYCINE                                                                            ?     'C2 H5 N O2' 
75.067  
HIS 'L-peptide linking' y HISTIDINE                                                                          ?     
'C6 H10 N3 O2 1'    156.162 
HOH non-polymer         . WATER                                                                              ?     'H2 O' 18.015  
ILE 'L-peptide linking' y ISOLEUCINE                                                                         ?     'C6 H13 N O2' 
131.173 
LEU 'L-peptide linking' y LEUCINE                                                                            ?     'C6 H13 N O2' 
131.173 
LYS 'L-peptide linking' y LYSINE                                                                             ?     
'C6 H15 N2 O2 1'    147.195 
MET 'L-peptide linking' y METHIONINE                                                                         ?     'C5 H11 N O2 S' 
149.211 
MG  non-polymer         . 'MAGNESIUM ION'                                                                    ?     'Mg 2' 24.305  
PHE 'L-peptide linking' y PHENYLALANINE                                                                      ?     'C9 H11 N O2' 
165.189 
PO4 non-polymer         . 'PHOSPHATE ION'                                                                    ?     'O4 P -3' 
94.971  
PRO 'L-peptide linking' y PROLINE                                                                            ?     'C5 H9 N O2' 
115.130 
QWK non-polymer         . '~{N}-[6-(phenylmethyl)-7,8-dihydro-5~{H}-pyrido[4,3-d]pyrimidin-2-yl]propanamide' RA303 'C17 H20 N4 O' 
296.367 
SER 'L-peptide linking' y SERINE                                                                             ?     'C3 H7 N O3' 
105.093 
THR 'L-peptide linking' y THREONINE                                                                          ?     'C4 H9 N O3' 
119.119 
TYR 'L-peptide linking' y TYROSINE                                                                           ?     'C9 H11 N O3' 
181.189 
VAL 'L-peptide linking' y VALINE                                                                             ?     'C5 H11 N O2' 
117.146 
# 
loop_
_pdbx_poly_seq_scheme.asym_id 
_pdbx_poly_seq_scheme.entity_id 
_pdbx_poly_seq_scheme.seq_id 
_pdbx_poly_seq_scheme.mon_id 
_pdbx_poly_seq_scheme.ndb_seq_num 
_pdbx_poly_seq_scheme.pdb_seq_num 
_pdbx_poly_seq_scheme.auth_seq_num 
_pdbx_poly_seq_scheme.pdb_mon_id 
_pdbx_poly_seq_scheme.auth_mon_id 
_pdbx_poly_seq_scheme.pdb_strand_id 
_pdbx_poly_seq_scheme.pdb_ins_code 
_pdbx_poly_seq_scheme.hetero 
A 1 1   GLY 1   0   ?   ?   ?   A . n 
A 1 2   MET 2   1   1   MET MET A . n 
A 1 3   THR 3   2   2   THR THR A . n 
A 1 4   GLU 4   3   3   GLU GLU A . n 
A 1 5   TYR 5   4   4   TYR TYR A . n 
A 1 6   LYS 6   5   5   LYS LYS A . n 
A 1 7   LEU 7   6   6   LEU LEU A . n 
A 1 8   VAL 8   7   7   VAL VAL A . n 
A 1 9   VAL 9   8   8   VAL VAL A . n 
A 1 10  VAL 10  9   9   VAL VAL A . n 
A 1 11  GLY 11  10  10  GLY GLY A . n 
A 1 12  ALA 12  11  11  ALA ALA A . n 
A 1 13  CYS 13  12  12  CYS CYS A . n 
A 1 14  GLY 14  13  13  GLY GLY A . n 
A 1 15  VAL 15  14  14  VAL VAL A . n 
A 1 16  GLY 16  15  15  GLY GLY A . n 
A 1 17  LYS 17  16  16  LYS LYS A . n 
A 1 18  SER 18  17  17  SER SER A . n 
A 1 19  ALA 19  18  18  ALA ALA A . n 
A 1 20  LEU 20  19  19  LEU LEU A . n 
A 1 21  THR 21  20  20  THR THR A . n 
A 1 22  ILE 22  21  21  ILE ILE A . n 
A 1 23  GLN 23  22  22  GLN GLN A . n 
A 1 24  LEU 24  23  23  LEU LEU A . n 
A 1 25  ILE 25  24  24  ILE ILE A . n 
A 1 26  GLN 26  25  25  GLN GLN A . n 
A 1 27  ASN 27  26  26  ASN ASN A . n 
A 1 28  HIS 28  27  27  HIS HIS A . n 
A 1 29  PHE 29  28  28  PHE PHE A . n 
A 1 30  VAL 30  29  29  VAL VAL A . n 
A 1 31  ASP 31  30  30  ASP ASP A . n 
A 1 32  GLU 32  31  31  GLU GLU A . n 
A 1 33  TYR 33  32  32  TYR TYR A . n 
A 1 34  ASP 34  33  33  ASP ASP A . n 
A 1 35  PRO 35  34  34  PRO PRO A . n 
A 1 36  THR 36  35  35  THR THR A . n 
A 1 37  ILE 37  36  36  ILE ILE A . n 
A 1 38  GLU 38  37  37  GLU GLU A . n 
A 1 39  ASP 39  38  38  ASP ASP A . n 
A 1 40  SER 40  39  39  SER SER A . n 
A 1 41  TYR 41  40  40  TYR TYR A . n 
A 1 42  ARG 42  41  41  ARG ARG A . n 
A 1 43  LYS 43  42  42  LYS LYS A . n 
A 1 44  GLN 44  43  43  GLN GLN A . n 
A 1 45  VAL 45  44  44  VAL VAL A . n 
A 1 46  VAL 46  45  45  VAL VAL A . n 
A 1 47  ILE 47  46  46  ILE ILE A . n 
A 1 48  ASP 48  47  47  ASP ASP A . n 
A 1 49  GLY 49  48  48  GLY GLY A . n 
A 1 50  GLU 50  49  49  GLU GLU A . n 
A 1 51  THR 51  50  50  THR THR A . n 
A 1 52  CYS 52  51  51  CYS CYS A . n 
A 1 53  LEU 53  52  52  LEU LEU A . n 
A 1 54  LEU 54  53  53  LEU LEU A . n 
A 1 55  ASP 55  54  54  ASP ASP A . n 
A 1 56  ILE 56  55  55  ILE ILE A . n 
A 1 57  LEU 57  56  56  LEU LEU A . n 
A 1 58  ASP 58  57  57  ASP ASP A . n 
A 1 59  THR 59  58  58  THR THR A . n 
A 1 60  ALA 60  59  59  ALA ALA A . n 
A 1 61  GLY 61  60  60  GLY GLY A . n 
A 1 62  GLN 62  61  61  GLN GLN A . n 
A 1 63  GLU 63  62  62  GLU GLU A . n 
A 1 64  GLU 64  63  63  GLU GLU A . n 
A 1 65  TYR 65  64  64  TYR TYR A . n 
A 1 66  SER 66  65  65  SER SER A . n 
A 1 67  ALA 67  66  66  ALA ALA A . n 
A 1 68  MET 68  67  67  MET MET A . n 
A 1 69  ARG 69  68  68  ARG ARG A . n 
A 1 70  ASP 70  69  69  ASP ASP A . n 
A 1 71  GLN 71  70  70  GLN GLN A . n 
A 1 72  TYR 72  71  71  TYR TYR A . n 
A 1 73  MET 73  72  72  MET MET A . n 
A 1 74  ARG 74  73  73  ARG ARG A . n 
A 1 75  THR 75  74  74  THR THR A . n 
A 1 76  GLY 76  75  75  GLY GLY A . n 
A 1 77  GLU 77  76  76  GLU GLU A . n 
A 1 78  GLY 78  77  77  GLY GLY A . n 
A 1 79  PHE 79  78  78  PHE PHE A . n 
A 1 80  LEU 80  79  79  LEU LEU A . n 
A 1 81  CYS 81  80  80  CYS CYS A . n 
A 1 82  VAL 82  81  81  VAL VAL A . n 
A 1 83  PHE 83  82  82  PHE PHE A . n 
A 1 84  ALA 84  83  83  ALA ALA A . n 
A 1 85  ILE 85  84  84  ILE ILE A . n 
A 1 86  ASN 86  85  85  ASN ASN A . n 
A 1 87  ASN 87  86  86  ASN ASN A . n 
A 1 88  THR 88  87  87  THR THR A . n 
A 1 89  LYS 89  88  88  LYS LYS A . n 
A 1 90  SER 90  89  89  SER SER A . n 
A 1 91  PHE 91  90  90  PHE PHE A . n 
A 1 92  GLU 92  91  91  GLU GLU A . n 
A 1 93  ASP 93  92  92  ASP ASP A . n 
A 1 94  ILE 94  93  93  ILE ILE A . n 
A 1 95  HIS 95  94  94  HIS HIS A . n 
A 1 96  HIS 96  95  95  HIS HIS A . n 
A 1 97  TYR 97  96  96  TYR TYR A . n 
A 1 98  ARG 98  97  97  ARG ARG A . n 
A 1 99  GLU 99  98  98  GLU GLU A . n 
A 1 100 GLN 100 99  99  GLN GLN A . n 
A 1 101 ILE 101 100 100 ILE ILE A . n 
A 1 102 LYS 102 101 101 LYS LYS A . n 
A 1 103 ARG 103 102 102 ARG ARG A . n 
A 1 104 VAL 104 103 103 VAL VAL A . n 
A 1 105 LYS 105 104 104 LYS LYS A . n 
A 1 106 ASP 106 105 105 ASP ASP A . n 
A 1 107 SER 107 106 106 SER SER A . n 
A 1 108 GLU 108 107 107 GLU GLU A . n 
A 1 109 ASP 109 108 108 ASP ASP A . n 
A 1 110 VAL 110 109 109 VAL VAL A . n 
A 1 111 PRO 111 110 110 PRO PRO A . n 
A 1 112 MET 112 111 111 MET MET A . n 
A 1 113 VAL 113 112 112 VAL VAL A . n 
A 1 114 LEU 114 113 113 LEU LEU A . n 
A 1 115 VAL 115 114 114 VAL VAL A . n 
A 1 116 GLY 116 115 115 GLY GLY A . n 
A 1 117 ASN 117 116 116 ASN ASN A . n 
A 1 118 LYS 118 117 117 LYS LYS A . n 
A 1 119 CYS 119 118 118 CYS CYS A . n 
A 1 120 ASP 120 119 119 ASP ASP A . n 
A 1 121 LEU 121 120 120 LEU LEU A . n 
A 1 122 PRO 122 121 121 PRO PRO A . n 
A 1 123 SER 123 122 122 SER SER A . n 
A 1 124 ARG 124 123 123 ARG ARG A . n 
A 1 125 THR 125 124 124 THR THR A . n 
A 1 126 VAL 126 125 125 VAL VAL A . n 
A 1 127 ASP 127 126 126 ASP ASP A . n 
A 1 128 THR 128 127 127 THR THR A . n 
A 1 129 LYS 129 128 128 LYS LYS A . n 
A 1 130 GLN 130 129 129 GLN GLN A . n 
A 1 131 ALA 131 130 130 ALA ALA A . n 
A 1 132 GLN 132 131 131 GLN GLN A . n 
A 1 133 ASP 133 132 132 ASP ASP A . n 
A 1 134 LEU 134 133 133 LEU LEU A . n 
A 1 135 ALA 135 134 134 ALA ALA A . n 
A 1 136 ARG 136 135 135 ARG ARG A . n 
A 1 137 SER 137 136 136 SER SER A . n 
A 1 138 TYR 138 137 137 TYR TYR A . n 
A 1 139 GLY 139 138 138 GLY GLY A . n 
A 1 140 ILE 140 139 139 ILE ILE A . n 
A 1 141 PRO 141 140 140 PRO PRO A . n 
A 1 142 PHE 142 141 141 PHE PHE A . n 
A 1 143 ILE 143 142 142 ILE ILE A . n 
A 1 144 GLU 144 143 143 GLU GLU A . n 
A 1 145 THR 145 144 144 THR THR A . n 
A 1 146 SER 146 145 145 SER SER A . n 
A 1 147 ALA 147 146 146 ALA ALA A . n 
A 1 148 LYS 148 147 147 LYS LYS A . n 
A 1 149 THR 149 148 148 THR THR A . n 
A 1 150 ARG 150 149 149 ARG ARG A . n 
A 1 151 GLN 151 150 150 GLN GLN A . n 
A 1 152 GLY 152 151 151 GLY GLY A . n 
A 1 153 VAL 153 152 152 VAL VAL A . n 
A 1 154 ASP 154 153 153 ASP ASP A . n 
A 1 155 ASP 155 154 154 ASP ASP A . n 
A 1 156 ALA 156 155 155 ALA ALA A . n 
A 1 157 PHE 157 156 156 PHE PHE A . n 
A 1 158 TYR 158 157 157 TYR TYR A . n 
A 1 159 THR 159 158 158 THR THR A . n 
A 1 160 LEU 160 159 159 LEU LEU A . n 
A 1 161 VAL 161 160 160 VAL VAL A . n 
A 1 162 ARG 162 161 161 ARG ARG A . n 
A 1 163 GLU 163 162 162 GLU GLU A . n 
A 1 164 ILE 164 163 163 ILE ILE A . n 
A 1 165 ARG 165 164 164 ARG ARG A . n 
A 1 166 LYS 166 165 165 LYS LYS A . n 
A 1 167 HIS 167 166 166 HIS HIS A . n 
A 1 168 LYS 168 167 ?   ?   ?   A . n 
A 1 169 GLU 169 168 ?   ?   ?   A . n 
A 1 170 LYS 170 169 ?   ?   ?   A . n 
# 
_pdbx_entity_instance_feature.ordinal        1 
_pdbx_entity_instance_feature.comp_id        QWK 
_pdbx_entity_instance_feature.asym_id        ? 
_pdbx_entity_instance_feature.seq_num        ? 
_pdbx_entity_instance_feature.auth_comp_id   QWK 
_pdbx_entity_instance_feature.auth_asym_id   ? 
_pdbx_entity_instance_feature.auth_seq_num   ? 
_pdbx_entity_instance_feature.feature_type   'SUBJECT OF INVESTIGATION' 
_pdbx_entity_instance_feature.details        ? 
# 
loop_
_pdbx_nonpoly_scheme.asym_id 
_pdbx_nonpoly_scheme.entity_id 
_pdbx_nonpoly_scheme.mon_id 
_pdbx_nonpoly_scheme.ndb_seq_num 
_pdbx_nonpoly_scheme.pdb_seq_num 
_pdbx_nonpoly_scheme.auth_seq_num 
_pdbx_nonpoly_scheme.pdb_mon_id 
_pdbx_nonpoly_scheme.auth_mon_id 
_pdbx_nonpoly_scheme.pdb_strand_id 
_pdbx_nonpoly_scheme.pdb_ins_code 
B 2 GDP 1   201 1   GDP GDP A . 
C 3 MG  1   202 2   MG  MG  A . 
D 4 PO4 1   203 3   PO4 PO4 A . 
E 5 QWK 1   204 1   QWK INH A . 
F 5 QWK 1   205 2   QWK INH A . 
G 6 HOH 1   301 6   HOH HOH A . 
G 6 HOH 2   302 45  HOH HOH A . 
G 6 HOH 3   303 38  HOH HOH A . 
G 6 HOH 4   304 43  HOH HOH A . 
G 6 HOH 5   305 13  HOH HOH A . 
G 6 HOH 6   306 18  HOH HOH A . 
G 6 HOH 7   307 8   HOH HOH A . 
G 6 HOH 8   308 113 HOH HOH A . 
G 6 HOH 9   309 17  HOH HOH A . 
G 6 HOH 10  310 70  HOH HOH A . 
G 6 HOH 11  311 75  HOH HOH A . 
G 6 HOH 12  312 39  HOH HOH A . 
G 6 HOH 13  313 34  HOH HOH A . 
G 6 HOH 14  314 40  HOH HOH A . 
G 6 HOH 15  315 33  HOH HOH A . 
G 6 HOH 16  316 1   HOH HOH A . 
G 6 HOH 17  317 55  HOH HOH A . 
G 6 HOH 18  318 35  HOH HOH A . 
G 6 HOH 19  319 4   HOH HOH A . 
G 6 HOH 20  320 104 HOH HOH A . 
G 6 HOH 21  321 95  HOH HOH A . 
G 6 HOH 22  322 41  HOH HOH A . 
G 6 HOH 23  323 21  HOH HOH A . 
G 6 HOH 24  324 77  HOH HOH A . 
G 6 HOH 25  325 59  HOH HOH A . 
G 6 HOH 26  326 36  HOH HOH A . 
G 6 HOH 27  327 80  HOH HOH A . 
G 6 HOH 28  328 76  HOH HOH A . 
G 6 HOH 29  329 67  HOH HOH A . 
G 6 HOH 30  330 56  HOH HOH A . 
G 6 HOH 31  331 16  HOH HOH A . 
G 6 HOH 32  332 50  HOH HOH A . 
G 6 HOH 33  333 20  HOH HOH A . 
G 6 HOH 34  334 64  HOH HOH A . 
G 6 HOH 35  335 27  HOH HOH A . 
G 6 HOH 36  336 69  HOH HOH A . 
G 6 HOH 37  337 63  HOH HOH A . 
G 6 HOH 38  338 73  HOH HOH A . 
G 6 HOH 39  339 14  HOH HOH A . 
G 6 HOH 40  340 88  HOH HOH A . 
G 6 HOH 41  341 87  HOH HOH A . 
G 6 HOH 42  342 58  HOH HOH A . 
G 6 HOH 43  343 81  HOH HOH A . 
G 6 HOH 44  344 3   HOH HOH A . 
G 6 HOH 45  345 79  HOH HOH A . 
G 6 HOH 46  346 96  HOH HOH A . 
G 6 HOH 47  347 86  HOH HOH A . 
G 6 HOH 48  348 101 HOH HOH A . 
G 6 HOH 49  349 10  HOH HOH A . 
G 6 HOH 50  350 15  HOH HOH A . 
G 6 HOH 51  351 61  HOH HOH A . 
G 6 HOH 52  352 53  HOH HOH A . 
G 6 HOH 53  353 12  HOH HOH A . 
G 6 HOH 54  354 52  HOH HOH A . 
G 6 HOH 55  355 32  HOH HOH A . 
G 6 HOH 56  356 5   HOH HOH A . 
G 6 HOH 57  357 84  HOH HOH A . 
G 6 HOH 58  358 105 HOH HOH A . 
G 6 HOH 59  359 48  HOH HOH A . 
G 6 HOH 60  360 49  HOH HOH A . 
G 6 HOH 61  361 110 HOH HOH A . 
G 6 HOH 62  362 116 HOH HOH A . 
G 6 HOH 63  363 26  HOH HOH A . 
G 6 HOH 64  364 66  HOH HOH A . 
G 6 HOH 65  365 54  HOH HOH A . 
G 6 HOH 66  366 65  HOH HOH A . 
G 6 HOH 67  367 102 HOH HOH A . 
G 6 HOH 68  368 37  HOH HOH A . 
G 6 HOH 69  369 30  HOH HOH A . 
G 6 HOH 70  370 9   HOH HOH A . 
G 6 HOH 71  371 42  HOH HOH A . 
G 6 HOH 72  372 93  HOH HOH A . 
G 6 HOH 73  373 60  HOH HOH A . 
G 6 HOH 74  374 92  HOH HOH A . 
G 6 HOH 75  375 19  HOH HOH A . 
G 6 HOH 76  376 91  HOH HOH A . 
G 6 HOH 77  377 71  HOH HOH A . 
G 6 HOH 78  378 24  HOH HOH A . 
G 6 HOH 79  379 31  HOH HOH A . 
G 6 HOH 80  380 44  HOH HOH A . 
G 6 HOH 81  381 107 HOH HOH A . 
G 6 HOH 82  382 90  HOH HOH A . 
G 6 HOH 83  383 25  HOH HOH A . 
G 6 HOH 84  384 68  HOH HOH A . 
G 6 HOH 85  385 78  HOH HOH A . 
G 6 HOH 86  386 85  HOH HOH A . 
G 6 HOH 87  387 82  HOH HOH A . 
G 6 HOH 88  388 112 HOH HOH A . 
G 6 HOH 89  389 74  HOH HOH A . 
G 6 HOH 90  390 118 HOH HOH A . 
G 6 HOH 91  391 62  HOH HOH A . 
G 6 HOH 92  392 29  HOH HOH A . 
G 6 HOH 93  393 119 HOH HOH A . 
G 6 HOH 94  394 115 HOH HOH A . 
G 6 HOH 95  395 47  HOH HOH A . 
G 6 HOH 96  396 89  HOH HOH A . 
G 6 HOH 97  397 108 HOH HOH A . 
G 6 HOH 98  398 46  HOH HOH A . 
G 6 HOH 99  399 111 HOH HOH A . 
G 6 HOH 100 400 109 HOH HOH A . 
G 6 HOH 101 401 23  HOH HOH A . 
G 6 HOH 102 402 72  HOH HOH A . 
G 6 HOH 103 403 28  HOH HOH A . 
G 6 HOH 104 404 103 HOH HOH A . 
G 6 HOH 105 405 106 HOH HOH A . 
G 6 HOH 106 406 57  HOH HOH A . 
G 6 HOH 107 407 114 HOH HOH A . 
G 6 HOH 108 408 51  HOH HOH A . 
G 6 HOH 109 409 83  HOH HOH A . 
G 6 HOH 110 410 94  HOH HOH A . 
G 6 HOH 111 411 117 HOH HOH A . 
# 
loop_
_software.citation_id 
_software.classification 
_software.compiler_name 
_software.compiler_version 
_software.contact_author 
_software.contact_author_email 
_software.date 
_software.description 
_software.dependencies 
_software.hardware 
_software.language 
_software.location 
_software.mods 
_software.name 
_software.os 
_software.os_version 
_software.type 
_software.version 
_software.pdbx_ordinal 
? refinement       ? ? ? ? ? ? ? ? ? ? ? BUSTER  ? ? ? 2.11.5 1 
? 'data reduction' ? ? ? ? ? ? ? ? ? ? ? XDS     ? ? ? .      2 
? 'data scaling'   ? ? ? ? ? ? ? ? ? ? ? Aimless ? ? ? .      3 
? phasing          ? ? ? ? ? ? ? ? ? ? ? PHASER  ? ? ? .      4 
# 
_cell.angle_alpha                  90 
_cell.angle_alpha_esd              ? 
_cell.angle_beta                   90 
_cell.angle_beta_esd               ? 
_cell.angle_gamma                  120 
_cell.angle_gamma_esd              ? 
_cell.entry_id                     7A1W 
_cell.details                      ? 
_cell.formula_units_Z              ? 
_cell.length_a                     38.55 
_cell.length_a_esd                 ? 
_cell.length_b                     38.55 
_cell.length_b_esd                 ? 
_cell.length_c                     186.07 
_cell.length_c_esd                 ? 
_cell.volume                       ? 
_cell.volume_esd                   ? 
_cell.Z_PDB                        6 
_cell.reciprocal_angle_alpha       ? 
_cell.reciprocal_angle_beta        ? 
_cell.reciprocal_angle_gamma       ? 
_cell.reciprocal_angle_alpha_esd   ? 
_cell.reciprocal_angle_beta_esd    ? 
_cell.reciprocal_angle_gamma_esd   ? 
_cell.reciprocal_length_a          ? 
_cell.reciprocal_length_b          ? 
_cell.reciprocal_length_c          ? 
_cell.reciprocal_length_a_esd      ? 
_cell.reciprocal_length_b_esd      ? 
_cell.reciprocal_length_c_esd      ? 
_cell.pdbx_unique_axis             ? 
# 
_symmetry.entry_id                         7A1W 
_symmetry.cell_setting                     ? 
_symmetry.Int_Tables_number                152 
_symmetry.space_group_name_Hall            ? 
_symmetry.space_group_name_H-M             'P 31 2 1' 
_symmetry.pdbx_full_space_group_name_H-M   ? 
# 
_exptl.absorpt_coefficient_mu     ? 
_exptl.absorpt_correction_T_max   ? 
_exptl.absorpt_correction_T_min   ? 
_exptl.absorpt_correction_type    ? 
_exptl.absorpt_process_details    ? 
_exptl.entry_id                   7A1W 
_exptl.crystals_number            1 
_exptl.details                    ? 
_exptl.method                     'X-RAY DIFFRACTION' 
_exptl.method_details             ? 
# 
_exptl_crystal.colour                      ? 
_exptl_crystal.density_diffrn              ? 
_exptl_crystal.density_Matthews            2.06 
_exptl_crystal.density_method              ? 
_exptl_crystal.density_percent_sol         40.29 
_exptl_crystal.description                 ? 
_exptl_crystal.F_000                       ? 
_exptl_crystal.id                          1 
_exptl_crystal.preparation                 ? 
_exptl_crystal.size_max                    ? 
_exptl_crystal.size_mid                    ? 
_exptl_crystal.size_min                    ? 
_exptl_crystal.size_rad                    ? 
_exptl_crystal.colour_lustre               ? 
_exptl_crystal.colour_modifier             ? 
_exptl_crystal.colour_primary              ? 
_exptl_crystal.density_meas                ? 
_exptl_crystal.density_meas_esd            ? 
_exptl_crystal.density_meas_gt             ? 
_exptl_crystal.density_meas_lt             ? 
_exptl_crystal.density_meas_temp           ? 
_exptl_crystal.density_meas_temp_esd       ? 
_exptl_crystal.density_meas_temp_gt        ? 
_exptl_crystal.density_meas_temp_lt        ? 
_exptl_crystal.pdbx_crystal_image_url      ? 
_exptl_crystal.pdbx_crystal_image_format   ? 
_exptl_crystal.pdbx_mosaicity              ? 
_exptl_crystal.pdbx_mosaicity_esd          ? 
# 
_exptl_crystal_grow.apparatus       ? 
_exptl_crystal_grow.atmosphere      ? 
_exptl_crystal_grow.crystal_id      1 
_exptl_crystal_grow.details         ? 
_exptl_crystal_grow.method          'VAPOR DIFFUSION, SITTING DROP' 
_exptl_crystal_grow.method_ref      ? 
_exptl_crystal_grow.pH              7 
_exptl_crystal_grow.pressure        ? 
_exptl_crystal_grow.pressure_esd    ? 
_exptl_crystal_grow.seeding         ? 
_exptl_crystal_grow.seeding_ref     ? 
_exptl_crystal_grow.temp            293 
_exptl_crystal_grow.temp_details    ? 
_exptl_crystal_grow.temp_esd        ? 
_exptl_crystal_grow.time            ? 
_exptl_crystal_grow.pdbx_details    'PEG 3350 20% - Na2HPO4 200mM - pH7' 
_exptl_crystal_grow.pdbx_pH_range   ? 
# 
_diffrn.ambient_environment              ? 
_diffrn.ambient_temp                     100 
_diffrn.ambient_temp_details             ? 
_diffrn.ambient_temp_esd                 ? 
_diffrn.crystal_id                       1 
_diffrn.crystal_support                  ? 
_diffrn.crystal_treatment                ? 
_diffrn.details                          ? 
_diffrn.id                               1 
_diffrn.ambient_pressure                 ? 
_diffrn.ambient_pressure_esd             ? 
_diffrn.ambient_pressure_gt              ? 
_diffrn.ambient_pressure_lt              ? 
_diffrn.ambient_temp_gt                  ? 
_diffrn.ambient_temp_lt                  ? 
_diffrn.pdbx_serial_crystal_experiment   N 
# 
_diffrn_detector.details                      ? 
_diffrn_detector.detector                     PIXEL 
_diffrn_detector.diffrn_id                    1 
_diffrn_detector.type                         'DECTRIS PILATUS 6M' 
_diffrn_detector.area_resol_mean              ? 
_diffrn_detector.dtime                        ? 
_diffrn_detector.pdbx_frames_total            ? 
_diffrn_detector.pdbx_collection_time_total   ? 
_diffrn_detector.pdbx_collection_date         2014-09-09 
_diffrn_detector.pdbx_frequency               ? 
# 
_diffrn_radiation.collimation                      ? 
_diffrn_radiation.diffrn_id                        1 
_diffrn_radiation.filter_edge                      ? 
_diffrn_radiation.inhomogeneity                    ? 
_diffrn_radiation.monochromator                    ? 
_diffrn_radiation.polarisn_norm                    ? 
_diffrn_radiation.polarisn_ratio                   ? 
_diffrn_radiation.probe                            ? 
_diffrn_radiation.type                             ? 
_diffrn_radiation.xray_symbol                      ? 
_diffrn_radiation.wavelength_id                    1 
_diffrn_radiation.pdbx_monochromatic_or_laue_m_l   M 
_diffrn_radiation.pdbx_wavelength_list             ? 
_diffrn_radiation.pdbx_wavelength                  ? 
_diffrn_radiation.pdbx_diffrn_protocol             'SINGLE WAVELENGTH' 
_diffrn_radiation.pdbx_analyzer                    ? 
_diffrn_radiation.pdbx_scattering_type             x-ray 
# 
_diffrn_radiation_wavelength.id           1 
_diffrn_radiation_wavelength.wavelength   0.97857 
_diffrn_radiation_wavelength.wt           1.0 
# 
_diffrn_source.current                     ? 
_diffrn_source.details                     ? 
_diffrn_source.diffrn_id                   1 
_diffrn_source.power                       ? 
_diffrn_source.size                        ? 
_diffrn_source.source                      SYNCHROTRON 
_diffrn_source.target                      ? 
_diffrn_source.type                        'SOLEIL BEAMLINE PROXIMA 1' 
_diffrn_source.voltage                     ? 
_diffrn_source.take-off_angle              ? 
_diffrn_source.pdbx_wavelength_list        0.97857 
_diffrn_source.pdbx_wavelength             ? 
_diffrn_source.pdbx_synchrotron_beamline   'PROXIMA 1' 
_diffrn_source.pdbx_synchrotron_site       SOLEIL 
# 
_reflns.B_iso_Wilson_estimate            ? 
_reflns.entry_id                         7A1W 
_reflns.data_reduction_details           ? 
_reflns.data_reduction_method            ? 
_reflns.d_resolution_high                1.76 
_reflns.d_resolution_low                 46.52 
_reflns.details                          ? 
_reflns.limit_h_max                      ? 
_reflns.limit_h_min                      ? 
_reflns.limit_k_max                      ? 
_reflns.limit_k_min                      ? 
_reflns.limit_l_max                      ? 
_reflns.limit_l_min                      ? 
_reflns.number_all                       ? 
_reflns.number_obs                       16891 
_reflns.observed_criterion               ? 
_reflns.observed_criterion_F_max         ? 
_reflns.observed_criterion_F_min         ? 
_reflns.observed_criterion_I_max         ? 
_reflns.observed_criterion_I_min         ? 
_reflns.observed_criterion_sigma_F       ? 
_reflns.observed_criterion_sigma_I       ? 
_reflns.percent_possible_obs             99.6 
_reflns.R_free_details                   ? 
_reflns.Rmerge_F_all                     ? 
_reflns.Rmerge_F_obs                     ? 
_reflns.Friedel_coverage                 ? 
_reflns.number_gt                        ? 
_reflns.threshold_expression             ? 
_reflns.pdbx_redundancy                  4.9 
_reflns.pdbx_Rmerge_I_obs                0.076 
_reflns.pdbx_Rmerge_I_all                ? 
_reflns.pdbx_Rsym_value                  ? 
_reflns.pdbx_netI_over_av_sigmaI         ? 
_reflns.pdbx_netI_over_sigmaI            11.7 
_reflns.pdbx_res_netI_over_av_sigmaI_2   ? 
_reflns.pdbx_res_netI_over_sigmaI_2      ? 
_reflns.pdbx_chi_squared                 ? 
_reflns.pdbx_scaling_rejects             ? 
_reflns.pdbx_d_res_high_opt              ? 
_reflns.pdbx_d_res_low_opt               ? 
_reflns.pdbx_d_res_opt_method            ? 
_reflns.phase_calculation_details        ? 
_reflns.pdbx_Rrim_I_all                  ? 
_reflns.pdbx_Rpim_I_all                  ? 
_reflns.pdbx_d_opt                       ? 
_reflns.pdbx_number_measured_all         ? 
_reflns.pdbx_diffrn_id                   1 
_reflns.pdbx_ordinal                     1 
_reflns.pdbx_CC_half                     ? 
_reflns.pdbx_CC_star                     ? 
_reflns.pdbx_R_split                     ? 
# 
_reflns_shell.d_res_high                  1.76 
_reflns_shell.d_res_low                   1.80 
_reflns_shell.meanI_over_sigI_all         ? 
_reflns_shell.meanI_over_sigI_obs         2.1 
_reflns_shell.number_measured_all         ? 
_reflns_shell.number_measured_obs         ? 
_reflns_shell.number_possible             ? 
_reflns_shell.number_unique_all           ? 
_reflns_shell.number_unique_obs           1138 
_reflns_shell.percent_possible_all        96.0 
_reflns_shell.percent_possible_obs        ? 
_reflns_shell.Rmerge_F_all                ? 
_reflns_shell.Rmerge_F_obs                ? 
_reflns_shell.Rmerge_I_all                ? 
_reflns_shell.Rmerge_I_obs                0.651 
_reflns_shell.meanI_over_sigI_gt          ? 
_reflns_shell.meanI_over_uI_all           ? 
_reflns_shell.meanI_over_uI_gt            ? 
_reflns_shell.number_measured_gt          ? 
_reflns_shell.number_unique_gt            ? 
_reflns_shell.percent_possible_gt         ? 
_reflns_shell.Rmerge_F_gt                 ? 
_reflns_shell.Rmerge_I_gt                 ? 
_reflns_shell.pdbx_redundancy             4.9 
_reflns_shell.pdbx_Rsym_value             ? 
_reflns_shell.pdbx_chi_squared            ? 
_reflns_shell.pdbx_netI_over_sigmaI_all   ? 
_reflns_shell.pdbx_netI_over_sigmaI_obs   ? 
_reflns_shell.pdbx_Rrim_I_all             ? 
_reflns_shell.pdbx_Rpim_I_all             ? 
_reflns_shell.pdbx_rejects                ? 
_reflns_shell.pdbx_ordinal                1 
_reflns_shell.pdbx_diffrn_id              1 
_reflns_shell.pdbx_CC_half                ? 
_reflns_shell.pdbx_CC_star                ? 
_reflns_shell.pdbx_R_split                ? 
# 
_refine.aniso_B[1][1]                            2.9267 
_refine.aniso_B[1][2]                            0 
_refine.aniso_B[1][3]                            0 
_refine.aniso_B[2][2]                            2.9267 
_refine.aniso_B[2][3]                            0 
_refine.aniso_B[3][3]                            -5.8534 
_refine.B_iso_max                                ? 
_refine.B_iso_mean                               26.5 
_refine.B_iso_min                                ? 
_refine.correlation_coeff_Fo_to_Fc               0.9382 
_refine.correlation_coeff_Fo_to_Fc_free          0.9181 
_refine.details                                  ? 
_refine.diff_density_max                         ? 
_refine.diff_density_max_esd                     ? 
_refine.diff_density_min                         ? 
_refine.diff_density_min_esd                     ? 
_refine.diff_density_rms                         ? 
_refine.diff_density_rms_esd                     ? 
_refine.entry_id                                 7A1W 
_refine.pdbx_refine_id                           'X-RAY DIFFRACTION' 
_refine.ls_abs_structure_details                 ? 
_refine.ls_abs_structure_Flack                   ? 
_refine.ls_abs_structure_Flack_esd               ? 
_refine.ls_abs_structure_Rogers                  ? 
_refine.ls_abs_structure_Rogers_esd              ? 
_refine.ls_d_res_high                            1.76 
_refine.ls_d_res_low                             33.39 
_refine.ls_extinction_coef                       ? 
_refine.ls_extinction_coef_esd                   ? 
_refine.ls_extinction_expression                 ? 
_refine.ls_extinction_method                     ? 
_refine.ls_goodness_of_fit_all                   ? 
_refine.ls_goodness_of_fit_all_esd               ? 
_refine.ls_goodness_of_fit_obs                   ? 
_refine.ls_goodness_of_fit_obs_esd               ? 
_refine.ls_hydrogen_treatment                    ? 
_refine.ls_matrix_type                           ? 
_refine.ls_number_constraints                    ? 
_refine.ls_number_parameters                     ? 
_refine.ls_number_reflns_all                     ? 
_refine.ls_number_reflns_obs                     16786 
_refine.ls_number_reflns_R_free                  840 
_refine.ls_number_reflns_R_work                  ? 
_refine.ls_number_restraints                     ? 
_refine.ls_percent_reflns_obs                    99.73 
_refine.ls_percent_reflns_R_free                 5.00 
_refine.ls_R_factor_all                          ? 
_refine.ls_R_factor_obs                          ? 
_refine.ls_R_factor_R_free                       0.2365 
_refine.ls_R_factor_R_free_error                 ? 
_refine.ls_R_factor_R_free_error_details         ? 
_refine.ls_R_factor_R_work                       0.2001 
_refine.ls_R_Fsqd_factor_obs                     ? 
_refine.ls_R_I_factor_obs                        ? 
_refine.ls_redundancy_reflns_all                 ? 
_refine.ls_redundancy_reflns_obs                 ? 
_refine.ls_restrained_S_all                      ? 
_refine.ls_restrained_S_obs                      ? 
_refine.ls_shift_over_esd_max                    ? 
_refine.ls_shift_over_esd_mean                   ? 
_refine.ls_structure_factor_coef                 ? 
_refine.ls_weighting_details                     ? 
_refine.ls_weighting_scheme                      ? 
_refine.ls_wR_factor_all                         ? 
_refine.ls_wR_factor_obs                         ? 
_refine.ls_wR_factor_R_free                      ? 
_refine.ls_wR_factor_R_work                      ? 
_refine.occupancy_max                            ? 
_refine.occupancy_min                            ? 
_refine.solvent_model_details                    ? 
_refine.solvent_model_param_bsol                 ? 
_refine.solvent_model_param_ksol                 ? 
_refine.pdbx_R_complete                          ? 
_refine.ls_R_factor_gt                           ? 
_refine.ls_goodness_of_fit_gt                    ? 
_refine.ls_goodness_of_fit_ref                   ? 
_refine.ls_shift_over_su_max                     ? 
_refine.ls_shift_over_su_max_lt                  ? 
_refine.ls_shift_over_su_mean                    ? 
_refine.ls_shift_over_su_mean_lt                 ? 
_refine.pdbx_ls_sigma_I                          ? 
_refine.pdbx_ls_sigma_F                          ? 
_refine.pdbx_ls_sigma_Fsqd                       ? 
_refine.pdbx_data_cutoff_high_absF               ? 
_refine.pdbx_data_cutoff_high_rms_absF           ? 
_refine.pdbx_data_cutoff_low_absF                ? 
_refine.pdbx_isotropic_thermal_model             ? 
_refine.pdbx_ls_cross_valid_method               THROUGHOUT 
_refine.pdbx_method_to_determine_struct          'MOLECULAR REPLACEMENT' 
_refine.pdbx_starting_model                      'internal model' 
_refine.pdbx_stereochemistry_target_values       ? 
_refine.pdbx_R_Free_selection_details            RANDOM 
_refine.pdbx_stereochem_target_val_spec_case     ? 
_refine.pdbx_overall_ESU_R                       ? 
_refine.pdbx_overall_ESU_R_Free                  ? 
_refine.pdbx_solvent_vdw_probe_radii             ? 
_refine.pdbx_solvent_ion_probe_radii             ? 
_refine.pdbx_solvent_shrinkage_radii             ? 
_refine.pdbx_real_space_R                        ? 
_refine.pdbx_density_correlation                 ? 
_refine.pdbx_pd_number_of_powder_patterns        ? 
_refine.pdbx_pd_number_of_points                 ? 
_refine.pdbx_pd_meas_number_of_points            ? 
_refine.pdbx_pd_proc_ls_prof_R_factor            ? 
_refine.pdbx_pd_proc_ls_prof_wR_factor           ? 
_refine.pdbx_pd_Marquardt_correlation_coeff      ? 
_refine.pdbx_pd_Fsqrd_R_factor                   ? 
_refine.pdbx_pd_ls_matrix_band_width             ? 
_refine.pdbx_overall_phase_error                 ? 
_refine.pdbx_overall_SU_R_free_Cruickshank_DPI   0.125 
_refine.pdbx_overall_SU_R_free_Blow_DPI          0.13 
_refine.pdbx_overall_SU_R_Blow_DPI               0.143 
_refine.pdbx_TLS_residual_ADP_flag               ? 
_refine.pdbx_diffrn_id                           1 
_refine.overall_SU_B                             ? 
_refine.overall_SU_ML                            ? 
_refine.overall_SU_R_Cruickshank_DPI             0.133 
_refine.overall_SU_R_free                        ? 
_refine.overall_FOM_free_R_set                   ? 
_refine.overall_FOM_work_R_set                   ? 
_refine.pdbx_average_fsc_overall                 ? 
_refine.pdbx_average_fsc_work                    ? 
_refine.pdbx_average_fsc_free                    ? 
# 
_refine_analyze.entry_id                        7A1W 
_refine_analyze.pdbx_refine_id                  'X-RAY DIFFRACTION' 
_refine_analyze.Luzzati_coordinate_error_free   ? 
_refine_analyze.Luzzati_coordinate_error_obs    0.22 
_refine_analyze.Luzzati_d_res_low_free          ? 
_refine_analyze.Luzzati_d_res_low_obs           ? 
_refine_analyze.Luzzati_sigma_a_free            ? 
_refine_analyze.Luzzati_sigma_a_free_details    ? 
_refine_analyze.Luzzati_sigma_a_obs             ? 
_refine_analyze.Luzzati_sigma_a_obs_details     ? 
_refine_analyze.number_disordered_residues      ? 
_refine_analyze.occupancy_sum_hydrogen          ? 
_refine_analyze.occupancy_sum_non_hydrogen      ? 
_refine_analyze.RG_d_res_high                   ? 
_refine_analyze.RG_d_res_low                    ? 
_refine_analyze.RG_free                         ? 
_refine_analyze.RG_work                         ? 
_refine_analyze.RG_free_work_ratio              ? 
_refine_analyze.pdbx_Luzzati_d_res_high_obs     ? 
# 
_refine_hist.pdbx_refine_id                   'X-RAY DIFFRACTION' 
_refine_hist.cycle_id                         LAST 
_refine_hist.details                          ? 
_refine_hist.d_res_high                       1.76 
_refine_hist.d_res_low                        33.39 
_refine_hist.number_atoms_solvent             111 
_refine_hist.number_atoms_total               1514 
_refine_hist.number_reflns_all                ? 
_refine_hist.number_reflns_obs                ? 
_refine_hist.number_reflns_R_free             ? 
_refine_hist.number_reflns_R_work             ? 
_refine_hist.R_factor_all                     ? 
_refine_hist.R_factor_obs                     ? 
_refine_hist.R_factor_R_free                  ? 
_refine_hist.R_factor_R_work                  ? 
_refine_hist.pdbx_number_residues_total       ? 
_refine_hist.pdbx_B_iso_mean_ligand           ? 
_refine_hist.pdbx_B_iso_mean_solvent          ? 
_refine_hist.pdbx_number_atoms_protein        1325 
_refine_hist.pdbx_number_atoms_nucleic_acid   0 
_refine_hist.pdbx_number_atoms_ligand         78 
_refine_hist.pdbx_number_atoms_lipid          ? 
_refine_hist.pdbx_number_atoms_carb           ? 
_refine_hist.pdbx_pseudo_atom_details         ? 
# 
loop_
_refine_ls_restr.pdbx_refine_id 
_refine_ls_restr.criterion 
_refine_ls_restr.dev_ideal 
_refine_ls_restr.dev_ideal_target 
_refine_ls_restr.number 
_refine_ls_restr.rejects 
_refine_ls_restr.type 
_refine_ls_restr.weight 
_refine_ls_restr.pdbx_restraint_function 
'X-RAY DIFFRACTION' ? 0.01  ? 1442 ? t_bond_d                  2  HARMONIC     
'X-RAY DIFFRACTION' ? 0.97  ? 1951 ? t_angle_deg               2  HARMONIC     
'X-RAY DIFFRACTION' ? ?     ? 525  ? t_dihedral_angle_d        2  SINUSOIDAL   
'X-RAY DIFFRACTION' ? ?     ? 40   ? t_trig_c_planes           2  HARMONIC     
'X-RAY DIFFRACTION' ? ?     ? 216  ? t_gen_planes              5  HARMONIC     
'X-RAY DIFFRACTION' ? ?     ? 1442 ? t_it                      20 HARMONIC     
'X-RAY DIFFRACTION' ? ?     ? 0    ? t_nbd                     5  SEMIHARMONIC 
'X-RAY DIFFRACTION' ? ?     ? 184  ? t_chiral_improper_torsion 5  SEMIHARMONIC 
'X-RAY DIFFRACTION' ? ?     ? 1793 ? t_ideal_dist_contact      4  SEMIHARMONIC 
'X-RAY DIFFRACTION' ? 3.31  ? ?    ? t_omega_torsion           ?  ?            
'X-RAY DIFFRACTION' ? 16.87 ? ?    ? t_other_torsion           ?  ?            
# 
_refine_ls_shell.pdbx_refine_id                   'X-RAY DIFFRACTION' 
_refine_ls_shell.d_res_high                       1.76 
_refine_ls_shell.d_res_low                        1.88 
_refine_ls_shell.number_reflns_all                ? 
_refine_ls_shell.number_reflns_obs                ? 
_refine_ls_shell.number_reflns_R_free             146 
_refine_ls_shell.number_reflns_R_work             2775 
_refine_ls_shell.percent_reflns_obs               99.7 
_refine_ls_shell.percent_reflns_R_free            5.00 
_refine_ls_shell.R_factor_all                     ? 
_refine_ls_shell.R_factor_obs                     ? 
_refine_ls_shell.R_factor_R_free                  0.3681 
_refine_ls_shell.R_factor_R_free_error            ? 
_refine_ls_shell.R_factor_R_work                  0.2617 
_refine_ls_shell.redundancy_reflns_all            ? 
_refine_ls_shell.redundancy_reflns_obs            ? 
_refine_ls_shell.wR_factor_all                    ? 
_refine_ls_shell.wR_factor_obs                    ? 
_refine_ls_shell.wR_factor_R_free                 ? 
_refine_ls_shell.wR_factor_R_work                 ? 
_refine_ls_shell.pdbx_R_complete                  ? 
_refine_ls_shell.pdbx_total_number_of_bins_used   ? 
_refine_ls_shell.pdbx_phase_error                 ? 
_refine_ls_shell.pdbx_fsc_work                    ? 
_refine_ls_shell.pdbx_fsc_free                    ? 
# 
_struct.entry_id                     7A1W 
_struct.title                        'KRASG12C GDP form in complex with Cpd3' 
_struct.pdbx_model_details           ? 
_struct.pdbx_formula_weight          ? 
_struct.pdbx_formula_weight_method   ? 
_struct.pdbx_model_type_details      ? 
_struct.pdbx_CASP_flag               N 
# 
_struct_keywords.entry_id        7A1W 
_struct_keywords.text            'inhibitor, mutant, ONCOPROTEIN' 
_struct_keywords.pdbx_keywords   ONCOPROTEIN 
# 
loop_
_struct_asym.id 
_struct_asym.pdbx_blank_PDB_chainid_flag 
_struct_asym.pdbx_modified 
_struct_asym.entity_id 
_struct_asym.details 
A N N 1 ? 
B N N 2 ? 
C N N 3 ? 
D N N 4 ? 
E N N 5 ? 
F N N 5 ? 
G N N 6 ? 
# 
_struct_ref.id                         1 
_struct_ref.db_name                    UNP 
_struct_ref.db_code                    RASK-2_HUMAN 
_struct_ref.pdbx_db_accession          P01116-2 
_struct_ref.pdbx_db_isoform            ? 
_struct_ref.entity_id                  1 
_struct_ref.pdbx_seq_one_letter_code   
;MTEYKLVVVGAGGVGKSALTIQLIQNHFVDEYDPTIEDSYRKQVVIDGETCLLDILDTAGQEEYSAMRDQYMRTGEGFLC
VFAINNTKSFEDIHHYREQIKRVKDSEDVPMVLVGNKCDLPSRTVDTKQAQDLARSYGIPFIETSAKTRQGVDDAFYTLV
REIRKHKEK
;
_struct_ref.pdbx_align_begin           1 
# 
_struct_ref_seq.align_id                      1 
_struct_ref_seq.ref_id                        1 
_struct_ref_seq.pdbx_PDB_id_code              7A1W 
_struct_ref_seq.pdbx_strand_id                A 
_struct_ref_seq.seq_align_beg                 2 
_struct_ref_seq.pdbx_seq_align_beg_ins_code   ? 
_struct_ref_seq.seq_align_end                 170 
_struct_ref_seq.pdbx_seq_align_end_ins_code   ? 
_struct_ref_seq.pdbx_db_accession             P01116-2 
_struct_ref_seq.db_align_beg                  1 
_struct_ref_seq.pdbx_db_align_beg_ins_code    ? 
_struct_ref_seq.db_align_end                  169 
_struct_ref_seq.pdbx_db_align_end_ins_code    ? 
_struct_ref_seq.pdbx_auth_seq_align_beg       1 
_struct_ref_seq.pdbx_auth_seq_align_end       169 
# 
loop_
_struct_ref_seq_dif.align_id 
_struct_ref_seq_dif.pdbx_pdb_id_code 
_struct_ref_seq_dif.mon_id 
_struct_ref_seq_dif.pdbx_pdb_strand_id 
_struct_ref_seq_dif.seq_num 
_struct_ref_seq_dif.pdbx_pdb_ins_code 
_struct_ref_seq_dif.pdbx_seq_db_name 
_struct_ref_seq_dif.pdbx_seq_db_accession_code 
_struct_ref_seq_dif.db_mon_id 
_struct_ref_seq_dif.pdbx_seq_db_seq_num 
_struct_ref_seq_dif.details 
_struct_ref_seq_dif.pdbx_auth_seq_num 
_struct_ref_seq_dif.pdbx_ordinal 
1 7A1W GLY A 1  ? UNP P01116-2 ?   ?  'expression tag'      0  1 
1 7A1W CYS A 13 ? UNP P01116-2 GLY 12 'engineered mutation' 12 2 
# 
_pdbx_struct_assembly.id                   1 
_pdbx_struct_assembly.details              author_and_software_defined_assembly 
_pdbx_struct_assembly.method_details       PISA 
_pdbx_struct_assembly.oligomeric_details   monomeric 
_pdbx_struct_assembly.oligomeric_count     1 
# 
loop_
_pdbx_struct_assembly_prop.biol_id 
_pdbx_struct_assembly_prop.type 
_pdbx_struct_assembly_prop.value 
_pdbx_struct_assembly_prop.details 
1 'ABSA (A^2)' 1120 ? 
1 MORE         -27  ? 
1 'SSA (A^2)'  8410 ? 
# 
_pdbx_struct_assembly_gen.assembly_id       1 
_pdbx_struct_assembly_gen.oper_expression   1 
_pdbx_struct_assembly_gen.asym_id_list      A,B,C,D,E,F,G 
# 
_pdbx_struct_assembly_auth_evidence.id                     1 
_pdbx_struct_assembly_auth_evidence.assembly_id            1 
_pdbx_struct_assembly_auth_evidence.experimental_support   none 
_pdbx_struct_assembly_auth_evidence.details                ? 
# 
_pdbx_struct_oper_list.id                   1 
_pdbx_struct_oper_list.type                 'identity operation' 
_pdbx_struct_oper_list.name                 1_555 
_pdbx_struct_oper_list.symmetry_operation   x,y,z 
_pdbx_struct_oper_list.matrix[1][1]         1.0000000000 
_pdbx_struct_oper_list.matrix[1][2]         0.0000000000 
_pdbx_struct_oper_list.matrix[1][3]         0.0000000000 
_pdbx_struct_oper_list.vector[1]            0.0000000000 
_pdbx_struct_oper_list.matrix[2][1]         0.0000000000 
_pdbx_struct_oper_list.matrix[2][2]         1.0000000000 
_pdbx_struct_oper_list.matrix[2][3]         0.0000000000 
_pdbx_struct_oper_list.vector[2]            0.0000000000 
_pdbx_struct_oper_list.matrix[3][1]         0.0000000000 
_pdbx_struct_oper_list.matrix[3][2]         0.0000000000 
_pdbx_struct_oper_list.matrix[3][3]         1.0000000000 
_pdbx_struct_oper_list.vector[3]            0.0000000000 
# 
loop_
_struct_conf.conf_type_id 
_struct_conf.id 
_struct_conf.pdbx_PDB_helix_id 
_struct_conf.beg_label_comp_id 
_struct_conf.beg_label_asym_id 
_struct_conf.beg_label_seq_id 
_struct_conf.pdbx_beg_PDB_ins_code 
_struct_conf.end_label_comp_id 
_struct_conf.end_label_asym_id 
_struct_conf.end_label_seq_id 
_struct_conf.pdbx_end_PDB_ins_code 
_struct_conf.beg_auth_comp_id 
_struct_conf.beg_auth_asym_id 
_struct_conf.beg_auth_seq_id 
_struct_conf.end_auth_comp_id 
_struct_conf.end_auth_asym_id 
_struct_conf.end_auth_seq_id 
_struct_conf.pdbx_PDB_helix_class 
_struct_conf.details 
_struct_conf.pdbx_PDB_helix_length 
HELX_P HELX_P1 AA1 GLY A 16  ? ASN A 27  ? GLY A 15  ASN A 26  1 ? 12 
HELX_P HELX_P2 AA2 TYR A 65  ? GLY A 76  ? TYR A 64  GLY A 75  1 ? 12 
HELX_P HELX_P3 AA3 ASN A 87  ? ASP A 93  ? ASN A 86  ASP A 92  1 ? 7  
HELX_P HELX_P4 AA4 ASP A 93  ? ASP A 106 ? ASP A 92  ASP A 105 1 ? 14 
HELX_P HELX_P5 AA5 ASP A 127 ? GLY A 139 ? ASP A 126 GLY A 138 1 ? 13 
HELX_P HELX_P6 AA6 GLY A 152 ? HIS A 167 ? GLY A 151 HIS A 166 1 ? 16 
# 
_struct_conf_type.id          HELX_P 
_struct_conf_type.criteria    ? 
_struct_conf_type.reference   ? 
# 
loop_
_struct_conn.id 
_struct_conn.conn_type_id 
_struct_conn.pdbx_leaving_atom_flag 
_struct_conn.pdbx_PDB_id 
_struct_conn.ptnr1_label_asym_id 
_struct_conn.ptnr1_label_comp_id 
_struct_conn.ptnr1_label_seq_id 
_struct_conn.ptnr1_label_atom_id 
_struct_conn.pdbx_ptnr1_label_alt_id 
_struct_conn.pdbx_ptnr1_PDB_ins_code 
_struct_conn.pdbx_ptnr1_standard_comp_id 
_struct_conn.ptnr1_symmetry 
_struct_conn.ptnr2_label_asym_id 
_struct_conn.ptnr2_label_comp_id 
_struct_conn.ptnr2_label_seq_id 
_struct_conn.ptnr2_label_atom_id 
_struct_conn.pdbx_ptnr2_label_alt_id 
_struct_conn.pdbx_ptnr2_PDB_ins_code 
_struct_conn.ptnr1_auth_asym_id 
_struct_conn.ptnr1_auth_comp_id 
_struct_conn.ptnr1_auth_seq_id 
_struct_conn.ptnr2_auth_asym_id 
_struct_conn.ptnr2_auth_comp_id 
_struct_conn.ptnr2_auth_seq_id 
_struct_conn.ptnr2_symmetry 
_struct_conn.pdbx_ptnr3_label_atom_id 
_struct_conn.pdbx_ptnr3_label_seq_id 
_struct_conn.pdbx_ptnr3_label_comp_id 
_struct_conn.pdbx_ptnr3_label_asym_id 
_struct_conn.pdbx_ptnr3_label_alt_id 
_struct_conn.pdbx_ptnr3_PDB_ins_code 
_struct_conn.details 
_struct_conn.pdbx_dist_value 
_struct_conn.pdbx_value_order 
_struct_conn.pdbx_role 
covale1 covale none ? A CYS 13  SG  ? ? ? 1_555 E QWK . C21 ? ? A CYS 12  A QWK 204 1_555 ? ? ? ? ? ? ? 1.764 ? ? 
covale2 covale none ? A CYS 119 SG  ? ? ? 1_555 F QWK . C21 ? ? A CYS 118 A QWK 205 1_555 ? ? ? ? ? ? ? 1.760 ? ? 
metalc1 metalc ?    ? A SER 18  OG  ? ? ? 1_555 C MG  . MG  ? ? A SER 17  A MG  202 1_555 ? ? ? ? ? ? ? 2.120 ? ? 
metalc2 metalc ?    ? B GDP .   O1B ? ? ? 1_555 C MG  . MG  ? ? A GDP 201 A MG  202 1_555 ? ? ? ? ? ? ? 2.052 ? ? 
metalc3 metalc ?    ? C MG  .   MG  ? ? ? 1_555 G HOH . O   ? ? A MG  202 A HOH 307 1_555 ? ? ? ? ? ? ? 2.060 ? ? 
metalc4 metalc ?    ? C MG  .   MG  ? ? ? 1_555 G HOH . O   ? ? A MG  202 A HOH 315 1_555 ? ? ? ? ? ? ? 2.102 ? ? 
metalc5 metalc ?    ? C MG  .   MG  ? ? ? 1_555 G HOH . O   ? ? A MG  202 A HOH 319 1_555 ? ? ? ? ? ? ? 2.246 ? ? 
metalc6 metalc ?    ? C MG  .   MG  ? ? ? 1_555 G HOH . O   ? ? A MG  202 A HOH 339 1_555 ? ? ? ? ? ? ? 2.167 ? ? 
# 
loop_
_struct_conn_type.id 
_struct_conn_type.criteria 
_struct_conn_type.reference 
covale ? ? 
metalc ? ? 
# 
loop_
_pdbx_struct_conn_angle.id 
_pdbx_struct_conn_angle.ptnr1_label_atom_id 
_pdbx_struct_conn_angle.ptnr1_label_alt_id 
_pdbx_struct_conn_angle.ptnr1_label_asym_id 
_pdbx_struct_conn_angle.ptnr1_label_comp_id 
_pdbx_struct_conn_angle.ptnr1_label_seq_id 
_pdbx_struct_conn_angle.ptnr1_auth_atom_id 
_pdbx_struct_conn_angle.ptnr1_auth_asym_id 
_pdbx_struct_conn_angle.ptnr1_auth_comp_id 
_pdbx_struct_conn_angle.ptnr1_auth_seq_id 
_pdbx_struct_conn_angle.ptnr1_PDB_ins_code 
_pdbx_struct_conn_angle.ptnr1_symmetry 
_pdbx_struct_conn_angle.ptnr2_label_atom_id 
_pdbx_struct_conn_angle.ptnr2_label_alt_id 
_pdbx_struct_conn_angle.ptnr2_label_asym_id 
_pdbx_struct_conn_angle.ptnr2_label_comp_id 
_pdbx_struct_conn_angle.ptnr2_label_seq_id 
_pdbx_struct_conn_angle.ptnr2_auth_atom_id 
_pdbx_struct_conn_angle.ptnr2_auth_asym_id 
_pdbx_struct_conn_angle.ptnr2_auth_comp_id 
_pdbx_struct_conn_angle.ptnr2_auth_seq_id 
_pdbx_struct_conn_angle.ptnr2_PDB_ins_code 
_pdbx_struct_conn_angle.ptnr2_symmetry 
_pdbx_struct_conn_angle.ptnr3_label_atom_id 
_pdbx_struct_conn_angle.ptnr3_label_alt_id 
_pdbx_struct_conn_angle.ptnr3_label_asym_id 
_pdbx_struct_conn_angle.ptnr3_label_comp_id 
_pdbx_struct_conn_angle.ptnr3_label_seq_id 
_pdbx_struct_conn_angle.ptnr3_auth_atom_id 
_pdbx_struct_conn_angle.ptnr3_auth_asym_id 
_pdbx_struct_conn_angle.ptnr3_auth_comp_id 
_pdbx_struct_conn_angle.ptnr3_auth_seq_id 
_pdbx_struct_conn_angle.ptnr3_PDB_ins_code 
_pdbx_struct_conn_angle.ptnr3_symmetry 
_pdbx_struct_conn_angle.value 
_pdbx_struct_conn_angle.value_esd 
1  OG  ? A SER 18 ? A SER 17  ? 1_555 MG ? C MG . ? A MG 202 ? 1_555 O1B ? B GDP . ? A GDP 201 ? 1_555 94.5  ? 
2  OG  ? A SER 18 ? A SER 17  ? 1_555 MG ? C MG . ? A MG 202 ? 1_555 O   ? G HOH . ? A HOH 307 ? 1_555 81.5  ? 
3  O1B ? B GDP .  ? A GDP 201 ? 1_555 MG ? C MG . ? A MG 202 ? 1_555 O   ? G HOH . ? A HOH 307 ? 1_555 95.0  ? 
4  OG  ? A SER 18 ? A SER 17  ? 1_555 MG ? C MG . ? A MG 202 ? 1_555 O   ? G HOH . ? A HOH 315 ? 1_555 91.0  ? 
5  O1B ? B GDP .  ? A GDP 201 ? 1_555 MG ? C MG . ? A MG 202 ? 1_555 O   ? G HOH . ? A HOH 315 ? 1_555 89.1  ? 
6  O   ? G HOH .  ? A HOH 307 ? 1_555 MG ? C MG . ? A MG 202 ? 1_555 O   ? G HOH . ? A HOH 315 ? 1_555 171.8 ? 
7  OG  ? A SER 18 ? A SER 17  ? 1_555 MG ? C MG . ? A MG 202 ? 1_555 O   ? G HOH . ? A HOH 319 ? 1_555 86.9  ? 
8  O1B ? B GDP .  ? A GDP 201 ? 1_555 MG ? C MG . ? A MG 202 ? 1_555 O   ? G HOH . ? A HOH 319 ? 1_555 174.9 ? 
9  O   ? G HOH .  ? A HOH 307 ? 1_555 MG ? C MG . ? A MG 202 ? 1_555 O   ? G HOH . ? A HOH 319 ? 1_555 90.1  ? 
10 O   ? G HOH .  ? A HOH 315 ? 1_555 MG ? C MG . ? A MG 202 ? 1_555 O   ? G HOH . ? A HOH 319 ? 1_555 86.0  ? 
11 OG  ? A SER 18 ? A SER 17  ? 1_555 MG ? C MG . ? A MG 202 ? 1_555 O   ? G HOH . ? A HOH 339 ? 1_555 169.1 ? 
12 O1B ? B GDP .  ? A GDP 201 ? 1_555 MG ? C MG . ? A MG 202 ? 1_555 O   ? G HOH . ? A HOH 339 ? 1_555 92.4  ? 
13 O   ? G HOH .  ? A HOH 307 ? 1_555 MG ? C MG . ? A MG 202 ? 1_555 O   ? G HOH . ? A HOH 339 ? 1_555 89.6  ? 
14 O   ? G HOH .  ? A HOH 315 ? 1_555 MG ? C MG . ? A MG 202 ? 1_555 O   ? G HOH . ? A HOH 339 ? 1_555 97.4  ? 
15 O   ? G HOH .  ? A HOH 319 ? 1_555 MG ? C MG . ? A MG 202 ? 1_555 O   ? G HOH . ? A HOH 339 ? 1_555 86.9  ? 
# 
loop_
_pdbx_modification_feature.ordinal 
_pdbx_modification_feature.label_comp_id 
_pdbx_modification_feature.label_asym_id 
_pdbx_modification_feature.label_seq_id 
_pdbx_modification_feature.label_alt_id 
_pdbx_modification_feature.modified_residue_label_comp_id 
_pdbx_modification_feature.modified_residue_label_asym_id 
_pdbx_modification_feature.modified_residue_label_seq_id 
_pdbx_modification_feature.modified_residue_label_alt_id 
_pdbx_modification_feature.auth_comp_id 
_pdbx_modification_feature.auth_asym_id 
_pdbx_modification_feature.auth_seq_id 
_pdbx_modification_feature.PDB_ins_code 
_pdbx_modification_feature.symmetry 
_pdbx_modification_feature.modified_residue_auth_comp_id 
_pdbx_modification_feature.modified_residue_auth_asym_id 
_pdbx_modification_feature.modified_residue_auth_seq_id 
_pdbx_modification_feature.modified_residue_PDB_ins_code 
_pdbx_modification_feature.modified_residue_symmetry 
_pdbx_modification_feature.comp_id_linking_atom 
_pdbx_modification_feature.modified_residue_id_linking_atom 
_pdbx_modification_feature.modified_residue_id 
_pdbx_modification_feature.ref_pcm_id 
_pdbx_modification_feature.ref_comp_id 
_pdbx_modification_feature.type 
_pdbx_modification_feature.category 
1 QWK E . ? CYS A 13  ? QWK A 204 ? 1_555 CYS A 12  ? 1_555 C21 SG CYS 1 QWK None 'Covalent chemical modification' 
2 QWK F . ? CYS A 119 ? QWK A 205 ? 1_555 CYS A 118 ? 1_555 C21 SG CYS 1 QWK None 'Covalent chemical modification' 
# 
_struct_sheet.id               AA1 
_struct_sheet.type             ? 
_struct_sheet.number_strands   6 
_struct_sheet.details          ? 
# 
loop_
_struct_sheet_order.sheet_id 
_struct_sheet_order.range_id_1 
_struct_sheet_order.range_id_2 
_struct_sheet_order.offset 
_struct_sheet_order.sense 
AA1 1 2 ? anti-parallel 
AA1 2 3 ? parallel      
AA1 3 4 ? parallel      
AA1 4 5 ? parallel      
AA1 5 6 ? parallel      
# 
loop_
_struct_sheet_range.sheet_id 
_struct_sheet_range.id 
_struct_sheet_range.beg_label_comp_id 
_struct_sheet_range.beg_label_asym_id 
_struct_sheet_range.beg_label_seq_id 
_struct_sheet_range.pdbx_beg_PDB_ins_code 
_struct_sheet_range.end_label_comp_id 
_struct_sheet_range.end_label_asym_id 
_struct_sheet_range.end_label_seq_id 
_struct_sheet_range.pdbx_end_PDB_ins_code 
_struct_sheet_range.beg_auth_comp_id 
_struct_sheet_range.beg_auth_asym_id 
_struct_sheet_range.beg_auth_seq_id 
_struct_sheet_range.end_auth_comp_id 
_struct_sheet_range.end_auth_asym_id 
_struct_sheet_range.end_auth_seq_id 
AA1 1 ASP A 39  ? ILE A 47  ? ASP A 38  ILE A 46  
AA1 2 GLU A 50  ? ASP A 58  ? GLU A 49  ASP A 57  
AA1 3 GLU A 4   ? VAL A 10  ? GLU A 3   VAL A 9   
AA1 4 GLY A 78  ? ALA A 84  ? GLY A 77  ALA A 83  
AA1 5 MET A 112 ? ASN A 117 ? MET A 111 ASN A 116 
AA1 6 PHE A 142 ? GLU A 144 ? PHE A 141 GLU A 143 
# 
loop_
_pdbx_struct_sheet_hbond.sheet_id 
_pdbx_struct_sheet_hbond.range_id_1 
_pdbx_struct_sheet_hbond.range_id_2 
_pdbx_struct_sheet_hbond.range_1_label_atom_id 
_pdbx_struct_sheet_hbond.range_1_label_comp_id 
_pdbx_struct_sheet_hbond.range_1_label_asym_id 
_pdbx_struct_sheet_hbond.range_1_label_seq_id 
_pdbx_struct_sheet_hbond.range_1_PDB_ins_code 
_pdbx_struct_sheet_hbond.range_1_auth_atom_id 
_pdbx_struct_sheet_hbond.range_1_auth_comp_id 
_pdbx_struct_sheet_hbond.range_1_auth_asym_id 
_pdbx_struct_sheet_hbond.range_1_auth_seq_id 
_pdbx_struct_sheet_hbond.range_2_label_atom_id 
_pdbx_struct_sheet_hbond.range_2_label_comp_id 
_pdbx_struct_sheet_hbond.range_2_label_asym_id 
_pdbx_struct_sheet_hbond.range_2_label_seq_id 
_pdbx_struct_sheet_hbond.range_2_PDB_ins_code 
_pdbx_struct_sheet_hbond.range_2_auth_atom_id 
_pdbx_struct_sheet_hbond.range_2_auth_comp_id 
_pdbx_struct_sheet_hbond.range_2_auth_asym_id 
_pdbx_struct_sheet_hbond.range_2_auth_seq_id 
AA1 1 2 N LYS A 43  ? N LYS A 42  O LEU A 54  ? O LEU A 53  
AA1 2 3 O LEU A 57  ? O LEU A 56  N LEU A 7   ? N LEU A 6   
AA1 3 4 N VAL A 10  ? N VAL A 9   O LEU A 80  ? O LEU A 79  
AA1 4 5 N CYS A 81  ? N CYS A 80  O VAL A 115 ? O VAL A 114 
AA1 5 6 N LEU A 114 ? N LEU A 113 O ILE A 143 ? O ILE A 142 
# 
_pdbx_entry_details.entry_id                   7A1W 
_pdbx_entry_details.nonpolymer_details         ? 
_pdbx_entry_details.sequence_details           ? 
_pdbx_entry_details.compound_details           ? 
_pdbx_entry_details.source_details             ? 
_pdbx_entry_details.has_ligand_of_interest     Y 
_pdbx_entry_details.has_protein_modification   Y 
# 
loop_
_pdbx_validate_torsion.id 
_pdbx_validate_torsion.PDB_model_num 
_pdbx_validate_torsion.auth_comp_id 
_pdbx_validate_torsion.auth_asym_id 
_pdbx_validate_torsion.auth_seq_id 
_pdbx_validate_torsion.PDB_ins_code 
_pdbx_validate_torsion.label_alt_id 
_pdbx_validate_torsion.phi 
_pdbx_validate_torsion.psi 
1 1 ASP A 33  ? ? -31.05 113.15 
2 1 ARG A 149 ? A 85.73  -11.89 
3 1 ARG A 149 ? B 79.19  -2.93  
# 
loop_
_pdbx_unobs_or_zero_occ_residues.id 
_pdbx_unobs_or_zero_occ_residues.PDB_model_num 
_pdbx_unobs_or_zero_occ_residues.polymer_flag 
_pdbx_unobs_or_zero_occ_residues.occupancy_flag 
_pdbx_unobs_or_zero_occ_residues.auth_asym_id 
_pdbx_unobs_or_zero_occ_residues.auth_comp_id 
_pdbx_unobs_or_zero_occ_residues.auth_seq_id 
_pdbx_unobs_or_zero_occ_residues.PDB_ins_code 
_pdbx_unobs_or_zero_occ_residues.label_asym_id 
_pdbx_unobs_or_zero_occ_residues.label_comp_id 
_pdbx_unobs_or_zero_occ_residues.label_seq_id 
1 1 Y 1 A GLY 0   ? A GLY 1   
2 1 Y 1 A LYS 167 ? A LYS 168 
3 1 Y 1 A GLU 168 ? A GLU 169 
4 1 Y 1 A LYS 169 ? A LYS 170 
# 
loop_
_chem_comp_atom.comp_id 
_chem_comp_atom.atom_id 
_chem_comp_atom.type_symbol 
_chem_comp_atom.pdbx_aromatic_flag 
_chem_comp_atom.pdbx_stereo_config 
_chem_comp_atom.pdbx_ordinal 
ALA N      N  N N 1   
ALA CA     C  N S 2   
ALA C      C  N N 3   
ALA O      O  N N 4   
ALA CB     C  N N 5   
ALA OXT    O  N N 6   
ALA H      H  N N 7   
ALA H2     H  N N 8   
ALA HA     H  N N 9   
ALA HB1    H  N N 10  
ALA HB2    H  N N 11  
ALA HB3    H  N N 12  
ALA HXT    H  N N 13  
ARG N      N  N N 14  
ARG CA     C  N S 15  
ARG C      C  N N 16  
ARG O      O  N N 17  
ARG CB     C  N N 18  
ARG CG     C  N N 19  
ARG CD     C  N N 20  
ARG NE     N  N N 21  
ARG CZ     C  N N 22  
ARG NH1    N  N N 23  
ARG NH2    N  N N 24  
ARG OXT    O  N N 25  
ARG H      H  N N 26  
ARG H2     H  N N 27  
ARG HA     H  N N 28  
ARG HB2    H  N N 29  
ARG HB3    H  N N 30  
ARG HG2    H  N N 31  
ARG HG3    H  N N 32  
ARG HD2    H  N N 33  
ARG HD3    H  N N 34  
ARG HE     H  N N 35  
ARG HH11   H  N N 36  
ARG HH12   H  N N 37  
ARG HH21   H  N N 38  
ARG HH22   H  N N 39  
ARG HXT    H  N N 40  
ASN N      N  N N 41  
ASN CA     C  N S 42  
ASN C      C  N N 43  
ASN O      O  N N 44  
ASN CB     C  N N 45  
ASN CG     C  N N 46  
ASN OD1    O  N N 47  
ASN ND2    N  N N 48  
ASN OXT    O  N N 49  
ASN H      H  N N 50  
ASN H2     H  N N 51  
ASN HA     H  N N 52  
ASN HB2    H  N N 53  
ASN HB3    H  N N 54  
ASN HD21   H  N N 55  
ASN HD22   H  N N 56  
ASN HXT    H  N N 57  
ASP N      N  N N 58  
ASP CA     C  N S 59  
ASP C      C  N N 60  
ASP O      O  N N 61  
ASP CB     C  N N 62  
ASP CG     C  N N 63  
ASP OD1    O  N N 64  
ASP OD2    O  N N 65  
ASP OXT    O  N N 66  
ASP H      H  N N 67  
ASP H2     H  N N 68  
ASP HA     H  N N 69  
ASP HB2    H  N N 70  
ASP HB3    H  N N 71  
ASP HD2    H  N N 72  
ASP HXT    H  N N 73  
CYS N      N  N N 74  
CYS CA     C  N R 75  
CYS C      C  N N 76  
CYS O      O  N N 77  
CYS CB     C  N N 78  
CYS SG     S  N N 79  
CYS OXT    O  N N 80  
CYS H      H  N N 81  
CYS H2     H  N N 82  
CYS HA     H  N N 83  
CYS HB2    H  N N 84  
CYS HB3    H  N N 85  
CYS HG     H  N N 86  
CYS HXT    H  N N 87  
GDP PB     P  N N 88  
GDP O1B    O  N N 89  
GDP O2B    O  N N 90  
GDP O3B    O  N N 91  
GDP O3A    O  N N 92  
GDP PA     P  N N 93  
GDP O1A    O  N N 94  
GDP O2A    O  N N 95  
GDP "O5'"  O  N N 96  
GDP "C5'"  C  N N 97  
GDP "C4'"  C  N R 98  
GDP "O4'"  O  N N 99  
GDP "C3'"  C  N S 100 
GDP "O3'"  O  N N 101 
GDP "C2'"  C  N R 102 
GDP "O2'"  O  N N 103 
GDP "C1'"  C  N R 104 
GDP N9     N  Y N 105 
GDP C8     C  Y N 106 
GDP N7     N  Y N 107 
GDP C5     C  Y N 108 
GDP C6     C  N N 109 
GDP O6     O  N N 110 
GDP N1     N  N N 111 
GDP C2     C  N N 112 
GDP N2     N  N N 113 
GDP N3     N  N N 114 
GDP C4     C  Y N 115 
GDP HOB2   H  N N 116 
GDP HOB3   H  N N 117 
GDP HOA2   H  N N 118 
GDP "H5'"  H  N N 119 
GDP "H5''" H  N N 120 
GDP "H4'"  H  N N 121 
GDP "H3'"  H  N N 122 
GDP "HO3'" H  N N 123 
GDP "H2'"  H  N N 124 
GDP "HO2'" H  N N 125 
GDP "H1'"  H  N N 126 
GDP H8     H  N N 127 
GDP HN1    H  N N 128 
GDP HN21   H  N N 129 
GDP HN22   H  N N 130 
GLN N      N  N N 131 
GLN CA     C  N S 132 
GLN C      C  N N 133 
GLN O      O  N N 134 
GLN CB     C  N N 135 
GLN CG     C  N N 136 
GLN CD     C  N N 137 
GLN OE1    O  N N 138 
GLN NE2    N  N N 139 
GLN OXT    O  N N 140 
GLN H      H  N N 141 
GLN H2     H  N N 142 
GLN HA     H  N N 143 
GLN HB2    H  N N 144 
GLN HB3    H  N N 145 
GLN HG2    H  N N 146 
GLN HG3    H  N N 147 
GLN HE21   H  N N 148 
GLN HE22   H  N N 149 
GLN HXT    H  N N 150 
GLU N      N  N N 151 
GLU CA     C  N S 152 
GLU C      C  N N 153 
GLU O      O  N N 154 
GLU CB     C  N N 155 
GLU CG     C  N N 156 
GLU CD     C  N N 157 
GLU OE1    O  N N 158 
GLU OE2    O  N N 159 
GLU OXT    O  N N 160 
GLU H      H  N N 161 
GLU H2     H  N N 162 
GLU HA     H  N N 163 
GLU HB2    H  N N 164 
GLU HB3    H  N N 165 
GLU HG2    H  N N 166 
GLU HG3    H  N N 167 
GLU HE2    H  N N 168 
GLU HXT    H  N N 169 
GLY N      N  N N 170 
GLY CA     C  N N 171 
GLY C      C  N N 172 
GLY O      O  N N 173 
GLY OXT    O  N N 174 
GLY H      H  N N 175 
GLY H2     H  N N 176 
GLY HA2    H  N N 177 
GLY HA3    H  N N 178 
GLY HXT    H  N N 179 
HIS N      N  N N 180 
HIS CA     C  N S 181 
HIS C      C  N N 182 
HIS O      O  N N 183 
HIS CB     C  N N 184 
HIS CG     C  Y N 185 
HIS ND1    N  Y N 186 
HIS CD2    C  Y N 187 
HIS CE1    C  Y N 188 
HIS NE2    N  Y N 189 
HIS OXT    O  N N 190 
HIS H      H  N N 191 
HIS H2     H  N N 192 
HIS HA     H  N N 193 
HIS HB2    H  N N 194 
HIS HB3    H  N N 195 
HIS HD1    H  N N 196 
HIS HD2    H  N N 197 
HIS HE1    H  N N 198 
HIS HE2    H  N N 199 
HIS HXT    H  N N 200 
HOH O      O  N N 201 
HOH H1     H  N N 202 
HOH H2     H  N N 203 
ILE N      N  N N 204 
ILE CA     C  N S 205 
ILE C      C  N N 206 
ILE O      O  N N 207 
ILE CB     C  N S 208 
ILE CG1    C  N N 209 
ILE CG2    C  N N 210 
ILE CD1    C  N N 211 
ILE OXT    O  N N 212 
ILE H      H  N N 213 
ILE H2     H  N N 214 
ILE HA     H  N N 215 
ILE HB     H  N N 216 
ILE HG12   H  N N 217 
ILE HG13   H  N N 218 
ILE HG21   H  N N 219 
ILE HG22   H  N N 220 
ILE HG23   H  N N 221 
ILE HD11   H  N N 222 
ILE HD12   H  N N 223 
ILE HD13   H  N N 224 
ILE HXT    H  N N 225 
LEU N      N  N N 226 
LEU CA     C  N S 227 
LEU C      C  N N 228 
LEU O      O  N N 229 
LEU CB     C  N N 230 
LEU CG     C  N N 231 
LEU CD1    C  N N 232 
LEU CD2    C  N N 233 
LEU OXT    O  N N 234 
LEU H      H  N N 235 
LEU H2     H  N N 236 
LEU HA     H  N N 237 
LEU HB2    H  N N 238 
LEU HB3    H  N N 239 
LEU HG     H  N N 240 
LEU HD11   H  N N 241 
LEU HD12   H  N N 242 
LEU HD13   H  N N 243 
LEU HD21   H  N N 244 
LEU HD22   H  N N 245 
LEU HD23   H  N N 246 
LEU HXT    H  N N 247 
LYS N      N  N N 248 
LYS CA     C  N S 249 
LYS C      C  N N 250 
LYS O      O  N N 251 
LYS CB     C  N N 252 
LYS CG     C  N N 253 
LYS CD     C  N N 254 
LYS CE     C  N N 255 
LYS NZ     N  N N 256 
LYS OXT    O  N N 257 
LYS H      H  N N 258 
LYS H2     H  N N 259 
LYS HA     H  N N 260 
LYS HB2    H  N N 261 
LYS HB3    H  N N 262 
LYS HG2    H  N N 263 
LYS HG3    H  N N 264 
LYS HD2    H  N N 265 
LYS HD3    H  N N 266 
LYS HE2    H  N N 267 
LYS HE3    H  N N 268 
LYS HZ1    H  N N 269 
LYS HZ2    H  N N 270 
LYS HZ3    H  N N 271 
LYS HXT    H  N N 272 
MET N      N  N N 273 
MET CA     C  N S 274 
MET C      C  N N 275 
MET O      O  N N 276 
MET CB     C  N N 277 
MET CG     C  N N 278 
MET SD     S  N N 279 
MET CE     C  N N 280 
MET OXT    O  N N 281 
MET H      H  N N 282 
MET H2     H  N N 283 
MET HA     H  N N 284 
MET HB2    H  N N 285 
MET HB3    H  N N 286 
MET HG2    H  N N 287 
MET HG3    H  N N 288 
MET HE1    H  N N 289 
MET HE2    H  N N 290 
MET HE3    H  N N 291 
MET HXT    H  N N 292 
MG  MG     MG N N 293 
PHE N      N  N N 294 
PHE CA     C  N S 295 
PHE C      C  N N 296 
PHE O      O  N N 297 
PHE CB     C  N N 298 
PHE CG     C  Y N 299 
PHE CD1    C  Y N 300 
PHE CD2    C  Y N 301 
PHE CE1    C  Y N 302 
PHE CE2    C  Y N 303 
PHE CZ     C  Y N 304 
PHE OXT    O  N N 305 
PHE H      H  N N 306 
PHE H2     H  N N 307 
PHE HA     H  N N 308 
PHE HB2    H  N N 309 
PHE HB3    H  N N 310 
PHE HD1    H  N N 311 
PHE HD2    H  N N 312 
PHE HE1    H  N N 313 
PHE HE2    H  N N 314 
PHE HZ     H  N N 315 
PHE HXT    H  N N 316 
PO4 P      P  N N 317 
PO4 O1     O  N N 318 
PO4 O2     O  N N 319 
PO4 O3     O  N N 320 
PO4 O4     O  N N 321 
PRO N      N  N N 322 
PRO CA     C  N S 323 
PRO C      C  N N 324 
PRO O      O  N N 325 
PRO CB     C  N N 326 
PRO CG     C  N N 327 
PRO CD     C  N N 328 
PRO OXT    O  N N 329 
PRO H      H  N N 330 
PRO HA     H  N N 331 
PRO HB2    H  N N 332 
PRO HB3    H  N N 333 
PRO HG2    H  N N 334 
PRO HG3    H  N N 335 
PRO HD2    H  N N 336 
PRO HD3    H  N N 337 
PRO HXT    H  N N 338 
QWK C2     C  Y N 339 
QWK C8     C  N N 340 
QWK C9     C  Y N 341 
QWK C10    C  Y N 342 
QWK C11    C  Y N 343 
QWK C12    C  Y N 344 
QWK C13    C  Y N 345 
QWK C14    C  Y N 346 
QWK C15    C  N N 347 
QWK C16    C  N N 348 
QWK N18    N  Y N 349 
QWK C19    C  N N 350 
QWK C20    C  N N 351 
QWK C21    C  N N 352 
QWK N1     N  N N 353 
QWK N3     N  Y N 354 
QWK C4     C  Y N 355 
QWK C5     C  Y N 356 
QWK C6     C  N N 357 
QWK N7     N  N N 358 
QWK C17    C  Y N 359 
QWK O22    O  N N 360 
QWK H1     H  N N 361 
QWK H2     H  N N 362 
QWK H3     H  N N 363 
QWK H4     H  N N 364 
QWK H5     H  N N 365 
QWK H6     H  N N 366 
QWK H7     H  N N 367 
QWK H8     H  N N 368 
QWK H9     H  N N 369 
QWK H10    H  N N 370 
QWK H11    H  N N 371 
QWK H12    H  N N 372 
QWK H13    H  N N 373 
QWK H14    H  N N 374 
QWK H15    H  N N 375 
QWK H16    H  N N 376 
QWK H17    H  N N 377 
QWK H18    H  N N 378 
QWK H19    H  N N 379 
QWK H20    H  N N 380 
SER N      N  N N 381 
SER CA     C  N S 382 
SER C      C  N N 383 
SER O      O  N N 384 
SER CB     C  N N 385 
SER OG     O  N N 386 
SER OXT    O  N N 387 
SER H      H  N N 388 
SER H2     H  N N 389 
SER HA     H  N N 390 
SER HB2    H  N N 391 
SER HB3    H  N N 392 
SER HG     H  N N 393 
SER HXT    H  N N 394 
THR N      N  N N 395 
THR CA     C  N S 396 
THR C      C  N N 397 
THR O      O  N N 398 
THR CB     C  N R 399 
THR OG1    O  N N 400 
THR CG2    C  N N 401 
THR OXT    O  N N 402 
THR H      H  N N 403 
THR H2     H  N N 404 
THR HA     H  N N 405 
THR HB     H  N N 406 
THR HG1    H  N N 407 
THR HG21   H  N N 408 
THR HG22   H  N N 409 
THR HG23   H  N N 410 
THR HXT    H  N N 411 
TYR N      N  N N 412 
TYR CA     C  N S 413 
TYR C      C  N N 414 
TYR O      O  N N 415 
TYR CB     C  N N 416 
TYR CG     C  Y N 417 
TYR CD1    C  Y N 418 
TYR CD2    C  Y N 419 
TYR CE1    C  Y N 420 
TYR CE2    C  Y N 421 
TYR CZ     C  Y N 422 
TYR OH     O  N N 423 
TYR OXT    O  N N 424 
TYR H      H  N N 425 
TYR H2     H  N N 426 
TYR HA     H  N N 427 
TYR HB2    H  N N 428 
TYR HB3    H  N N 429 
TYR HD1    H  N N 430 
TYR HD2    H  N N 431 
TYR HE1    H  N N 432 
TYR HE2    H  N N 433 
TYR HH     H  N N 434 
TYR HXT    H  N N 435 
VAL N      N  N N 436 
VAL CA     C  N S 437 
VAL C      C  N N 438 
VAL O      O  N N 439 
VAL CB     C  N N 440 
VAL CG1    C  N N 441 
VAL CG2    C  N N 442 
VAL OXT    O  N N 443 
VAL H      H  N N 444 
VAL H2     H  N N 445 
VAL HA     H  N N 446 
VAL HB     H  N N 447 
VAL HG11   H  N N 448 
VAL HG12   H  N N 449 
VAL HG13   H  N N 450 
VAL HG21   H  N N 451 
VAL HG22   H  N N 452 
VAL HG23   H  N N 453 
VAL HXT    H  N N 454 
# 
loop_
_chem_comp_bond.comp_id 
_chem_comp_bond.atom_id_1 
_chem_comp_bond.atom_id_2 
_chem_comp_bond.value_order 
_chem_comp_bond.pdbx_aromatic_flag 
_chem_comp_bond.pdbx_stereo_config 
_chem_comp_bond.pdbx_ordinal 
ALA N     CA     sing N N 1   
ALA N     H      sing N N 2   
ALA N     H2     sing N N 3   
ALA CA    C      sing N N 4   
ALA CA    CB     sing N N 5   
ALA CA    HA     sing N N 6   
ALA C     O      doub N N 7   
ALA C     OXT    sing N N 8   
ALA CB    HB1    sing N N 9   
ALA CB    HB2    sing N N 10  
ALA CB    HB3    sing N N 11  
ALA OXT   HXT    sing N N 12  
ARG N     CA     sing N N 13  
ARG N     H      sing N N 14  
ARG N     H2     sing N N 15  
ARG CA    C      sing N N 16  
ARG CA    CB     sing N N 17  
ARG CA    HA     sing N N 18  
ARG C     O      doub N N 19  
ARG C     OXT    sing N N 20  
ARG CB    CG     sing N N 21  
ARG CB    HB2    sing N N 22  
ARG CB    HB3    sing N N 23  
ARG CG    CD     sing N N 24  
ARG CG    HG2    sing N N 25  
ARG CG    HG3    sing N N 26  
ARG CD    NE     sing N N 27  
ARG CD    HD2    sing N N 28  
ARG CD    HD3    sing N N 29  
ARG NE    CZ     sing N N 30  
ARG NE    HE     sing N N 31  
ARG CZ    NH1    sing N N 32  
ARG CZ    NH2    doub N N 33  
ARG NH1   HH11   sing N N 34  
ARG NH1   HH12   sing N N 35  
ARG NH2   HH21   sing N N 36  
ARG NH2   HH22   sing N N 37  
ARG OXT   HXT    sing N N 38  
ASN N     CA     sing N N 39  
ASN N     H      sing N N 40  
ASN N     H2     sing N N 41  
ASN CA    C      sing N N 42  
ASN CA    CB     sing N N 43  
ASN CA    HA     sing N N 44  
ASN C     O      doub N N 45  
ASN C     OXT    sing N N 46  
ASN CB    CG     sing N N 47  
ASN CB    HB2    sing N N 48  
ASN CB    HB3    sing N N 49  
ASN CG    OD1    doub N N 50  
ASN CG    ND2    sing N N 51  
ASN ND2   HD21   sing N N 52  
ASN ND2   HD22   sing N N 53  
ASN OXT   HXT    sing N N 54  
ASP N     CA     sing N N 55  
ASP N     H      sing N N 56  
ASP N     H2     sing N N 57  
ASP CA    C      sing N N 58  
ASP CA    CB     sing N N 59  
ASP CA    HA     sing N N 60  
ASP C     O      doub N N 61  
ASP C     OXT    sing N N 62  
ASP CB    CG     sing N N 63  
ASP CB    HB2    sing N N 64  
ASP CB    HB3    sing N N 65  
ASP CG    OD1    doub N N 66  
ASP CG    OD2    sing N N 67  
ASP OD2   HD2    sing N N 68  
ASP OXT   HXT    sing N N 69  
CYS N     CA     sing N N 70  
CYS N     H      sing N N 71  
CYS N     H2     sing N N 72  
CYS CA    C      sing N N 73  
CYS CA    CB     sing N N 74  
CYS CA    HA     sing N N 75  
CYS C     O      doub N N 76  
CYS C     OXT    sing N N 77  
CYS CB    SG     sing N N 78  
CYS CB    HB2    sing N N 79  
CYS CB    HB3    sing N N 80  
CYS SG    HG     sing N N 81  
CYS OXT   HXT    sing N N 82  
GDP PB    O1B    doub N N 83  
GDP PB    O2B    sing N N 84  
GDP PB    O3B    sing N N 85  
GDP PB    O3A    sing N N 86  
GDP O2B   HOB2   sing N N 87  
GDP O3B   HOB3   sing N N 88  
GDP O3A   PA     sing N N 89  
GDP PA    O1A    doub N N 90  
GDP PA    O2A    sing N N 91  
GDP PA    "O5'"  sing N N 92  
GDP O2A   HOA2   sing N N 93  
GDP "O5'" "C5'"  sing N N 94  
GDP "C5'" "C4'"  sing N N 95  
GDP "C5'" "H5'"  sing N N 96  
GDP "C5'" "H5''" sing N N 97  
GDP "C4'" "O4'"  sing N N 98  
GDP "C4'" "C3'"  sing N N 99  
GDP "C4'" "H4'"  sing N N 100 
GDP "O4'" "C1'"  sing N N 101 
GDP "C3'" "O3'"  sing N N 102 
GDP "C3'" "C2'"  sing N N 103 
GDP "C3'" "H3'"  sing N N 104 
GDP "O3'" "HO3'" sing N N 105 
GDP "C2'" "O2'"  sing N N 106 
GDP "C2'" "C1'"  sing N N 107 
GDP "C2'" "H2'"  sing N N 108 
GDP "O2'" "HO2'" sing N N 109 
GDP "C1'" N9     sing N N 110 
GDP "C1'" "H1'"  sing N N 111 
GDP N9    C8     sing Y N 112 
GDP N9    C4     sing Y N 113 
GDP C8    N7     doub Y N 114 
GDP C8    H8     sing N N 115 
GDP N7    C5     sing Y N 116 
GDP C5    C6     sing N N 117 
GDP C5    C4     doub Y N 118 
GDP C6    O6     doub N N 119 
GDP C6    N1     sing N N 120 
GDP N1    C2     sing N N 121 
GDP N1    HN1    sing N N 122 
GDP C2    N2     sing N N 123 
GDP C2    N3     doub N N 124 
GDP N2    HN21   sing N N 125 
GDP N2    HN22   sing N N 126 
GDP N3    C4     sing N N 127 
GLN N     CA     sing N N 128 
GLN N     H      sing N N 129 
GLN N     H2     sing N N 130 
GLN CA    C      sing N N 131 
GLN CA    CB     sing N N 132 
GLN CA    HA     sing N N 133 
GLN C     O      doub N N 134 
GLN C     OXT    sing N N 135 
GLN CB    CG     sing N N 136 
GLN CB    HB2    sing N N 137 
GLN CB    HB3    sing N N 138 
GLN CG    CD     sing N N 139 
GLN CG    HG2    sing N N 140 
GLN CG    HG3    sing N N 141 
GLN CD    OE1    doub N N 142 
GLN CD    NE2    sing N N 143 
GLN NE2   HE21   sing N N 144 
GLN NE2   HE22   sing N N 145 
GLN OXT   HXT    sing N N 146 
GLU N     CA     sing N N 147 
GLU N     H      sing N N 148 
GLU N     H2     sing N N 149 
GLU CA    C      sing N N 150 
GLU CA    CB     sing N N 151 
GLU CA    HA     sing N N 152 
GLU C     O      doub N N 153 
GLU C     OXT    sing N N 154 
GLU CB    CG     sing N N 155 
GLU CB    HB2    sing N N 156 
GLU CB    HB3    sing N N 157 
GLU CG    CD     sing N N 158 
GLU CG    HG2    sing N N 159 
GLU CG    HG3    sing N N 160 
GLU CD    OE1    doub N N 161 
GLU CD    OE2    sing N N 162 
GLU OE2   HE2    sing N N 163 
GLU OXT   HXT    sing N N 164 
GLY N     CA     sing N N 165 
GLY N     H      sing N N 166 
GLY N     H2     sing N N 167 
GLY CA    C      sing N N 168 
GLY CA    HA2    sing N N 169 
GLY CA    HA3    sing N N 170 
GLY C     O      doub N N 171 
GLY C     OXT    sing N N 172 
GLY OXT   HXT    sing N N 173 
HIS N     CA     sing N N 174 
HIS N     H      sing N N 175 
HIS N     H2     sing N N 176 
HIS CA    C      sing N N 177 
HIS CA    CB     sing N N 178 
HIS CA    HA     sing N N 179 
HIS C     O      doub N N 180 
HIS C     OXT    sing N N 181 
HIS CB    CG     sing N N 182 
HIS CB    HB2    sing N N 183 
HIS CB    HB3    sing N N 184 
HIS CG    ND1    sing Y N 185 
HIS CG    CD2    doub Y N 186 
HIS ND1   CE1    doub Y N 187 
HIS ND1   HD1    sing N N 188 
HIS CD2   NE2    sing Y N 189 
HIS CD2   HD2    sing N N 190 
HIS CE1   NE2    sing Y N 191 
HIS CE1   HE1    sing N N 192 
HIS NE2   HE2    sing N N 193 
HIS OXT   HXT    sing N N 194 
HOH O     H1     sing N N 195 
HOH O     H2     sing N N 196 
ILE N     CA     sing N N 197 
ILE N     H      sing N N 198 
ILE N     H2     sing N N 199 
ILE CA    C      sing N N 200 
ILE CA    CB     sing N N 201 
ILE CA    HA     sing N N 202 
ILE C     O      doub N N 203 
ILE C     OXT    sing N N 204 
ILE CB    CG1    sing N N 205 
ILE CB    CG2    sing N N 206 
ILE CB    HB     sing N N 207 
ILE CG1   CD1    sing N N 208 
ILE CG1   HG12   sing N N 209 
ILE CG1   HG13   sing N N 210 
ILE CG2   HG21   sing N N 211 
ILE CG2   HG22   sing N N 212 
ILE CG2   HG23   sing N N 213 
ILE CD1   HD11   sing N N 214 
ILE CD1   HD12   sing N N 215 
ILE CD1   HD13   sing N N 216 
ILE OXT   HXT    sing N N 217 
LEU N     CA     sing N N 218 
LEU N     H      sing N N 219 
LEU N     H2     sing N N 220 
LEU CA    C      sing N N 221 
LEU CA    CB     sing N N 222 
LEU CA    HA     sing N N 223 
LEU C     O      doub N N 224 
LEU C     OXT    sing N N 225 
LEU CB    CG     sing N N 226 
LEU CB    HB2    sing N N 227 
LEU CB    HB3    sing N N 228 
LEU CG    CD1    sing N N 229 
LEU CG    CD2    sing N N 230 
LEU CG    HG     sing N N 231 
LEU CD1   HD11   sing N N 232 
LEU CD1   HD12   sing N N 233 
LEU CD1   HD13   sing N N 234 
LEU CD2   HD21   sing N N 235 
LEU CD2   HD22   sing N N 236 
LEU CD2   HD23   sing N N 237 
LEU OXT   HXT    sing N N 238 
LYS N     CA     sing N N 239 
LYS N     H      sing N N 240 
LYS N     H2     sing N N 241 
LYS CA    C      sing N N 242 
LYS CA    CB     sing N N 243 
LYS CA    HA     sing N N 244 
LYS C     O      doub N N 245 
LYS C     OXT    sing N N 246 
LYS CB    CG     sing N N 247 
LYS CB    HB2    sing N N 248 
LYS CB    HB3    sing N N 249 
LYS CG    CD     sing N N 250 
LYS CG    HG2    sing N N 251 
LYS CG    HG3    sing N N 252 
LYS CD    CE     sing N N 253 
LYS CD    HD2    sing N N 254 
LYS CD    HD3    sing N N 255 
LYS CE    NZ     sing N N 256 
LYS CE    HE2    sing N N 257 
LYS CE    HE3    sing N N 258 
LYS NZ    HZ1    sing N N 259 
LYS NZ    HZ2    sing N N 260 
LYS NZ    HZ3    sing N N 261 
LYS OXT   HXT    sing N N 262 
MET N     CA     sing N N 263 
MET N     H      sing N N 264 
MET N     H2     sing N N 265 
MET CA    C      sing N N 266 
MET CA    CB     sing N N 267 
MET CA    HA     sing N N 268 
MET C     O      doub N N 269 
MET C     OXT    sing N N 270 
MET CB    CG     sing N N 271 
MET CB    HB2    sing N N 272 
MET CB    HB3    sing N N 273 
MET CG    SD     sing N N 274 
MET CG    HG2    sing N N 275 
MET CG    HG3    sing N N 276 
MET SD    CE     sing N N 277 
MET CE    HE1    sing N N 278 
MET CE    HE2    sing N N 279 
MET CE    HE3    sing N N 280 
MET OXT   HXT    sing N N 281 
PHE N     CA     sing N N 282 
PHE N     H      sing N N 283 
PHE N     H2     sing N N 284 
PHE CA    C      sing N N 285 
PHE CA    CB     sing N N 286 
PHE CA    HA     sing N N 287 
PHE C     O      doub N N 288 
PHE C     OXT    sing N N 289 
PHE CB    CG     sing N N 290 
PHE CB    HB2    sing N N 291 
PHE CB    HB3    sing N N 292 
PHE CG    CD1    doub Y N 293 
PHE CG    CD2    sing Y N 294 
PHE CD1   CE1    sing Y N 295 
PHE CD1   HD1    sing N N 296 
PHE CD2   CE2    doub Y N 297 
PHE CD2   HD2    sing N N 298 
PHE CE1   CZ     doub Y N 299 
PHE CE1   HE1    sing N N 300 
PHE CE2   CZ     sing Y N 301 
PHE CE2   HE2    sing N N 302 
PHE CZ    HZ     sing N N 303 
PHE OXT   HXT    sing N N 304 
PO4 P     O1     doub N N 305 
PO4 P     O2     sing N N 306 
PO4 P     O3     sing N N 307 
PO4 P     O4     sing N N 308 
PRO N     CA     sing N N 309 
PRO N     CD     sing N N 310 
PRO N     H      sing N N 311 
PRO CA    C      sing N N 312 
PRO CA    CB     sing N N 313 
PRO CA    HA     sing N N 314 
PRO C     O      doub N N 315 
PRO C     OXT    sing N N 316 
PRO CB    CG     sing N N 317 
PRO CB    HB2    sing N N 318 
PRO CB    HB3    sing N N 319 
PRO CG    CD     sing N N 320 
PRO CG    HG2    sing N N 321 
PRO CG    HG3    sing N N 322 
PRO CD    HD2    sing N N 323 
PRO CD    HD3    sing N N 324 
PRO OXT   HXT    sing N N 325 
QWK C15   C16    sing N N 326 
QWK C15   N7     sing N N 327 
QWK C8    N7     sing N N 328 
QWK C8    C9     sing N N 329 
QWK C6    C5     sing N N 330 
QWK C6    N7     sing N N 331 
QWK C14   C9     doub Y N 332 
QWK C14   C13    sing Y N 333 
QWK C5    C4     doub Y N 334 
QWK C5    C17    sing Y N 335 
QWK C4    N3     sing Y N 336 
QWK C17   C16    sing N N 337 
QWK C17   N18    doub Y N 338 
QWK N3    C2     doub Y N 339 
QWK N18   C2     sing Y N 340 
QWK C2    N1     sing N N 341 
QWK O22   C19    doub N N 342 
QWK N1    C19    sing N N 343 
QWK C21   C20    sing N N 344 
QWK C19   C20    sing N N 345 
QWK C9    C10    sing Y N 346 
QWK C13   C12    doub Y N 347 
QWK C10   C11    doub Y N 348 
QWK C12   C11    sing Y N 349 
QWK C8    H1     sing N N 350 
QWK C8    H2     sing N N 351 
QWK C10   H3     sing N N 352 
QWK C11   H4     sing N N 353 
QWK C12   H5     sing N N 354 
QWK C13   H6     sing N N 355 
QWK C14   H7     sing N N 356 
QWK C15   H8     sing N N 357 
QWK C15   H9     sing N N 358 
QWK C16   H10    sing N N 359 
QWK C16   H11    sing N N 360 
QWK C20   H12    sing N N 361 
QWK C20   H13    sing N N 362 
QWK C21   H14    sing N N 363 
QWK C21   H15    sing N N 364 
QWK C21   H16    sing N N 365 
QWK N1    H17    sing N N 366 
QWK C4    H18    sing N N 367 
QWK C6    H19    sing N N 368 
QWK C6    H20    sing N N 369 
SER N     CA     sing N N 370 
SER N     H      sing N N 371 
SER N     H2     sing N N 372 
SER CA    C      sing N N 373 
SER CA    CB     sing N N 374 
SER CA    HA     sing N N 375 
SER C     O      doub N N 376 
SER C     OXT    sing N N 377 
SER CB    OG     sing N N 378 
SER CB    HB2    sing N N 379 
SER CB    HB3    sing N N 380 
SER OG    HG     sing N N 381 
SER OXT   HXT    sing N N 382 
THR N     CA     sing N N 383 
THR N     H      sing N N 384 
THR N     H2     sing N N 385 
THR CA    C      sing N N 386 
THR CA    CB     sing N N 387 
THR CA    HA     sing N N 388 
THR C     O      doub N N 389 
THR C     OXT    sing N N 390 
THR CB    OG1    sing N N 391 
THR CB    CG2    sing N N 392 
THR CB    HB     sing N N 393 
THR OG1   HG1    sing N N 394 
THR CG2   HG21   sing N N 395 
THR CG2   HG22   sing N N 396 
THR CG2   HG23   sing N N 397 
THR OXT   HXT    sing N N 398 
TYR N     CA     sing N N 399 
TYR N     H      sing N N 400 
TYR N     H2     sing N N 401 
TYR CA    C      sing N N 402 
TYR CA    CB     sing N N 403 
TYR CA    HA     sing N N 404 
TYR C     O      doub N N 405 
TYR C     OXT    sing N N 406 
TYR CB    CG     sing N N 407 
TYR CB    HB2    sing N N 408 
TYR CB    HB3    sing N N 409 
TYR CG    CD1    doub Y N 410 
TYR CG    CD2    sing Y N 411 
TYR CD1   CE1    sing Y N 412 
TYR CD1   HD1    sing N N 413 
TYR CD2   CE2    doub Y N 414 
TYR CD2   HD2    sing N N 415 
TYR CE1   CZ     doub Y N 416 
TYR CE1   HE1    sing N N 417 
TYR CE2   CZ     sing Y N 418 
TYR CE2   HE2    sing N N 419 
TYR CZ    OH     sing N N 420 
TYR OH    HH     sing N N 421 
TYR OXT   HXT    sing N N 422 
VAL N     CA     sing N N 423 
VAL N     H      sing N N 424 
VAL N     H2     sing N N 425 
VAL CA    C      sing N N 426 
VAL CA    CB     sing N N 427 
VAL CA    HA     sing N N 428 
VAL C     O      doub N N 429 
VAL C     OXT    sing N N 430 
VAL CB    CG1    sing N N 431 
VAL CB    CG2    sing N N 432 
VAL CB    HB     sing N N 433 
VAL CG1   HG11   sing N N 434 
VAL CG1   HG12   sing N N 435 
VAL CG1   HG13   sing N N 436 
VAL CG2   HG21   sing N N 437 
VAL CG2   HG22   sing N N 438 
VAL CG2   HG23   sing N N 439 
VAL OXT   HXT    sing N N 440 
# 
_pdbx_initial_refinement_model.accession_code   ? 
_pdbx_initial_refinement_model.id               1 
_pdbx_initial_refinement_model.entity_id_list   ? 
_pdbx_initial_refinement_model.type             other 
_pdbx_initial_refinement_model.source_name      ? 
_pdbx_initial_refinement_model.details          'internal model' 
# 
_atom_sites.entry_id                    7A1W 
_atom_sites.Cartn_transf_matrix[1][1]   ? 
_atom_sites.Cartn_transf_matrix[1][2]   ? 
_atom_sites.Cartn_transf_matrix[1][3]   ? 
_atom_sites.Cartn_transf_matrix[2][1]   ? 
_atom_sites.Cartn_transf_matrix[2][2]   ? 
_atom_sites.Cartn_transf_matrix[2][3]   ? 
_atom_sites.Cartn_transf_matrix[3][1]   ? 
_atom_sites.Cartn_transf_matrix[3][2]   ? 
_atom_sites.Cartn_transf_matrix[3][3]   ? 
_atom_sites.Cartn_transf_vector[1]      ? 
_atom_sites.Cartn_transf_vector[2]      ? 
_atom_sites.Cartn_transf_vector[3]      ? 
_atom_sites.fract_transf_matrix[1][1]   -0.00835459 
_atom_sites.fract_transf_matrix[1][2]   -0.01093138 
_atom_sites.fract_transf_matrix[1][3]   -0.02660639 
_atom_sites.fract_transf_matrix[2][1]   -0.00724856 
_atom_sites.fract_transf_matrix[2][2]   0.01868381 
_atom_sites.fract_transf_matrix[2][3]   -0.02226109 
_atom_sites.fract_transf_matrix[3][1]   0.00512135 
_atom_sites.fract_transf_matrix[3][2]   0.00004756 
_atom_sites.fract_transf_matrix[3][3]   -0.00162768 
_atom_sites.fract_transf_vector[1]      -0.415350 
_atom_sites.fract_transf_vector[2]      -0.036141 
_atom_sites.fract_transf_vector[3]      0.080336 
_atom_sites.solution_primary            ? 
_atom_sites.solution_secondary          ? 
_atom_sites.solution_hydrogens          ? 
_atom_sites.special_details             ? 
# 
loop_
_atom_type.symbol 
C  
MG 
N  
O  
P  
S  
# 
loop_
_atom_site.group_PDB 
_atom_site.id 
_atom_site.type_symbol 
_atom_site.label_atom_id 
_atom_site.label_alt_id 
_atom_site.label_comp_id 
_atom_site.label_asym_id 
_atom_site.label_entity_id 
_atom_site.label_seq_id 
_atom_site.pdbx_PDB_ins_code 
_atom_site.Cartn_x 
_atom_site.Cartn_y 
_atom_site.Cartn_z 
_atom_site.occupancy 
_atom_site.B_iso_or_equiv 
_atom_site.pdbx_formal_charge 
_atom_site.auth_seq_id 
_atom_site.auth_comp_id 
_atom_site.auth_asym_id 
_atom_site.auth_atom_id 
_atom_site.pdbx_PDB_model_num 
ATOM   1    N  N     . MET A 1 2   ? -2.196  0.463   23.580  1   31.91  ? 1   MET A N     1 
ATOM   2    C  CA    . MET A 1 2   ? -1.890  -0.640  22.661  1   33.07  ? 1   MET A CA    1 
ATOM   3    C  C     . MET A 1 2   ? -1.002  -0.189  21.488  1   36.54  ? 1   MET A C     1 
ATOM   4    O  O     . MET A 1 2   ? -1.007  0.997   21.164  1   36.72  ? 1   MET A O     1 
ATOM   5    C  CB    . MET A 1 2   ? -3.167  -1.365  22.179  1   35.93  ? 1   MET A CB    1 
ATOM   6    C  CG    . MET A 1 2   ? -4.135  -0.510  21.371  1   39.86  ? 1   MET A CG    1 
ATOM   7    S  SD    . MET A 1 2   ? -5.429  -1.528  20.567  1   44.26  ? 1   MET A SD    1 
ATOM   8    C  CE    . MET A 1 2   ? -6.307  -2.143  22.028  1   41.48  ? 1   MET A CE    1 
ATOM   9    N  N     . THR A 1 3   ? -0.223  -1.120  20.881  1   32.68  ? 2   THR A N     1 
ATOM   10   C  CA    . THR A 1 3   ? 0.674   -0.792  19.753  1   31.63  ? 2   THR A CA    1 
ATOM   11   C  C     . THR A 1 3   ? -0.101  -0.211  18.563  1   31.31  ? 2   THR A C     1 
ATOM   12   O  O     . THR A 1 3   ? -1.161  -0.729  18.200  1   28.52  ? 2   THR A O     1 
ATOM   13   C  CB    . THR A 1 3   ? 1.541   -1.987  19.314  1   42.8   ? 2   THR A CB    1 
ATOM   14   O  OG1   . THR A 1 3   ? 2.110   -2.634  20.452  1   45.32  ? 2   THR A OG1   1 
ATOM   15   C  CG2   . THR A 1 3   ? 2.655   -1.585  18.337  1   42.21  ? 2   THR A CG2   1 
ATOM   16   N  N     . GLU A 1 4   ? 0.429   0.890   17.988  1   28.02  ? 3   GLU A N     1 
ATOM   17   C  CA    . GLU A 1 4   ? -0.140  1.550   16.818  1   27.38  ? 3   GLU A CA    1 
ATOM   18   C  C     . GLU A 1 4   ? 0.844   1.411   15.659  1   27.63  ? 3   GLU A C     1 
ATOM   19   O  O     . GLU A 1 4   ? 2.038   1.673   15.835  1   26.43  ? 3   GLU A O     1 
ATOM   20   C  CB    . GLU A 1 4   ? -0.408  3.028   17.111  1   29.53  ? 3   GLU A CB    1 
ATOM   21   C  CG    . GLU A 1 4   ? -1.099  3.753   15.973  1   38.68  ? 3   GLU A CG    1 
ATOM   22   C  CD    . GLU A 1 4   ? -1.353  5.220   16.240  1   61.93  ? 3   GLU A CD    1 
ATOM   23   O  OE1   . GLU A 1 4   ? -0.390  5.955   16.560  1   60.12  ? 3   GLU A OE1   1 
ATOM   24   O  OE2   . GLU A 1 4   ? -2.526  5.635   16.125  1   53.77  ? 3   GLU A OE2   1 
ATOM   25   N  N     . TYR A 1 5   ? 0.348   0.979   14.484  1   21.51  ? 4   TYR A N     1 
ATOM   26   C  CA    . TYR A 1 5   ? 1.192   0.838   13.293  1   19.74  ? 4   TYR A CA    1 
ATOM   27   C  C     . TYR A 1 5   ? 0.787   1.927   12.310  1   20.1   ? 4   TYR A C     1 
ATOM   28   O  O     . TYR A 1 5   ? -0.384  2.004   11.959  1   18.52  ? 4   TYR A O     1 
ATOM   29   C  CB    . TYR A 1 5   ? 1.030   -0.565  12.671  1   21.39  ? 4   TYR A CB    1 
ATOM   30   C  CG    . TYR A 1 5   ? 1.483   -1.666  13.596  1   23.19  ? 4   TYR A CG    1 
ATOM   31   C  CD1   . TYR A 1 5   ? 2.837   -1.970  13.739  1   24.49  ? 4   TYR A CD1   1 
ATOM   32   C  CD2   . TYR A 1 5   ? 0.566   -2.389  14.349  1   24.37  ? 4   TYR A CD2   1 
ATOM   33   C  CE1   . TYR A 1 5   ? 3.263   -2.973  14.606  1   21.61  ? 4   TYR A CE1   1 
ATOM   34   C  CE2   . TYR A 1 5   ? 0.982   -3.384  15.233  1   24.78  ? 4   TYR A CE2   1 
ATOM   35   C  CZ    . TYR A 1 5   ? 2.328   -3.681  15.346  1   27.11  ? 4   TYR A CZ    1 
ATOM   36   O  OH    . TYR A 1 5   ? 2.728   -4.637  16.240  1   28.25  ? 4   TYR A OH    1 
ATOM   37   N  N     . LYS A 1 6   ? 1.734   2.810   11.934  1   15.85  ? 5   LYS A N     1 
ATOM   38   C  CA    . LYS A 1 6   ? 1.460   3.886   10.977  1   14.07  ? 5   LYS A CA    1 
ATOM   39   C  C     . LYS A 1 6   ? 1.793   3.361   9.588   1   18.01  ? 5   LYS A C     1 
ATOM   40   O  O     . LYS A 1 6   ? 2.955   3.062   9.284   1   16.97  ? 5   LYS A O     1 
ATOM   41   C  CB    . LYS A 1 6   ? 2.229   5.172   11.333  1   16.83  ? 5   LYS A CB    1 
ATOM   42   C  CG    . LYS A 1 6   ? 1.805   5.756   12.689  1   25.55  ? 5   LYS A CG    1 
ATOM   43   C  CD    . LYS A 1 6   ? 2.836   6.743   13.233  1   37.13  ? 5   LYS A CD    1 
ATOM   44   C  CE    . LYS A 1 6   ? 2.353   7.480   14.470  1   39.96  ? 5   LYS A CE    1 
ATOM   45   N  NZ    . LYS A 1 6   ? 2.191   6.578   15.636  1   43.85  ? 5   LYS A NZ    1 
ATOM   46   N  N     . LEU A 1 7   ? 0.745   3.104   8.796   1   15.25  ? 6   LEU A N     1 
ATOM   47   C  CA    . LEU A 1 7   ? 0.893   2.523   7.454   1   13.99  ? 6   LEU A CA    1 
ATOM   48   C  C     . LEU A 1 7   ? 0.608   3.566   6.399   1   17.33  ? 6   LEU A C     1 
ATOM   49   O  O     . LEU A 1 7   ? -0.337  4.336   6.534   1   17.42  ? 6   LEU A O     1 
ATOM   50   C  CB    . LEU A 1 7   ? -0.064  1.328   7.272   1   13.93  ? 6   LEU A CB    1 
ATOM   51   C  CG    . LEU A 1 7   ? -0.158  0.309   8.414   1   18.43  ? 6   LEU A CG    1 
ATOM   52   C  CD1   . LEU A 1 7   ? -1.158  -0.787  8.085   1   17.86  ? 6   LEU A CD1   1 
ATOM   53   C  CD2   . LEU A 1 7   ? 1.222   -0.248  8.768   1   21.47  ? 6   LEU A CD2   1 
ATOM   54   N  N     . VAL A 1 8   ? 1.391   3.567   5.329   1   12.53  ? 7   VAL A N     1 
ATOM   55   C  CA    . VAL A 1 8   ? 1.179   4.552   4.265   1   11.83  ? 7   VAL A CA    1 
ATOM   56   C  C     . VAL A 1 8   ? 0.908   3.794   2.965   1   14.94  ? 7   VAL A C     1 
ATOM   57   O  O     . VAL A 1 8   ? 1.690   2.918   2.600   1   14.48  ? 7   VAL A O     1 
ATOM   58   C  CB    . VAL A 1 8   ? 2.389   5.547   4.115   1   14.47  ? 7   VAL A CB    1 
ATOM   59   C  CG1   . VAL A 1 8   ? 2.099   6.612   3.064   1   15.05  ? 7   VAL A CG1   1 
ATOM   60   C  CG2   . VAL A 1 8   ? 2.734   6.221   5.442   1   14.53  ? 7   VAL A CG2   1 
ATOM   61   N  N     . VAL A 1 9   ? -0.146  4.182   2.250   1   10.43  ? 8   VAL A N     1 
ATOM   62   C  CA    . VAL A 1 9   ? -0.493  3.562   0.963   1   11.28  ? 8   VAL A CA    1 
ATOM   63   C  C     . VAL A 1 9   ? -0.008  4.474   -0.145  1   15.18  ? 8   VAL A C     1 
ATOM   64   O  O     . VAL A 1 9   ? -0.484  5.608   -0.230  1   13.3   ? 8   VAL A O     1 
ATOM   65   C  CB    . VAL A 1 9   ? -2.007  3.254   0.841   1   14.04  ? 8   VAL A CB    1 
ATOM   66   C  CG1   . VAL A 1 9   ? -2.304  2.461   -0.439  1   13.06  ? 8   VAL A CG1   1 
ATOM   67   C  CG2   . VAL A 1 9   ? -2.541  2.525   2.076   1   13.78  ? 8   VAL A CG2   1 
ATOM   68   N  N     . VAL A 1 10  ? 0.931   3.986   -1.001  1   13.88  ? 9   VAL A N     1 
ATOM   69   C  CA    . VAL A 1 10  ? 1.504   4.771   -2.105  1   12.67  ? 9   VAL A CA    1 
ATOM   70   C  C     . VAL A 1 10  ? 1.353   4.043   -3.454  1   15.88  ? 9   VAL A C     1 
ATOM   71   O  O     . VAL A 1 10  ? 1.068   2.833   -3.493  1   15.16  ? 9   VAL A O     1 
ATOM   72   C  CB    . VAL A 1 10  ? 3.000   5.176   -1.852  1   15.21  ? 9   VAL A CB    1 
ATOM   73   C  CG1   . VAL A 1 10  ? 3.176   6.002   -0.554  1   15.16  ? 9   VAL A CG1   1 
ATOM   74   C  CG2   . VAL A 1 10  ? 3.924   3.964   -1.877  1   14.19  ? 9   VAL A CG2   1 
ATOM   75   N  N     . GLY A 1 11  ? 1.511   4.807   -4.527  1   13.28  ? 10  GLY A N     1 
ATOM   76   C  CA    . GLY A 1 11  ? 1.398   4.306   -5.895  1   13.58  ? 10  GLY A CA    1 
ATOM   77   C  C     . GLY A 1 11  ? 0.728   5.323   -6.801  1   18.99  ? 10  GLY A C     1 
ATOM   78   O  O     . GLY A 1 11  ? 0.105   6.282   -6.334  1   17.38  ? 10  GLY A O     1 
ATOM   79   N  N     . ALA A 1 12  ? 0.833   5.096   -8.105  1   16.46  ? 11  ALA A N     1 
ATOM   80   C  CA    . ALA A 1 12  ? 0.266   5.971   -9.129  1   16.65  ? 11  ALA A CA    1 
ATOM   81   C  C     . ALA A 1 12  ? -1.216  6.258   -8.946  1   18.04  ? 11  ALA A C     1 
ATOM   82   O  O     . ALA A 1 12  ? -1.984  5.405   -8.475  1   15.76  ? 11  ALA A O     1 
ATOM   83   C  CB    . ALA A 1 12  ? 0.506   5.363   -10.504 1   17.78  ? 11  ALA A CB    1 
ATOM   84   N  N     . CYS A 1 13  ? -1.647  7.452   -9.378  1   17.55  ? 12  CYS A N     1 
ATOM   85   C  CA    . CYS A 1 13  ? -3.064  7.777   -9.318  1   17.72  ? 12  CYS A CA    1 
ATOM   86   C  C     . CYS A 1 13  ? -3.914  6.752   -10.070 1   18.61  ? 12  CYS A C     1 
ATOM   87   O  O     . CYS A 1 13  ? -3.502  6.283   -11.122 1   19.74  ? 12  CYS A O     1 
ATOM   88   C  CB    . CYS A 1 13  ? -3.322  9.183   -9.840  1   19.63  ? 12  CYS A CB    1 
ATOM   89   S  SG    . CYS A 1 13  ? -5.054  9.652   -9.751  1   24.92  ? 12  CYS A SG    1 
ATOM   90   N  N     . GLY A 1 14  ? -5.052  6.386   -9.494  1   15.36  ? 13  GLY A N     1 
ATOM   91   C  CA    . GLY A 1 14  ? -6.006  5.454   -10.093 1   15.64  ? 13  GLY A CA    1 
ATOM   92   C  C     . GLY A 1 14  ? -5.786  3.971   -9.843  1   17.45  ? 13  GLY A C     1 
ATOM   93   O  O     . GLY A 1 14  ? -6.605  3.151   -10.292 1   16.69  ? 13  GLY A O     1 
ATOM   94   N  N     . VAL A 1 15  ? -4.679  3.602   -9.183  1   13.64  ? 14  VAL A N     1 
ATOM   95   C  CA    . VAL A 1 15  ? -4.357  2.176   -8.881  1   12.99  ? 14  VAL A CA    1 
ATOM   96   C  C     . VAL A 1 15  ? -5.338  1.498   -7.878  1   16.94  ? 14  VAL A C     1 
ATOM   97   O  O     . VAL A 1 15  ? -5.428  0.264   -7.849  1   15.79  ? 14  VAL A O     1 
ATOM   98   C  CB    . VAL A 1 15  ? -2.887  1.931   -8.431  1   14.45  ? 14  VAL A CB    1 
ATOM   99   C  CG1   . VAL A 1 15  ? -1.886  2.329   -9.510  1   14.97  ? 14  VAL A CG1   1 
ATOM   100  C  CG2   . VAL A 1 15  ? -2.571  2.618   -7.108  1   13.76  ? 14  VAL A CG2   1 
ATOM   101  N  N     . GLY A 1 16  ? -6.016  2.299   -7.046  1   13.79  ? 15  GLY A N     1 
ATOM   102  C  CA    . GLY A 1 16  ? -6.953  1.784   -6.057  1   13.68  ? 15  GLY A CA    1 
ATOM   103  C  C     . GLY A 1 16  ? -6.513  1.965   -4.605  1   16.51  ? 15  GLY A C     1 
ATOM   104  O  O     . GLY A 1 16  ? -7.012  1.259   -3.720  1   14.41  ? 15  GLY A O     1 
ATOM   105  N  N     . LYS A 1 17  ? -5.635  2.957   -4.319  1   12.22  ? 16  LYS A N     1 
ATOM   106  C  CA    . LYS A 1 17  ? -5.194  3.236   -2.925  1   11.81  ? 16  LYS A CA    1 
ATOM   107  C  C     . LYS A 1 17  ? -6.393  3.576   -2.017  1   14     ? 16  LYS A C     1 
ATOM   108  O  O     . LYS A 1 17  ? -6.542  3.006   -0.941  1   12.44  ? 16  LYS A O     1 
ATOM   109  C  CB    . LYS A 1 17  ? -4.209  4.417   -2.906  1   12.44  ? 16  LYS A CB    1 
ATOM   110  C  CG    . LYS A 1 17  ? -2.963  4.129   -3.731  1   10.3   ? 16  LYS A CG    1 
ATOM   111  C  CD    . LYS A 1 17  ? -1.920  5.295   -3.688  1   15.12  ? 16  LYS A CD    1 
ATOM   112  C  CE    . LYS A 1 17  ? -2.395  6.613   -4.280  1   14.36  ? 16  LYS A CE    1 
ATOM   113  N  NZ    . LYS A 1 17  ? -2.798  6.505   -5.731  1   14.22  ? 16  LYS A NZ    1 
ATOM   114  N  N     . SER A 1 18  ? -7.255  4.491   -2.479  1   12.61  ? 17  SER A N     1 
ATOM   115  C  CA    . SER A 1 18  ? -8.434  4.897   -1.702  1   11.95  ? 17  SER A CA    1 
ATOM   116  C  C     . SER A 1 18  ? -9.417  3.722   -1.541  1   13.22  ? 17  SER A C     1 
ATOM   117  O  O     . SER A 1 18  ? -9.883  3.469   -0.444  1   13.09  ? 17  SER A O     1 
ATOM   118  C  CB    . SER A 1 18  ? -9.099  6.103   -2.349  1   14.86  ? 17  SER A CB    1 
ATOM   119  O  OG    . SER A 1 18  ? -8.237  7.227   -2.211  1   15.2   ? 17  SER A OG    1 
ATOM   120  N  N     . ALA A 1 19  ? -9.670  2.991   -2.615  1   12.27  ? 18  ALA A N     1 
ATOM   121  C  CA    . ALA A 1 19  ? -10.600 1.846   -2.595  1   12.1   ? 18  ALA A CA    1 
ATOM   122  C  C     . ALA A 1 19  ? -10.065 0.764   -1.621  1   14.47  ? 18  ALA A C     1 
ATOM   123  O  O     . ALA A 1 19  ? -10.843 0.196   -0.870  1   13.95  ? 18  ALA A O     1 
ATOM   124  C  CB    . ALA A 1 19  ? -10.754 1.280   -3.982  1   13.45  ? 18  ALA A CB    1 
ATOM   125  N  N     . LEU A 1 20  ? -8.741  0.497   -1.620  1   11.38  ? 19  LEU A N     1 
ATOM   126  C  CA    . LEU A 1 20  ? -8.168  -0.503  -0.714  1   12.39  ? 19  LEU A CA    1 
ATOM   127  C  C     . LEU A 1 20  ? -8.314  -0.037  0.738   1   14.16  ? 19  LEU A C     1 
ATOM   128  O  O     . LEU A 1 20  ? -8.719  -0.810  1.600   1   13.84  ? 19  LEU A O     1 
ATOM   129  C  CB    . LEU A 1 20  ? -6.683  -0.748  -1.019  1   12.35  ? 19  LEU A CB    1 
ATOM   130  C  CG    . LEU A 1 20  ? -6.361  -1.644  -2.225  1   15.79  ? 19  LEU A CG    1 
ATOM   131  C  CD1   . LEU A 1 20  ? -4.878  -1.519  -2.584  1   16.13  ? 19  LEU A CD1   1 
ATOM   132  C  CD2   . LEU A 1 20  ? -6.712  -3.125  -1.939  1   17.7   ? 19  LEU A CD2   1 
ATOM   133  N  N     . THR A 1 21  ? -7.993  1.237   1.003   1   12.8   ? 20  THR A N     1 
ATOM   134  C  CA    . THR A 1 21  ? -8.089  1.827   2.327   1   11.83  ? 20  THR A CA    1 
ATOM   135  C  C     . THR A 1 21  ? -9.517  1.750   2.877   1   15.65  ? 20  THR A C     1 
ATOM   136  O  O     . THR A 1 21  ? -9.706  1.297   4.006   1   16.17  ? 20  THR A O     1 
ATOM   137  C  CB    . THR A 1 21  ? -7.504  3.261   2.334   1   13.26  ? 20  THR A CB    1 
ATOM   138  O  OG1   . THR A 1 21  ? -6.116  3.181   1.999   1   15.96  ? 20  THR A OG1   1 
ATOM   139  C  CG2   . THR A 1 21  ? -7.559  3.896   3.726   1   12.77  ? 20  THR A CG2   1 
ATOM   140  N  N     . ILE A 1 22  ? -10.499 2.202   2.092   1   13.84  ? 21  ILE A N     1 
ATOM   141  C  CA    . ILE A 1 22  ? -11.929 2.200   2.492   1   13.81  ? 21  ILE A CA    1 
ATOM   142  C  C     . ILE A 1 22  ? -12.448 0.759   2.649   1   18.02  ? 21  ILE A C     1 
ATOM   143  O  O     . ILE A 1 22  ? -13.196 0.479   3.584   1   16.44  ? 21  ILE A O     1 
ATOM   144  C  CB    . ILE A 1 22  ? -12.779 3.091   1.541   1   16.93  ? 21  ILE A CB    1 
ATOM   145  C  CG1   . ILE A 1 22  ? -12.243 4.564   1.497   1   19.31  ? 21  ILE A CG1   1 
ATOM   146  C  CG2   . ILE A 1 22  ? -14.295 3.036   1.887   1   19.34  ? 21  ILE A CG2   1 
ATOM   147  C  CD1   . ILE A 1 22  ? -12.002 5.287   2.938   1   28.25  ? 21  ILE A CD1   1 
ATOM   148  N  N     . GLN A 1 23  ? -11.974 -0.168  1.799   1   15.09  ? 22  GLN A N     1 
ATOM   149  C  CA    . GLN A 1 23  ? -12.318 -1.592  1.933   1   15.27  ? 22  GLN A CA    1 
ATOM   150  C  C     . GLN A 1 23  ? -11.745 -2.122  3.272   1   19.71  ? 22  GLN A C     1 
ATOM   151  O  O     . GLN A 1 23  ? -12.467 -2.768  4.016   1   20     ? 22  GLN A O     1 
ATOM   152  C  CB    . GLN A 1 23  ? -11.792 -2.386  0.718   1   16.31  ? 22  GLN A CB    1 
ATOM   153  C  CG    . GLN A 1 23  ? -12.266 -3.822  0.569   1   28.87  ? 22  GLN A CG    1 
ATOM   154  C  CD    . GLN A 1 23  ? -13.767 -4.024  0.629   1   29.16  ? 22  GLN A CD    1 
ATOM   155  O  OE1   . GLN A 1 23  ? -14.313 -4.221  1.704   1   23.96  ? 22  GLN A OE1   1 
ATOM   156  N  NE2   . GLN A 1 23  ? -14.429 -4.148  -0.512  1   18.36  ? 22  GLN A NE2   1 
ATOM   157  N  N     . LEU A 1 24  ? -10.466 -1.814  3.604   1   16.96  ? 23  LEU A N     1 
ATOM   158  C  CA    . LEU A 1 24  ? -9.874  -2.278  4.863   1   16.49  ? 23  LEU A CA    1 
ATOM   159  C  C     . LEU A 1 24  ? -10.648 -1.697  6.060   1   21.61  ? 23  LEU A C     1 
ATOM   160  O  O     . LEU A 1 24  ? -10.959 -2.443  6.987   1   20.5   ? 23  LEU A O     1 
ATOM   161  C  CB    . LEU A 1 24  ? -8.393  -1.854  4.972   1   16.03  ? 23  LEU A CB    1 
ATOM   162  C  CG    . LEU A 1 24  ? -7.472  -2.409  6.096   1   21.24  ? 23  LEU A CG    1 
ATOM   163  C  CD1   . LEU A 1 24  ? -7.657  -1.701  7.421   1   22.85  ? 23  LEU A CD1   1 
ATOM   164  C  CD2   . LEU A 1 24  ? -7.545  -3.936  6.242   1   24.27  ? 23  LEU A CD2   1 
ATOM   165  N  N     . ILE A 1 25  ? -10.915 -0.376  6.041   1   18.86  ? 24  ILE A N     1 
ATOM   166  C  CA    . ILE A 1 25  ? -11.533 0.329   7.175   1   20.05  ? 24  ILE A CA    1 
ATOM   167  C  C     . ILE A 1 25  ? -13.015 0.017   7.345   1   25.7   ? 24  ILE A C     1 
ATOM   168  O  O     . ILE A 1 25  ? -13.429 -0.377  8.440   1   24.93  ? 24  ILE A O     1 
ATOM   169  C  CB    . ILE A 1 25  ? -11.283 1.880   7.125   1   22.56  ? 24  ILE A CB    1 
ATOM   170  C  CG1   . ILE A 1 25  ? -9.760  2.254   7.129   1   21.8   ? 24  ILE A CG1   1 
ATOM   171  C  CG2   . ILE A 1 25  ? -12.036 2.639   8.266   1   24.01  ? 24  ILE A CG2   1 
ATOM   172  C  CD1   . ILE A 1 25  ? -8.901  1.740   8.290   1   20.56  ? 24  ILE A CD1   1 
ATOM   173  N  N     . GLN A 1 26  ? -13.807 0.255   6.289   1   23.73  ? 25  GLN A N     1 
ATOM   174  C  CA    . GLN A 1 26  ? -15.280 0.196   6.310   1   23.99  ? 25  GLN A CA    1 
ATOM   175  C  C     . GLN A 1 26  ? -15.934 -1.062  5.709   1   26.61  ? 25  GLN A C     1 
ATOM   176  O  O     . GLN A 1 26  ? -17.159 -1.181  5.771   1   25.7   ? 25  GLN A O     1 
ATOM   177  C  CB    . GLN A 1 26  ? -15.853 1.458   5.626   1   25.22  ? 25  GLN A CB    1 
ATOM   178  C  CG    . GLN A 1 26  ? -15.310 2.795   6.202   1   33.03  ? 25  GLN A CG    1 
ATOM   179  C  CD    . GLN A 1 26  ? -15.735 3.070   7.639   1   45.49  ? 25  GLN A CD    1 
ATOM   180  O  OE1   . GLN A 1 26  ? -16.528 2.334   8.246   1   33.86  ? 25  GLN A OE1   1 
ATOM   181  N  NE2   . GLN A 1 26  ? -15.231 4.153   8.214   1   38.08  ? 25  GLN A NE2   1 
ATOM   182  N  N     . ASN A 1 27  ? -15.155 -1.974  5.114   1   23.24  ? 26  ASN A N     1 
ATOM   183  C  CA    . ASN A 1 27  ? -15.689 -3.217  4.532   1   23.06  ? 26  ASN A CA    1 
ATOM   184  C  C     . ASN A 1 27  ? -16.659 -2.991  3.351   1   26.96  ? 26  ASN A C     1 
ATOM   185  O  O     . ASN A 1 27  ? -17.532 -3.826  3.096   1   27.98  ? 26  ASN A O     1 
ATOM   186  C  CB    . ASN A 1 27  ? -16.322 -4.117  5.635   1   25.34  ? 26  ASN A CB    1 
ATOM   187  C  CG    . ASN A 1 27  ? -15.307 -5.010  6.275   1   51.76  ? 26  ASN A CG    1 
ATOM   188  O  OD1   . ASN A 1 27  ? -15.188 -6.199  5.935   1   50.18  ? 26  ASN A OD1   1 
ATOM   189  N  ND2   . ASN A 1 27  ? -14.463 -4.423  7.110   1   42.94  ? 26  ASN A ND2   1 
ATOM   190  N  N     . HIS A 1 28  ? -16.480 -1.872  2.614   1   21.4   ? 27  HIS A N     1 
ATOM   191  C  CA    . HIS A 1 28  ? -17.247 -1.585  1.411   1   21.88  ? 27  HIS A CA    1 
ATOM   192  C  C     . HIS A 1 28  ? -16.326 -1.150  0.286   1   22.88  ? 27  HIS A C     1 
ATOM   193  O  O     . HIS A 1 28  ? -15.304 -0.495  0.534   1   20.47  ? 27  HIS A O     1 
ATOM   194  C  CB    . HIS A 1 28  ? -18.321 -0.502  1.640   1   24.28  ? 27  HIS A CB    1 
ATOM   195  C  CG    . HIS A 1 28  ? -19.434 -0.919  2.554   1   29.33  ? 27  HIS A CG    1 
ATOM   196  N  ND1   . HIS A 1 28  ? -20.324 -1.926  2.204   1   32.09  ? 27  HIS A ND1   1 
ATOM   197  C  CD2   . HIS A 1 28  ? -19.786 -0.426  3.765   1   32.47  ? 27  HIS A CD2   1 
ATOM   198  C  CE1   . HIS A 1 28  ? -21.164 -2.033  3.223   1   31.84  ? 27  HIS A CE1   1 
ATOM   199  N  NE2   . HIS A 1 28  ? -20.888 -1.148  4.179   1   32.41  ? 27  HIS A NE2   1 
ATOM   200  N  N     . PHE A 1 29  ? -16.710 -1.490  -0.946  1   18.76  ? 28  PHE A N     1 
ATOM   201  C  CA    . PHE A 1 29  ? -15.995 -1.068  -2.141  1   18.44  ? 28  PHE A CA    1 
ATOM   202  C  C     . PHE A 1 29  ? -16.616 0.241   -2.633  1   22.29  ? 28  PHE A C     1 
ATOM   203  O  O     . PHE A 1 29  ? -17.844 0.328   -2.762  1   22.14  ? 28  PHE A O     1 
ATOM   204  C  CB    . PHE A 1 29  ? -16.072 -2.145  -3.243  1   19.29  ? 28  PHE A CB    1 
ATOM   205  C  CG    . PHE A 1 29  ? -15.520 -1.711  -4.587  1   19.94  ? 28  PHE A CG    1 
ATOM   206  C  CD1   . PHE A 1 29  ? -14.163 -1.406  -4.739  1   21.38  ? 28  PHE A CD1   1 
ATOM   207  C  CD2   . PHE A 1 29  ? -16.351 -1.602  -5.698  1   20.77  ? 28  PHE A CD2   1 
ATOM   208  C  CE1   . PHE A 1 29  ? -13.646 -1.031  -5.981  1   21.79  ? 28  PHE A CE1   1 
ATOM   209  C  CE2   . PHE A 1 29  ? -15.834 -1.214  -6.946  1   23.96  ? 28  PHE A CE2   1 
ATOM   210  C  CZ    . PHE A 1 29  ? -14.488 -0.917  -7.076  1   22.46  ? 28  PHE A CZ    1 
ATOM   211  N  N     . VAL A 1 30  ? -15.776 1.245   -2.906  1   18.56  ? 29  VAL A N     1 
ATOM   212  C  CA    . VAL A 1 30  ? -16.230 2.529   -3.434  1   17.85  ? 29  VAL A CA    1 
ATOM   213  C  C     . VAL A 1 30  ? -15.924 2.634   -4.929  1   21.47  ? 29  VAL A C     1 
ATOM   214  O  O     . VAL A 1 30  ? -14.792 2.380   -5.359  1   20.09  ? 29  VAL A O     1 
ATOM   215  C  CB    . VAL A 1 30  ? -15.761 3.799   -2.647  1   20.64  ? 29  VAL A CB    1 
ATOM   216  C  CG1   . VAL A 1 30  ? -16.386 3.857   -1.262  1   19.78  ? 29  VAL A CG1   1 
ATOM   217  C  CG2   . VAL A 1 30  ? -14.234 3.923   -2.577  1   19.94  ? 29  VAL A CG2   1 
ATOM   218  N  N     . ASP A 1 31  ? -16.937 3.013   -5.724  1   16.84  ? 30  ASP A N     1 
ATOM   219  C  CA    . ASP A 1 31  ? -16.768 3.176   -7.164  1   16.32  ? 30  ASP A CA    1 
ATOM   220  C  C     . ASP A 1 31  ? -16.035 4.472   -7.490  1   18.46  ? 30  ASP A C     1 
ATOM   221  O  O     . ASP A 1 31  ? -15.483 4.603   -8.578  1   18.5   ? 30  ASP A O     1 
ATOM   222  C  CB    . ASP A 1 31  ? -18.114 3.132   -7.888  1   17.44  ? 30  ASP A CB    1 
ATOM   223  C  CG    . ASP A 1 31  ? -18.723 1.757   -7.809  1   24.15  ? 30  ASP A CG    1 
ATOM   224  O  OD1   . ASP A 1 31  ? -18.197 0.842   -8.471  1   25.05  ? 30  ASP A OD1   1 
ATOM   225  O  OD2   . ASP A 1 31  ? -19.644 1.574   -7.009  1   21.54  ? 30  ASP A OD2   1 
ATOM   226  N  N     . GLU A 1 32  ? -16.027 5.417   -6.541  1   16.57  ? 31  GLU A N     1 
ATOM   227  C  CA    . GLU A 1 32  ? -15.314 6.686   -6.704  1   15.8   ? 31  GLU A CA    1 
ATOM   228  C  C     . GLU A 1 32  ? -15.027 7.309   -5.370  1   20.63  ? 31  GLU A C     1 
ATOM   229  O  O     . GLU A 1 32  ? -15.848 7.255   -4.446  1   19.99  ? 31  GLU A O     1 
ATOM   230  C  CB    . GLU A 1 32  ? -16.066 7.674   -7.659  1   17.14  ? 31  GLU A CB    1 
ATOM   231  C  CG    . GLU A 1 32  ? -15.192 8.811   -8.220  1   20.04  ? 31  GLU A CG    1 
ATOM   232  C  CD    . GLU A 1 32  ? -15.059 10.038  -7.336  1   25.57  ? 31  GLU A CD    1 
ATOM   233  O  OE1   . GLU A 1 32  ? -15.864 10.188  -6.389  1   27.66  ? 31  GLU A OE1   1 
ATOM   234  O  OE2   . GLU A 1 32  ? -14.109 10.823  -7.552  1   24.32  ? 31  GLU A OE2   1 
ATOM   235  N  N     . TYR A 1 33  ? -13.825 7.901   -5.267  1   18.75  ? 32  TYR A N     1 
ATOM   236  C  CA    . TYR A 1 33  ? -13.400 8.608   -4.074  1   18.77  ? 32  TYR A CA    1 
ATOM   237  C  C     . TYR A 1 33  ? -12.500 9.708   -4.603  1   21.03  ? 32  TYR A C     1 
ATOM   238  O  O     . TYR A 1 33  ? -11.546 9.416   -5.330  1   19.16  ? 32  TYR A O     1 
ATOM   239  C  CB    . TYR A 1 33  ? -12.674 7.635   -3.119  1   19.35  ? 32  TYR A CB    1 
ATOM   240  C  CG    . TYR A 1 33  ? -12.110 8.223   -1.838  1   20.42  ? 32  TYR A CG    1 
ATOM   241  C  CD1   . TYR A 1 33  ? -12.597 7.825   -0.595  1   23.83  ? 32  TYR A CD1   1 
ATOM   242  C  CD2   . TYR A 1 33  ? -10.969 9.028   -1.859  1   19.83  ? 32  TYR A CD2   1 
ATOM   243  C  CE1   . TYR A 1 33  ? -12.006 8.269   0.593   1   25.28  ? 32  TYR A CE1   1 
ATOM   244  C  CE2   . TYR A 1 33  ? -10.389 9.500   -0.680  1   19.93  ? 32  TYR A CE2   1 
ATOM   245  C  CZ    . TYR A 1 33  ? -10.912 9.124   0.542   1   31.18  ? 32  TYR A CZ    1 
ATOM   246  O  OH    . TYR A 1 33  ? -10.304 9.584   1.690   1   30.89  ? 32  TYR A OH    1 
ATOM   247  N  N     . ASP A 1 34  ? -12.845 10.990  -4.323  1   18.1   ? 33  ASP A N     1 
ATOM   248  C  CA    . ASP A 1 34  ? -12.028 12.111  -4.813  1   18.02  ? 33  ASP A CA    1 
ATOM   249  C  C     . ASP A 1 34  ? -10.522 11.751  -4.934  1   19.12  ? 33  ASP A C     1 
ATOM   250  O  O     . ASP A 1 34  ? -9.886  11.485  -3.913  1   18.01  ? 33  ASP A O     1 
ATOM   251  C  CB    . ASP A 1 34  ? -12.241 13.337  -3.924  1   20.49  ? 33  ASP A CB    1 
ATOM   252  C  CG    . ASP A 1 34  ? -11.658 14.636  -4.433  1   25.55  ? 33  ASP A CG    1 
ATOM   253  O  OD1   . ASP A 1 34  ? -10.708 14.588  -5.242  1   24.34  ? 33  ASP A OD1   1 
ATOM   254  O  OD2   . ASP A 1 34  ? -12.066 15.699  -3.928  1   24.55  ? 33  ASP A OD2   1 
ATOM   255  N  N     . PRO A 1 35  ? -9.958  11.698  -6.168  1   19.86  ? 34  PRO A N     1 
ATOM   256  C  CA    . PRO A 1 35  ? -8.529  11.333  -6.320  1   20.14  ? 34  PRO A CA    1 
ATOM   257  C  C     . PRO A 1 35  ? -7.520  12.307  -5.697  1   21.4   ? 34  PRO A C     1 
ATOM   258  O  O     . PRO A 1 35  ? -6.341  11.971  -5.570  1   20.01  ? 34  PRO A O     1 
ATOM   259  C  CB    . PRO A 1 35  ? -8.341  11.238  -7.843  1   22.54  ? 34  PRO A CB    1 
ATOM   260  C  CG    . PRO A 1 35  ? -9.750  11.111  -8.413  1   27.87  ? 34  PRO A CG    1 
ATOM   261  C  CD    . PRO A 1 35  ? -10.580 11.961  -7.480  1   23.53  ? 34  PRO A CD    1 
ATOM   262  N  N     . THR A 1 36  ? -7.970  13.507  -5.303  1   18.31  ? 35  THR A N     1 
ATOM   263  C  CA    . THR A 1 36  ? -7.072  14.538  -4.766  1   18.51  ? 35  THR A CA    1 
ATOM   264  C  C     . THR A 1 36  ? -6.983  14.552  -3.227  1   23.14  ? 35  THR A C     1 
ATOM   265  O  O     . THR A 1 36  ? -6.194  15.328  -2.668  1   22.56  ? 35  THR A O     1 
ATOM   266  C  CB    . THR A 1 36  ? -7.511  15.937  -5.284  1   27.15  ? 35  THR A CB    1 
ATOM   267  O  OG1   . THR A 1 36  ? -8.718  16.325  -4.617  1   25.13  ? 35  THR A OG1   1 
ATOM   268  C  CG2   . THR A 1 36  ? -7.710  15.980  -6.799  1   22.99  ? 35  THR A CG2   1 
ATOM   269  N  N     . ILE A 1 37  ? -7.838  13.767  -2.550  1   18.08  ? 36  ILE A N     1 
ATOM   270  C  CA    . ILE A 1 37  ? -7.938  13.794  -1.094  1   17.5   ? 36  ILE A CA    1 
ATOM   271  C  C     . ILE A 1 37  ? -6.951  12.837  -0.430  1   19.56  ? 36  ILE A C     1 
ATOM   272  O  O     . ILE A 1 37  ? -6.889  11.651  -0.767  1   19.07  ? 36  ILE A O     1 
ATOM   273  C  CB    . ILE A 1 37  ? -9.415  13.566  -0.631  1   20.76  ? 36  ILE A CB    1 
ATOM   274  C  CG1   . ILE A 1 37  ? -10.362 14.715  -1.080  1   22.32  ? 36  ILE A CG1   1 
ATOM   275  C  CG2   . ILE A 1 37  ? -9.542  13.330  0.861   1   21.21  ? 36  ILE A CG2   1 
ATOM   276  C  CD1   . ILE A 1 37  ? -9.837  16.188  -0.898  1   33.34  ? 36  ILE A CD1   1 
ATOM   277  N  N     . GLU A 1 38  ? -6.192  13.379  0.527   1   15.84  ? 37  GLU A N     1 
ATOM   278  C  CA    . GLU A 1 38  ? -5.208  12.627  1.284   1   15.1   ? 37  GLU A CA    1 
ATOM   279  C  C     . GLU A 1 38  ? -5.680  12.661  2.728   1   21.68  ? 37  GLU A C     1 
ATOM   280  O  O     . GLU A 1 38  ? -5.631  13.717  3.366   1   22.44  ? 37  GLU A O     1 
ATOM   281  C  CB    . GLU A 1 38  ? -3.838  13.287  1.123   1   15.7   ? 37  GLU A CB    1 
ATOM   282  C  CG    . GLU A 1 38  ? -2.716  12.596  1.873   1   17.34  ? 37  GLU A CG    1 
ATOM   283  C  CD    . GLU A 1 38  ? -1.365  12.974  1.310   1   27.32  ? 37  GLU A CD    1 
ATOM   284  O  OE1   . GLU A 1 38  ? -1.099  12.634  0.134   1   18.44  ? 37  GLU A OE1   1 
ATOM   285  O  OE2   . GLU A 1 38  ? -0.623  13.708  2.002   1   21.69  ? 37  GLU A OE2   1 
ATOM   286  N  N     . ASP A 1 39  ? -6.195  11.529  3.211   1   16.72  ? 38  ASP A N     1 
ATOM   287  C  CA    . ASP A 1 39  ? -6.718  11.397  4.580   1   17.66  ? 38  ASP A CA    1 
ATOM   288  C  C     . ASP A 1 39  ? -6.188  10.167  5.247   1   20.51  ? 38  ASP A C     1 
ATOM   289  O  O     . ASP A 1 39  ? -5.822  9.185   4.576   1   18.96  ? 38  ASP A O     1 
ATOM   290  C  CB    . ASP A 1 39  ? -8.270  11.312  4.586   1   20.55  ? 38  ASP A CB    1 
ATOM   291  C  CG    . ASP A 1 39  ? -9.013  12.603  4.265   1   35.89  ? 38  ASP A CG    1 
ATOM   292  O  OD1   . ASP A 1 39  ? -8.371  13.684  4.271   1   36.45  ? 38  ASP A OD1   1 
ATOM   293  O  OD2   . ASP A 1 39  ? -10.232 12.531  3.999   1   40.16  ? 38  ASP A OD2   1 
ATOM   294  N  N     . SER A 1 40  ? -6.201  10.202  6.581   1   16.8   ? 39  SER A N     1 
ATOM   295  C  CA    . SER A 1 40  ? -5.802  9.063   7.396   1   16.66  ? 39  SER A CA    1 
ATOM   296  C  C     . SER A 1 40  ? -7.006  8.497   8.166   1   20.22  ? 39  SER A C     1 
ATOM   297  O  O     . SER A 1 40  ? -7.982  9.219   8.420   1   19.01  ? 39  SER A O     1 
ATOM   298  C  CB    . SER A 1 40  ? -4.605  9.404   8.279   1   18.27  ? 39  SER A CB    1 
ATOM   299  O  OG    . SER A 1 40  ? -4.941  10.312  9.312   1   19.41  ? 39  SER A OG    1 
ATOM   300  N  N     . TYR A 1 41  ? -6.973  7.191   8.457   1   16.73  ? 40  TYR A N     1 
ATOM   301  C  CA    . TYR A 1 41  ? -8.069  6.470   9.120   1   16.46  ? 40  TYR A CA    1 
ATOM   302  C  C     . TYR A 1 41  ? -7.517  5.531   10.174  1   20.17  ? 40  TYR A C     1 
ATOM   303  O  O     . TYR A 1 41  ? -6.461  4.930   9.952   1   19.91  ? 40  TYR A O     1 
ATOM   304  C  CB    . TYR A 1 41  ? -8.836  5.634   8.077   1   17.81  ? 40  TYR A CB    1 
ATOM   305  C  CG    . TYR A 1 41  ? -9.486  6.459   6.991   1   20.66  ? 40  TYR A CG    1 
ATOM   306  C  CD1   . TYR A 1 41  ? -8.828  6.709   5.788   1   22.48  ? 40  TYR A CD1   1 
ATOM   307  C  CD2   . TYR A 1 41  ? -10.759 6.989   7.160   1   21.53  ? 40  TYR A CD2   1 
ATOM   308  C  CE1   . TYR A 1 41  ? -9.415  7.498   4.795   1   23.44  ? 40  TYR A CE1   1 
ATOM   309  C  CE2   . TYR A 1 41  ? -11.352 7.772   6.178   1   22.3   ? 40  TYR A CE2   1 
ATOM   310  C  CZ    . TYR A 1 41  ? -10.678 8.028   4.999   1   29.6   ? 40  TYR A CZ    1 
ATOM   311  O  OH    . TYR A 1 41  ? -11.290 8.814   4.051   1   28.02  ? 40  TYR A OH    1 
ATOM   312  N  N     . ARG A 1 42  ? -8.225  5.387   11.313  1   16.43  ? 41  ARG A N     1 
ATOM   313  C  CA    . ARG A 1 42  ? -7.779  4.510   12.380  1   16.44  ? 41  ARG A CA    1 
ATOM   314  C  C     . ARG A 1 42  ? -8.723  3.333   12.586  1   19.24  ? 41  ARG A C     1 
ATOM   315  O  O     . ARG A 1 42  ? -9.940  3.510   12.635  1   17     ? 41  ARG A O     1 
ATOM   316  C  CB    . ARG A 1 42  ? -7.534  5.278   13.695  1   21.75  ? 41  ARG A CB    1 
ATOM   317  C  CG    . ARG A 1 42  ? -6.087  5.719   13.904  1   35.77  ? 41  ARG A CG    1 
ATOM   318  C  CD    . ARG A 1 42  ? -5.790  6.073   15.357  1   41.52  ? 41  ARG A CD    1 
ATOM   319  N  NE    . ARG A 1 42  ? -5.981  7.497   15.646  1   50.17  ? 41  ARG A NE    1 
ATOM   320  C  CZ    . ARG A 1 42  ? -4.999  8.387   15.774  1   63.92  ? 41  ARG A CZ    1 
ATOM   321  N  NH1   . ARG A 1 42  ? -3.737  8.017   15.626  1   53.79  ? 41  ARG A NH1   1 
ATOM   322  N  NH2   . ARG A 1 42  ? -5.274  9.655   16.044  1   60.87  ? 41  ARG A NH2   1 
ATOM   323  N  N     . LYS A 1 43  ? -8.164  2.135   12.711  1   16.71  ? 42  LYS A N     1 
ATOM   324  C  CA    . LYS A 1 43  ? -8.982  0.937   12.935  1   16.15  ? 42  LYS A CA    1 
ATOM   325  C  C     . LYS A 1 43  ? -8.338  0.047   13.997  1   20.87  ? 42  LYS A C     1 
ATOM   326  O  O     . LYS A 1 43  ? -7.122  -0.151  13.977  1   20.22  ? 42  LYS A O     1 
ATOM   327  C  CB    . LYS A 1 43  ? -9.187  0.162   11.615  1   18.8   ? 42  LYS A CB    1 
ATOM   328  C  CG    . LYS A 1 43  ? -10.099 -1.066  11.692  1   22.27  ? 42  LYS A CG    1 
ATOM   329  C  CD    . LYS A 1 43  ? -10.081 -1.834  10.369  1   29.57  ? 42  LYS A CD    1 
ATOM   330  C  CE    . LYS A 1 43  ? -10.924 -3.092  10.404  1   30.59  ? 42  LYS A CE    1 
ATOM   331  N  NZ    . LYS A 1 43  ? -12.223 -2.897  9.737   1   34.23  ? 42  LYS A NZ    1 
ATOM   332  N  N     . GLN A 1 44  ? -9.154  -0.486  14.928  1   20.31  ? 43  GLN A N     1 
ATOM   333  C  CA    . GLN A 1 44  ? -8.652  -1.449  15.924  1   21.16  ? 43  GLN A CA    1 
ATOM   334  C  C     . GLN A 1 44  ? -8.886  -2.830  15.335  1   24.78  ? 43  GLN A C     1 
ATOM   335  O  O     . GLN A 1 44  ? -9.973  -3.096  14.813  1   25.15  ? 43  GLN A O     1 
ATOM   336  C  CB    . GLN A 1 44  ? -9.329  -1.317  17.306  1   22.86  ? 43  GLN A CB    1 
ATOM   337  C  CG    . GLN A 1 44  ? -8.680  -2.239  18.336  1   29.19  ? 43  GLN A CG    1 
ATOM   338  C  CD    . GLN A 1 44  ? -9.178  -1.998  19.737  1   40.69  ? 43  GLN A CD    1 
ATOM   339  O  OE1   . GLN A 1 44  ? -8.894  -0.966  20.350  1   33     ? 43  GLN A OE1   1 
ATOM   340  N  NE2   . GLN A 1 44  ? -9.849  -2.995  20.302  1   25.42  ? 43  GLN A NE2   1 
ATOM   341  N  N     . VAL A 1 45  ? -7.835  -3.677  15.334  1   22.33  ? 44  VAL A N     1 
ATOM   342  C  CA    . VAL A 1 45  ? -7.867  -5.026  14.747  1   22.29  ? 44  VAL A CA    1 
ATOM   343  C  C     . VAL A 1 45  ? -7.071  -5.990  15.623  1   27.8   ? 44  VAL A C     1 
ATOM   344  O  O     . VAL A 1 45  ? -6.311  -5.560  16.489  1   26.28  ? 44  VAL A O     1 
ATOM   345  C  CB    . VAL A 1 45  ? -7.293  -5.079  13.297  1   25.75  ? 44  VAL A CB    1 
ATOM   346  C  CG1   . VAL A 1 45  ? -8.109  -4.261  12.311  1   25.81  ? 44  VAL A CG1   1 
ATOM   347  C  CG2   . VAL A 1 45  ? -5.820  -4.675  13.256  1   25.52  ? 44  VAL A CG2   1 
ATOM   348  N  N     . VAL A 1 46  ? -7.201  -7.290  15.319  1   26.63  ? 45  VAL A N     1 
ATOM   349  C  CA    . VAL A 1 46  ? -6.452  -8.386  15.939  1   26.45  ? 45  VAL A CA    1 
ATOM   350  C  C     . VAL A 1 46  ? -5.625  -9.001  14.830  1   27.86  ? 45  VAL A C     1 
ATOM   351  O  O     . VAL A 1 46  ? -6.164  -9.410  13.796  1   28.97  ? 45  VAL A O     1 
ATOM   352  C  CB    . VAL A 1 46  ? -7.365  -9.435  16.638  1   30.53  ? 45  VAL A CB    1 
ATOM   353  C  CG1   . VAL A 1 46  ? -6.522  -10.528 17.303  1   30.06  ? 45  VAL A CG1   1 
ATOM   354  C  CG2   . VAL A 1 46  ? -8.276  -8.765  17.665  1   30.34  ? 45  VAL A CG2   1 
ATOM   355  N  N     . ILE A 1 47  ? -4.307  -8.972  14.992  1   23.68  ? 46  ILE A N     1 
ATOM   356  C  CA    . ILE A 1 47  ? -3.409  -9.561  14.012  1   23.04  ? 46  ILE A CA    1 
ATOM   357  C  C     . ILE A 1 47  ? -2.530  -10.505 14.791  1   27.2   ? 46  ILE A C     1 
ATOM   358  O  O     . ILE A 1 47  ? -1.774  -10.059 15.658  1   26.77  ? 46  ILE A O     1 
ATOM   359  C  CB    . ILE A 1 47  ? -2.569  -8.541  13.210  1   25.11  ? 46  ILE A CB    1 
ATOM   360  C  CG1   . ILE A 1 47  ? -3.461  -7.480  12.518  1   24.54  ? 46  ILE A CG1   1 
ATOM   361  C  CG2   . ILE A 1 47  ? -1.690  -9.291  12.181  1   24.72  ? 46  ILE A CG2   1 
ATOM   362  C  CD1   . ILE A 1 47  ? -2.717  -6.266  12.083  1   24.82  ? 46  ILE A CD1   1 
ATOM   363  N  N     . ASP A 1 48  ? -2.625  -11.803 14.462  1   25.49  ? 47  ASP A N     1 
ATOM   364  C  CA    . ASP A 1 48  ? -1.853  -12.877 15.098  1   26.65  ? 47  ASP A CA    1 
ATOM   365  C  C     . ASP A 1 48  ? -1.987  -12.838 16.637  1   31.69  ? 47  ASP A C     1 
ATOM   366  O  O     . ASP A 1 48  ? -0.988  -12.803 17.366  1   32.48  ? 47  ASP A O     1 
ATOM   367  C  CB    . ASP A 1 48  ? -0.384  -12.834 14.617  1   27.87  ? 47  ASP A CB    1 
ATOM   368  C  CG    . ASP A 1 48  ? -0.242  -12.763 13.119  1   31.6   ? 47  ASP A CG    1 
ATOM   369  O  OD1   . ASP A 1 48  ? -1.018  -13.454 12.413  1   28.59  ? 47  ASP A OD1   1 
ATOM   370  O  OD2   . ASP A 1 48  ? 0.658   -12.029 12.645  1   36.44  ? 47  ASP A OD2   1 
ATOM   371  N  N     . GLY A 1 49  ? -3.238  -12.766 17.095  1   30.26  ? 48  GLY A N     1 
ATOM   372  C  CA    . GLY A 1 49  ? -3.619  -12.739 18.507  1   30.77  ? 48  GLY A CA    1 
ATOM   373  C  C     . GLY A 1 49  ? -3.253  -11.504 19.303  1   36     ? 48  GLY A C     1 
ATOM   374  O  O     . GLY A 1 49  ? -3.421  -11.489 20.527  1   36.76  ? 48  GLY A O     1 
ATOM   375  N  N     . GLU A 1 50  ? -2.759  -10.454 18.630  1   31.34  ? 49  GLU A N     1 
ATOM   376  C  CA    . GLU A 1 50  ? -2.349  -9.223  19.287  1   30.89  ? 49  GLU A CA    1 
ATOM   377  C  C     . GLU A 1 50  ? -3.233  -8.069  18.821  1   33.91  ? 49  GLU A C     1 
ATOM   378  O  O     . GLU A 1 50  ? -3.256  -7.746  17.636  1   33.23  ? 49  GLU A O     1 
ATOM   379  C  CB    . GLU A 1 50  ? -0.880  -8.936  18.973  1   32.57  ? 49  GLU A CB    1 
ATOM   380  C  CG    . GLU A 1 50  ? -0.223  -7.901  19.863  1   43.22  ? 49  GLU A CG    1 
ATOM   381  C  CD    . GLU A 1 50  ? 1.229   -7.639  19.517  1   70.19  ? 49  GLU A CD    1 
ATOM   382  O  OE1   . GLU A 1 50  ? 1.847   -8.462  18.803  1   62.94  ? 49  GLU A OE1   1 
ATOM   383  O  OE2   . GLU A 1 50  ? 1.746   -6.588  19.957  1   75.47  ? 49  GLU A OE2   1 
ATOM   384  N  N     . THR A 1 51  ? -3.950  -7.458  19.758  1   29.12  ? 50  THR A N     1 
ATOM   385  C  CA    . THR A 1 51  ? -4.831  -6.336  19.465  1   29.02  ? 50  THR A CA    1 
ATOM   386  C  C     . THR A 1 51  ? -3.961  -5.100  19.234  1   30.67  ? 50  THR A C     1 
ATOM   387  O  O     . THR A 1 51  ? -3.020  -4.838  19.994  1   29.05  ? 50  THR A O     1 
ATOM   388  C  CB    . THR A 1 51  ? -5.947  -6.224  20.517  1   38.97  ? 50  THR A CB    1 
ATOM   389  O  OG1   . THR A 1 51  ? -6.669  -7.464  20.521  1   37.48  ? 50  THR A OG1   1 
ATOM   390  C  CG2   . THR A 1 51  ? -6.931  -5.099  20.216  1   37.77  ? 50  THR A CG2   1 
ATOM   391  N  N     . CYS A 1 52  ? -4.238  -4.383  18.133  1   25.36  ? 51  CYS A N     1 
ATOM   392  C  CA    . CYS A 1 52  ? -3.447  -3.220  17.766  1   24.39  ? 51  CYS A CA    1 
ATOM   393  C  C     . CYS A 1 52  ? -4.265  -2.188  17.023  1   25.25  ? 51  CYS A C     1 
ATOM   394  O  O     . CYS A 1 52  ? -5.389  -2.455  16.584  1   23.72  ? 51  CYS A O     1 
ATOM   395  C  CB    . CYS A 1 52  ? -2.209  -3.633  16.968  1   24.73  ? 51  CYS A CB    1 
ATOM   396  S  SG    . CYS A 1 52  ? -2.580  -4.489  15.411  1   28.5   ? 51  CYS A SG    1 
ATOM   397  N  N     . LEU A 1 53  ? -3.688  -1.006  16.884  1   21.95  ? 52  LEU A N     1 
ATOM   398  C  CA    . LEU A 1 53  ? -4.310  0.083   16.156  1   21.65  ? 52  LEU A CA    1 
ATOM   399  C  C     . LEU A 1 53  ? -3.615  0.257   14.824  1   21.98  ? 52  LEU A C     1 
ATOM   400  O  O     . LEU A 1 53  ? -2.388  0.376   14.781  1   21.44  ? 52  LEU A O     1 
ATOM   401  C  CB    . LEU A 1 53  ? -4.247  1.396   16.977  1   22.77  ? 52  LEU A CB    1 
ATOM   402  C  CG    . LEU A 1 53  ? -5.205  1.450   18.183  1   29.68  ? 52  LEU A CG    1 
ATOM   403  C  CD1   . LEU A 1 53  ? -4.903  2.645   19.082  1   30.85  ? 52  LEU A CD1   1 
ATOM   404  C  CD2   . LEU A 1 53  ? -6.671  1.423   17.744  1   31.86  ? 52  LEU A CD2   1 
ATOM   405  N  N     . LEU A 1 54  ? -4.395  0.267   13.735  1   17.96  ? 53  LEU A N     1 
ATOM   406  C  CA    . LEU A 1 54  ? -3.826  0.573   12.426  1   16.92  ? 53  LEU A CA    1 
ATOM   407  C  C     . LEU A 1 54  ? -4.142  2.034   12.140  1   20.68  ? 53  LEU A C     1 
ATOM   408  O  O     . LEU A 1 54  ? -5.291  2.447   12.290  1   19.55  ? 53  LEU A O     1 
ATOM   409  C  CB    . LEU A 1 54  ? -4.384  -0.313  11.319  1   16.72  ? 53  LEU A CB    1 
ATOM   410  C  CG    . LEU A 1 54  ? -4.235  -1.812  11.501  1   20.6   ? 53  LEU A CG    1 
ATOM   411  C  CD1   . LEU A 1 54  ? -4.634  -2.524  10.246  1   20.97  ? 53  LEU A CD1   1 
ATOM   412  C  CD2   . LEU A 1 54  ? -2.790  -2.175  11.881  1   22.79  ? 53  LEU A CD2   1 
ATOM   413  N  N     . ASP A 1 55  ? -3.124  2.821   11.806  1   16.65  ? 54  ASP A N     1 
ATOM   414  C  CA    . ASP A 1 55  ? -3.318  4.233   11.462  1   16.25  ? 54  ASP A CA    1 
ATOM   415  C  C     . ASP A 1 55  ? -2.829  4.341   10.019  1   20.15  ? 54  ASP A C     1 
ATOM   416  O  O     . ASP A 1 55  ? -1.622  4.311   9.755   1   20.25  ? 54  ASP A O     1 
ATOM   417  C  CB    . ASP A 1 55  ? -2.516  5.127   12.400  1   18.57  ? 54  ASP A CB    1 
ATOM   418  C  CG    . ASP A 1 55  ? -2.661  6.607   12.111  1   27.2   ? 54  ASP A CG    1 
ATOM   419  O  OD1   . ASP A 1 55  ? -3.663  7.002   11.451  1   28.67  ? 54  ASP A OD1   1 
ATOM   420  O  OD2   . ASP A 1 55  ? -1.848  7.375   12.617  1   28.23  ? 54  ASP A OD2   1 
ATOM   421  N  N     . ILE A 1 56  ? -3.771  4.412   9.097   1   14.84  ? 55  ILE A N     1 
ATOM   422  C  CA    . ILE A 1 56  ? -3.481  4.293   7.671   1   13.83  ? 55  ILE A CA    1 
ATOM   423  C  C     . ILE A 1 56  ? -3.609  5.610   6.932   1   17     ? 55  ILE A C     1 
ATOM   424  O  O     . ILE A 1 56  ? -4.676  6.226   6.936   1   15.42  ? 55  ILE A O     1 
ATOM   425  C  CB    . ILE A 1 56  ? -4.368  3.163   7.058   1   16.29  ? 55  ILE A CB    1 
ATOM   426  C  CG1   . ILE A 1 56  ? -4.112  1.815   7.809   1   18.76  ? 55  ILE A CG1   1 
ATOM   427  C  CG2   . ILE A 1 56  ? -4.084  2.987   5.531   1   15.57  ? 55  ILE A CG2   1 
ATOM   428  C  CD1   . ILE A 1 56  ? -5.162  0.778   7.593   1   21.81  ? 55  ILE A CD1   1 
ATOM   429  N  N     . LEU A 1 57  ? -2.522  6.016   6.261   1   12.35  ? 56  LEU A N     1 
ATOM   430  C  CA    . LEU A 1 57  ? -2.564  7.231   5.476   1   11.71  ? 56  LEU A CA    1 
ATOM   431  C  C     . LEU A 1 57  ? -2.757  6.853   4.017   1   15.62  ? 56  LEU A C     1 
ATOM   432  O  O     . LEU A 1 57  ? -1.931  6.144   3.441   1   15.72  ? 56  LEU A O     1 
ATOM   433  C  CB    . LEU A 1 57  ? -1.318  8.087   5.636   1   11.07  ? 56  LEU A CB    1 
ATOM   434  C  CG    . LEU A 1 57  ? -1.355  9.366   4.771   1   14.99  ? 56  LEU A CG    1 
ATOM   435  C  CD1   . LEU A 1 57  ? -2.373  10.396  5.298   1   15.66  ? 56  LEU A CD1   1 
ATOM   436  C  CD2   . LEU A 1 57  ? -0.003  9.970   4.655   1   21.25  ? 56  LEU A CD2   1 
ATOM   437  N  N     . ASP A 1 58  ? -3.831  7.354   3.432   1   11.78  ? 57  ASP A N     1 
ATOM   438  C  CA    . ASP A 1 58  ? -4.152  7.132   2.031   1   11.89  ? 57  ASP A CA    1 
ATOM   439  C  C     . ASP A 1 58  ? -3.635  8.369   1.241   1   16.95  ? 57  ASP A C     1 
ATOM   440  O  O     . ASP A 1 58  ? -4.279  9.421   1.250   1   16.02  ? 57  ASP A O     1 
ATOM   441  C  CB    . ASP A 1 58  ? -5.675  6.944   1.890   1   14.93  ? 57  ASP A CB    1 
ATOM   442  C  CG    . ASP A 1 58  ? -6.156  6.916   0.461   1   15.28  ? 57  ASP A CG    1 
ATOM   443  O  OD1   . ASP A 1 58  ? -5.421  6.402   -0.398  1   17.31  ? 57  ASP A OD1   1 
ATOM   444  O  OD2   . ASP A 1 58  ? -7.292  7.412   0.200   1   16.3   ? 57  ASP A OD2   1 
ATOM   445  N  N     . THR A 1 59  ? -2.499  8.218   0.548   1   14.21  ? 58  THR A N     1 
ATOM   446  C  CA    . THR A 1 59  ? -1.823  9.308   -0.174  1   13.69  ? 58  THR A CA    1 
ATOM   447  C  C     . THR A 1 59  ? -2.516  9.736   -1.484  1   18.45  ? 58  THR A C     1 
ATOM   448  O  O     . THR A 1 59  ? -3.056  8.905   -2.224  1   17.19  ? 58  THR A O     1 
ATOM   449  C  CB    . THR A 1 59  ? -0.338  8.999   -0.400  1   13.3   ? 58  THR A CB    1 
ATOM   450  O  OG1   . THR A 1 59  ? -0.199  7.989   -1.424  1   14.67  ? 58  THR A OG1   1 
ATOM   451  C  CG2   . THR A 1 59  ? 0.379   8.619   0.899   1   12.52  ? 58  THR A CG2   1 
ATOM   452  N  N     . ALA A 1 60  ? -2.470  11.051  -1.781  1   16.81  ? 59  ALA A N     1 
ATOM   453  C  CA    . ALA A 1 60  ? -3.114  11.601  -2.988  1   16.99  ? 59  ALA A CA    1 
ATOM   454  C  C     . ALA A 1 60  ? -2.174  11.703  -4.203  1   22.24  ? 59  ALA A C     1 
ATOM   455  O  O     . ALA A 1 60  ? -2.655  11.790  -5.336  1   22.97  ? 59  ALA A O     1 
ATOM   456  C  CB    . ALA A 1 60  ? -3.715  12.964  -2.683  1   18.17  ? 59  ALA A CB    1 
ATOM   457  N  N     . GLY A 1 61  ? -0.864  11.749  -3.954  1   20.25  ? 60  GLY A N     1 
ATOM   458  C  CA    . GLY A 1 61  ? 0.139   11.826  -5.010  1   20.49  ? 60  GLY A CA    1 
ATOM   459  C  C     . GLY A 1 61  ? 1.104   12.992  -4.938  1   25.98  ? 60  GLY A C     1 
ATOM   460  O  O     . GLY A 1 61  ? 1.222   13.663  -3.910  1   25.2   ? 60  GLY A O     1 
ATOM   461  N  N     . GLN A 1 62  ? 1.818   13.217  -6.044  1   25.26  ? 61  GLN A N     1 
ATOM   462  C  CA    . GLN A 1 62  ? 2.873   14.222  -6.191  1   26.18  ? 61  GLN A CA    1 
ATOM   463  C  C     . GLN A 1 62  ? 2.417   15.678  -6.175  1   31.12  ? 61  GLN A C     1 
ATOM   464  O  O     . GLN A 1 62  ? 3.256   16.553  -5.918  1   31.69  ? 61  GLN A O     1 
ATOM   465  C  CB    . GLN A 1 62  ? 3.689   13.947  -7.474  1   27.74  ? 61  GLN A CB    1 
ATOM   466  C  CG    . GLN A 1 62  ? 5.199   14.062  -7.239  1   52.98  ? 61  GLN A CG    1 
ATOM   467  C  CD    . GLN A 1 62  ? 6.045   14.019  -8.498  1   79.71  ? 61  GLN A CD    1 
ATOM   468  O  OE1   . GLN A 1 62  ? 5.639   13.527  -9.562  1   74.96  ? 61  GLN A OE1   1 
ATOM   469  N  NE2   . GLN A 1 62  ? 7.270   14.517  -8.387  1   74.91  ? 61  GLN A NE2   1 
ATOM   470  N  N     . GLU A 1 63  ? 1.112   15.946  -6.428  1   26.98  ? 62  GLU A N     1 
ATOM   471  C  CA    . GLU A 1 63  ? 0.552   17.306  -6.513  1   26.97  ? 62  GLU A CA    1 
ATOM   472  C  C     . GLU A 1 63  ? 0.304   17.982  -5.141  1   29.36  ? 62  GLU A C     1 
ATOM   473  O  O     . GLU A 1 63  ? -0.797  18.478  -4.866  1   28.67  ? 62  GLU A O     1 
ATOM   474  C  CB    . GLU A 1 63  ? -0.716  17.342  -7.392  1   28.39  ? 62  GLU A CB    1 
ATOM   475  C  CG    . GLU A 1 63  ? -0.533  16.756  -8.794  1   37.04  ? 62  GLU A CG    1 
ATOM   476  C  CD    . GLU A 1 63  ? -0.570  15.239  -8.907  1   57.56  ? 62  GLU A CD    1 
ATOM   477  O  OE1   . GLU A 1 63  ? -1.016  14.567  -7.945  1   40.85  ? 62  GLU A OE1   1 
ATOM   478  O  OE2   . GLU A 1 63  ? -0.141  14.723  -9.964  1   50.89  ? 62  GLU A OE2   1 
ATOM   479  N  N     . GLU A 1 64  ? 1.353   18.035  -4.297  1   24.81  ? 63  GLU A N     1 
ATOM   480  C  CA    . GLU A 1 64  ? 1.350   18.717  -2.997  1   23.78  ? 63  GLU A CA    1 
ATOM   481  C  C     . GLU A 1 64  ? 2.790   19.024  -2.607  1   27.61  ? 63  GLU A C     1 
ATOM   482  O  O     . GLU A 1 64  ? 3.710   18.555  -3.296  1   25.41  ? 63  GLU A O     1 
ATOM   483  C  CB    . GLU A 1 64  ? 0.610   17.918  -1.907  1   25.09  ? 63  GLU A CB    1 
ATOM   484  C  CG    . GLU A 1 64  ? 1.189   16.546  -1.591  1   31.66  ? 63  GLU A CG    1 
ATOM   485  C  CD    . GLU A 1 64  ? 0.396   15.806  -0.530  1   35.97  ? 63  GLU A CD    1 
ATOM   486  O  OE1   . GLU A 1 64  ? -0.854  15.902  -0.545  1   28.15  ? 63  GLU A OE1   1 
ATOM   487  O  OE2   . GLU A 1 64  ? 1.028   15.158  0.335   1   19.95  ? 63  GLU A OE2   1 
ATOM   488  N  N     . TYR A 1 65  ? 2.993   19.797  -1.508  1   25.39  ? 64  TYR A N     1 
ATOM   489  C  CA    . TYR A 1 65  ? 4.332   20.203  -1.060  1   25.08  ? 64  TYR A CA    1 
ATOM   490  C  C     . TYR A 1 65  ? 5.214   19.036  -0.734  1   29.16  ? 64  TYR A C     1 
ATOM   491  O  O     . TYR A 1 65  ? 4.770   18.072  -0.096  1   27.65  ? 64  TYR A O     1 
ATOM   492  C  CB    . TYR A 1 65  ? 4.286   21.154  0.144   1   26.83  ? 64  TYR A CB    1 
ATOM   493  C  CG    . TYR A 1 65  ? 3.404   22.366  -0.041  1   28.33  ? 64  TYR A CG    1 
ATOM   494  C  CD1   . TYR A 1 65  ? 3.406   23.083  -1.239  1   30.22  ? 64  TYR A CD1   1 
ATOM   495  C  CD2   . TYR A 1 65  ? 2.595   22.825  0.991   1   28.84  ? 64  TYR A CD2   1 
ATOM   496  C  CE1   . TYR A 1 65  ? 2.599   24.206  -1.411  1   31.55  ? 64  TYR A CE1   1 
ATOM   497  C  CE2   . TYR A 1 65  ? 1.792   23.955  0.837   1   30.28  ? 64  TYR A CE2   1 
ATOM   498  C  CZ    . TYR A 1 65  ? 1.791   24.637  -0.369  1   38.26  ? 64  TYR A CZ    1 
ATOM   499  O  OH    . TYR A 1 65  ? 0.972   25.723  -0.536  1   38.34  ? 64  TYR A OH    1 
ATOM   500  N  N     . SER A 1 66  ? 6.482   19.133  -1.165  1   26.79  ? 65  SER A N     1 
ATOM   501  C  CA    . SER A 1 66  ? 7.491   18.109  -0.904  1   26.42  ? 65  SER A CA    1 
ATOM   502  C  C     . SER A 1 66  ? 7.624   17.900  0.588   1   27     ? 65  SER A C     1 
ATOM   503  O  O     . SER A 1 66  ? 7.821   16.758  1.002   1   25.3   ? 65  SER A O     1 
ATOM   504  C  CB    . SER A 1 66  ? 8.838   18.482  -1.525  1   29.55  ? 65  SER A CB    1 
ATOM   505  O  OG    . SER A 1 66  ? 9.353   19.672  -0.955  1   36.24  ? 65  SER A OG    1 
ATOM   506  N  N     . ALA A 1 67  ? 7.478   18.981  1.400   1   24.02  ? 66  ALA A N     1 
ATOM   507  C  CA    . ALA A 1 67  ? 7.532   18.879  2.853   1   23.09  ? 66  ALA A CA    1 
ATOM   508  C  C     . ALA A 1 67  ? 6.400   17.956  3.403   1   24.33  ? 66  ALA A C     1 
ATOM   509  O  O     . ALA A 1 67  ? 6.663   17.179  4.297   1   21.06  ? 66  ALA A O     1 
ATOM   510  C  CB    . ALA A 1 67  ? 7.482   20.253  3.501   1   24.34  ? 66  ALA A CB    1 
ATOM   511  N  N     . MET A 1 68  ? 5.209   17.960  2.793   1   21.79  ? 67  MET A N     1 
ATOM   512  C  CA    . MET A 1 68  ? 4.110   17.058  3.192   1   21.12  ? 67  MET A CA    1 
ATOM   513  C  C     . MET A 1 68  ? 4.429   15.589  2.876   1   23.26  ? 67  MET A C     1 
ATOM   514  O  O     . MET A 1 68  ? 4.167   14.721  3.709   1   22.71  ? 67  MET A O     1 
ATOM   515  C  CB    . MET A 1 68  ? 2.813   17.472  2.499   1   23.6   ? 67  MET A CB    1 
ATOM   516  C  CG    . MET A 1 68  ? 2.341   18.821  2.941   1   27.42  ? 67  MET A CG    1 
ATOM   517  S  SD    . MET A 1 68  ? 0.998   19.450  1.927   1   31.18  ? 67  MET A SD    1 
ATOM   518  C  CE    . MET A 1 68  ? -0.274  18.193  2.278   1   27.02  ? 67  MET A CE    1 
ATOM   519  N  N     . ARG A 1 69  ? 4.971   15.315  1.671   1   20.21  ? 68  ARG A N     1 
ATOM   520  C  CA    . ARG A 1 69  ? 5.342   13.967  1.231   1   19.24  ? 68  ARG A CA    1 
ATOM   521  C  C     . ARG A 1 69  ? 6.513   13.450  2.070   1   23.16  ? 68  ARG A C     1 
ATOM   522  O  O     . ARG A 1 69  ? 6.440   12.332  2.570   1   20.3   ? 68  ARG A O     1 
ATOM   523  C  CB    . ARG A 1 69  ? 5.666   13.952  -0.261  1   20.09  ? 68  ARG A CB    1 
ATOM   524  C  CG    . ARG A 1 69  ? 4.410   14.213  -1.110  1   30.21  ? 68  ARG A CG    1 
ATOM   525  C  CD    . ARG A 1 69  ? 4.702   14.234  -2.605  1   41.1   ? 68  ARG A CD    1 
ATOM   526  N  NE    . ARG A 1 69  ? 4.928   15.590  -3.101  1   43.36  ? 68  ARG A NE    1 
ATOM   527  C  CZ    . ARG A 1 69  ? 6.048   16.004  -3.687  1   54.97  ? 68  ARG A CZ    1 
ATOM   528  N  NH1   . ARG A 1 69  ? 7.065   15.170  -3.855  1   42.04  ? 68  ARG A NH1   1 
ATOM   529  N  NH2   . ARG A 1 69  ? 6.157   17.256  -4.110  1   36.9   ? 68  ARG A NH2   1 
ATOM   530  N  N     . ASP A 1 70  ? 7.546   14.292  2.306   1   20.65  ? 69  ASP A N     1 
ATOM   531  C  CA    . ASP A 1 70  ? 8.659   13.891  3.178   1   20.48  ? 69  ASP A CA    1 
ATOM   532  C  C     . ASP A 1 70  ? 8.184   13.613  4.610   1   22.09  ? 69  ASP A C     1 
ATOM   533  O  O     . ASP A 1 70  ? 8.680   12.665  5.232   1   20.96  ? 69  ASP A O     1 
ATOM   534  C  CB    . ASP A 1 70  ? 9.780   14.942  3.167   1   23.41  ? 69  ASP A CB    1 
ATOM   535  C  CG    . ASP A 1 70  ? 10.479  15.180  1.833   1   31.12  ? 69  ASP A CG    1 
ATOM   536  O  OD1   . ASP A 1 70  ? 10.216  14.418  0.869   1   30.48  ? 69  ASP A OD1   1 
ATOM   537  O  OD2   . ASP A 1 70  ? 11.259  16.145  1.743   1   41.99  ? 69  ASP A OD2   1 
ATOM   538  N  N     . GLN A 1 71  ? 7.203   14.412  5.125   1   17.35  ? 70  GLN A N     1 
ATOM   539  C  CA    . GLN A 1 71  ? 6.661   14.224  6.460   1   16.69  ? 70  GLN A CA    1 
ATOM   540  C  C     . GLN A 1 71  ? 6.022   12.845  6.605   1   20.38  ? 70  GLN A C     1 
ATOM   541  O  O     . GLN A 1 71  ? 6.263   12.182  7.609   1   19.07  ? 70  GLN A O     1 
ATOM   542  C  CB    . GLN A 1 71  ? 5.617   15.317  6.799   1   18.78  ? 70  GLN A CB    1 
ATOM   543  C  CG    . GLN A 1 71  ? 4.984   15.207  8.188   1   19.51  ? 70  GLN A CG    1 
ATOM   544  C  CD    . GLN A 1 71  ? 5.900   15.715  9.286   1   30.57  ? 70  GLN A CD    1 
ATOM   545  O  OE1   . GLN A 1 71  ? 6.951   16.317  9.027   1   26.28  ? 70  GLN A OE1   1 
ATOM   546  N  NE2   . GLN A 1 71  ? 5.512   15.495  10.538  1   23.11  ? 70  GLN A NE2   1 
ATOM   547  N  N     . TYR A 1 72  ? 5.154   12.441  5.646   1   17.92  ? 71  TYR A N     1 
ATOM   548  C  CA    . TYR A 1 72  ? 4.494   11.145  5.853   1   16.63  ? 71  TYR A CA    1 
ATOM   549  C  C     . TYR A 1 72  ? 5.439   9.983   5.587   1   19.51  ? 71  TYR A C     1 
ATOM   550  O  O     . TYR A 1 72  ? 5.260   8.920   6.159   1   19.86  ? 71  TYR A O     1 
ATOM   551  C  CB    . TYR A 1 72  ? 3.159   11.029  5.119   1   17.51  ? 71  TYR A CB    1 
ATOM   552  C  CG    . TYR A 1 72  ? 3.169   11.011  3.604   1   17.05  ? 71  TYR A CG    1 
ATOM   553  C  CD1   . TYR A 1 72  ? 3.711   9.936   2.900   1   18.19  ? 71  TYR A CD1   1 
ATOM   554  C  CD2   . TYR A 1 72  ? 2.497   11.992  2.875   1   17.7   ? 71  TYR A CD2   1 
ATOM   555  C  CE1   . TYR A 1 72  ? 3.693   9.901   1.502   1   15.55  ? 71  TYR A CE1   1 
ATOM   556  C  CE2   . TYR A 1 72  ? 2.407   11.929  1.485   1   17.77  ? 71  TYR A CE2   1 
ATOM   557  C  CZ    . TYR A 1 72  ? 3.030   10.896  0.803   1   22.02  ? 71  TYR A CZ    1 
ATOM   558  O  OH    . TYR A 1 72  ? 2.936   10.839  -0.557  1   18.53  ? 71  TYR A OH    1 
ATOM   559  N  N     . MET A 1 73  ? 6.461   10.181  4.758   1   17.43  ? 72  MET A N     1 
ATOM   560  C  CA    . MET A 1 73  ? 7.450   9.114   4.529   1   17.34  ? 72  MET A CA    1 
ATOM   561  C  C     . MET A 1 73  ? 8.338   8.914   5.751   1   22.89  ? 72  MET A C     1 
ATOM   562  O  O     . MET A 1 73  ? 8.723   7.784   6.035   1   22.57  ? 72  MET A O     1 
ATOM   563  C  CB    . MET A 1 73  ? 8.262   9.344   3.253   1   18.7   ? 72  MET A CB    1 
ATOM   564  C  CG    . MET A 1 73  ? 7.410   9.280   2.009   1   20.89  ? 72  MET A CG    1 
ATOM   565  S  SD    . MET A 1 73  ? 8.393   9.410   0.498   1   24.93  ? 72  MET A SD    1 
ATOM   566  C  CE    . MET A 1 73  ? 7.072   9.209   -0.743  1   23.54  ? 72  MET A CE    1 
ATOM   567  N  N     . ARG A 1 74  ? 8.594   9.992   6.524   1   19.06  ? 73  ARG A N     1 
ATOM   568  C  CA    . ARG A 1 74  ? 9.394   9.914   7.749   1   19.61  ? 73  ARG A CA    1 
ATOM   569  C  C     . ARG A 1 74  ? 8.558   9.314   8.907   1   21.39  ? 73  ARG A C     1 
ATOM   570  O  O     . ARG A 1 74  ? 9.068   8.495   9.673   1   22.57  ? 73  ARG A O     1 
ATOM   571  C  CB    . ARG A 1 74  ? 9.949   11.329  8.078   1   22.2   ? 73  ARG A CB    1 
ATOM   572  C  CG    . ARG A 1 74  ? 10.997  11.368  9.180   1   38.24  ? 73  ARG A CG    1 
ATOM   573  C  CD    . ARG A 1 74  ? 12.412  11.227  8.659   1   42.43  ? 73  ARG A CD    1 
ATOM   574  N  NE    . ARG A 1 74  ? 13.351  10.985  9.757   1   42.18  ? 73  ARG A NE    1 
ATOM   575  C  CZ    . ARG A 1 74  ? 14.636  10.680  9.602   1   58.62  ? 73  ARG A CZ    1 
ATOM   576  N  NH1   . ARG A 1 74  ? 15.406  10.474  10.663  1   49.37  ? 73  ARG A NH1   1 
ATOM   577  N  NH2   . ARG A 1 74  ? 15.162  10.585  8.386   1   44.17  ? 73  ARG A NH2   1 
ATOM   578  N  N     . THR A 1 75  ? 7.281   9.725   9.042   1   17.76  ? 74  THR A N     1 
ATOM   579  C  CA    . THR A 1 75  ? 6.376   9.253   10.098  1   17.42  ? 74  THR A CA    1 
ATOM   580  C  C     . THR A 1 75  ? 5.956   7.771   9.859   1   19.87  ? 74  THR A C     1 
ATOM   581  O  O     . THR A 1 75  ? 5.892   6.971   10.802  1   20.69  ? 74  THR A O     1 
ATOM   582  C  CB    . THR A 1 75  ? 5.143   10.201  10.190  1   25.97  ? 74  THR A CB    1 
ATOM   583  O  OG1   . THR A 1 75  ? 5.592   11.507  10.548  1   22.01  ? 74  THR A OG1   1 
ATOM   584  C  CG2   . THR A 1 75  ? 4.105   9.740   11.243  1   27.95  ? 74  THR A CG2   1 
ATOM   585  N  N     . GLY A 1 76  ? 5.661   7.444   8.606   1   17.7   ? 75  GLY A N     1 
ATOM   586  C  CA    . GLY A 1 76  ? 5.197   6.117   8.212   1   17.25  ? 75  GLY A CA    1 
ATOM   587  C  C     . GLY A 1 76  ? 6.199   5.038   8.607   1   20.48  ? 75  GLY A C     1 
ATOM   588  O  O     . GLY A 1 76  ? 7.407   5.207   8.420   1   19.99  ? 75  GLY A O     1 
ATOM   589  N  N     . GLU A 1 77  ? 5.700   3.950   9.181   1   17.28  ? 76  GLU A N     1 
ATOM   590  C  CA    . GLU A 1 77  ? 6.528   2.821   9.639   1   17.28  ? 76  GLU A CA    1 
ATOM   591  C  C     . GLU A 1 77  ? 6.619   1.738   8.571   1   20.39  ? 76  GLU A C     1 
ATOM   592  O  O     . GLU A 1 77  ? 7.554   0.938   8.572   1   19.64  ? 76  GLU A O     1 
ATOM   593  C  CB    . GLU A 1 77  ? 5.935   2.217   10.912  1   19.17  ? 76  GLU A CB    1 
ATOM   594  C  CG    . GLU A 1 77  ? 6.126   3.116   12.121  1   28.4   ? 76  GLU A CG    1 
ATOM   595  C  CD    . GLU A 1 77  ? 5.441   2.559   13.344  1   45.07  ? 76  GLU A CD    1 
ATOM   596  O  OE1   . GLU A 1 77  ? 4.191   2.593   13.391  1   24.91  ? 76  GLU A OE1   1 
ATOM   597  O  OE2   . GLU A 1 77  ? 6.147   1.985   14.201  1   54.22  ? 76  GLU A OE2   1 
ATOM   598  N  N     . GLY A 1 78  ? 5.592   1.668   7.731   1   16.57  ? 77  GLY A N     1 
ATOM   599  C  CA    . GLY A 1 78  ? 5.500   0.682   6.659   1   15.95  ? 77  GLY A CA    1 
ATOM   600  C  C     . GLY A 1 78  ? 4.720   1.220   5.489   1   17.6   ? 77  GLY A C     1 
ATOM   601  O  O     . GLY A 1 78  ? 3.821   2.050   5.669   1   17.66  ? 77  GLY A O     1 
ATOM   602  N  N     . PHE A 1 79  ? 5.053   0.732   4.273   1   14.5   ? 78  PHE A N     1 
ATOM   603  C  CA    . PHE A 1 79  ? 4.475   1.255   3.039   1   13.81  ? 78  PHE A CA    1 
ATOM   604  C  C     . PHE A 1 79  ? 3.895   0.188   2.149   1   16.49  ? 78  PHE A C     1 
ATOM   605  O  O     . PHE A 1 79  ? 4.558   -0.815  1.889   1   16.34  ? 78  PHE A O     1 
ATOM   606  C  CB    . PHE A 1 79  ? 5.556   2.061   2.283   1   15.1   ? 78  PHE A CB    1 
ATOM   607  C  CG    . PHE A 1 79  ? 6.077   3.228   3.105   1   15.57  ? 78  PHE A CG    1 
ATOM   608  C  CD1   . PHE A 1 79  ? 7.043   3.034   4.091   1   18.98  ? 78  PHE A CD1   1 
ATOM   609  C  CD2   . PHE A 1 79  ? 5.566   4.510   2.927   1   16.98  ? 78  PHE A CD2   1 
ATOM   610  C  CE1   . PHE A 1 79  ? 7.447   4.094   4.922   1   19.31  ? 78  PHE A CE1   1 
ATOM   611  C  CE2   . PHE A 1 79  ? 5.988   5.571   3.738   1   18.92  ? 78  PHE A CE2   1 
ATOM   612  C  CZ    . PHE A 1 79  ? 6.911   5.354   4.742   1   16.82  ? 78  PHE A CZ    1 
ATOM   613  N  N     . LEU A 1 80  ? 2.646   0.385   1.707   1   14.54  ? 79  LEU A N     1 
ATOM   614  C  CA    . LEU A 1 80  ? 2.016   -0.458  0.702   1   15.66  ? 79  LEU A CA    1 
ATOM   615  C  C     . LEU A 1 80  ? 2.318   0.239   -0.630  1   19.03  ? 79  LEU A C     1 
ATOM   616  O  O     . LEU A 1 80  ? 1.842   1.364   -0.879  1   17.56  ? 79  LEU A O     1 
ATOM   617  C  CB    . LEU A 1 80  ? 0.487   -0.538  0.889   1   17.68  ? 79  LEU A CB    1 
ATOM   618  C  CG    . LEU A 1 80  ? -0.142  -1.549  1.840   1   22.08  ? 79  LEU A CG    1 
ATOM   619  C  CD1   . LEU A 1 80  ? -1.544  -1.867  1.393   1   21.47  ? 79  LEU A CD1   1 
ATOM   620  C  CD2   . LEU A 1 80  ? 0.634   -2.875  1.952   1   23.61  ? 79  LEU A CD2   1 
ATOM   621  N  N     . CYS A 1 81  ? 3.142   -0.399  -1.470  1   15.02  ? 80  CYS A N     1 
ATOM   622  C  CA    . CYS A 1 81  ? 3.484   0.078   -2.804  1   16.22  ? 80  CYS A CA    1 
ATOM   623  C  C     . CYS A 1 81  ? 2.542   -0.589  -3.811  1   18.8   ? 80  CYS A C     1 
ATOM   624  O  O     . CYS A 1 81  ? 2.691   -1.768  -4.152  1   18.15  ? 80  CYS A O     1 
ATOM   625  C  CB    . CYS A 1 81  ? 4.945   -0.224  -3.103  1   17.79  ? 80  CYS A CB    1 
ATOM   626  S  SG    . CYS A 1 81  ? 6.082   0.729   -2.069  1   21.94  ? 80  CYS A SG    1 
ATOM   627  N  N     . VAL A 1 82  ? 1.524   0.162   -4.199  1   14.35  ? 81  VAL A N     1 
ATOM   628  C  CA    . VAL A 1 82  ? 0.428   -0.296  -5.018  1   13.92  ? 81  VAL A CA    1 
ATOM   629  C  C     . VAL A 1 82  ? 0.546   0.043   -6.506  1   16.09  ? 81  VAL A C     1 
ATOM   630  O  O     . VAL A 1 82  ? 0.722   1.217   -6.887  1   16.11  ? 81  VAL A O     1 
ATOM   631  C  CB    . VAL A 1 82  ? -0.954  0.198   -4.481  1   15.74  ? 81  VAL A CB    1 
ATOM   632  C  CG1   . VAL A 1 82  ? -2.088  -0.576  -5.143  1   15.25  ? 81  VAL A CG1   1 
ATOM   633  C  CG2   . VAL A 1 82  ? -1.059  0.053   -2.966  1   14.57  ? 81  VAL A CG2   1 
ATOM   634  N  N     . PHE A 1 83  ? 0.288   -0.981  -7.343  1   13     ? 82  PHE A N     1 
ATOM   635  C  CA    . PHE A 1 83  ? 0.174   -0.829  -8.780  1   12.04  ? 82  PHE A CA    1 
ATOM   636  C  C     . PHE A 1 83  ? -1.121  -1.576  -9.182  1   17.23  ? 82  PHE A C     1 
ATOM   637  O  O     . PHE A 1 83  ? -1.669  -2.324  -8.366  1   17.04  ? 82  PHE A O     1 
ATOM   638  C  CB    . PHE A 1 83  ? 1.432   -1.359  -9.507  1   13.94  ? 82  PHE A CB    1 
ATOM   639  C  CG    . PHE A 1 83  ? 1.562   -2.866  -9.558  1   14.48  ? 82  PHE A CG    1 
ATOM   640  C  CD1   . PHE A 1 83  ? 2.224   -3.556  -8.550  1   14.97  ? 82  PHE A CD1   1 
ATOM   641  C  CD2   . PHE A 1 83  ? 1.060   -3.590  -10.644 1   16.09  ? 82  PHE A CD2   1 
ATOM   642  C  CE1   . PHE A 1 83  ? 2.345   -4.952  -8.591  1   16.87  ? 82  PHE A CE1   1 
ATOM   643  C  CE2   . PHE A 1 83  ? 1.190   -4.979  -10.693 1   17.47  ? 82  PHE A CE2   1 
ATOM   644  C  CZ    . PHE A 1 83  ? 1.830   -5.653  -9.670  1   15.73  ? 82  PHE A CZ    1 
ATOM   645  N  N     . ALA A 1 84  ? -1.639  -1.347  -10.394 1   14.49  ? 83  ALA A N     1 
ATOM   646  C  CA    . ALA A 1 84  ? -2.842  -2.087  -10.828 1   14     ? 83  ALA A CA    1 
ATOM   647  C  C     . ALA A 1 84  ? -2.367  -3.126  -11.870 1   16.56  ? 83  ALA A C     1 
ATOM   648  O  O     . ALA A 1 84  ? -1.527  -2.803  -12.713 1   18.1   ? 83  ALA A O     1 
ATOM   649  C  CB    . ALA A 1 84  ? -3.877  -1.142  -11.433 1   15.48  ? 83  ALA A CB    1 
ATOM   650  N  N     . ILE A 1 85  ? -2.851  -4.374  -11.769 1   13.68  ? 84  ILE A N     1 
ATOM   651  C  CA    . ILE A 1 85  ? -2.415  -5.456  -12.677 1   14.21  ? 84  ILE A CA    1 
ATOM   652  C  C     . ILE A 1 85  ? -2.766  -5.200  -14.171 1   19.85  ? 84  ILE A C     1 
ATOM   653  O  O     . ILE A 1 85  ? -2.224  -5.879  -15.046 1   20.83  ? 84  ILE A O     1 
ATOM   654  C  CB    . ILE A 1 85  ? -2.903  -6.847  -12.197 1   15.89  ? 84  ILE A CB    1 
ATOM   655  C  CG1   . ILE A 1 85  ? -4.454  -6.923  -12.190 1   16.42  ? 84  ILE A CG1   1 
ATOM   656  C  CG2   . ILE A 1 85  ? -2.316  -7.150  -10.803 1   16.27  ? 84  ILE A CG2   1 
ATOM   657  C  CD1   . ILE A 1 85  ? -5.032  -8.125  -12.994 1   28.87  ? 84  ILE A CD1   1 
ATOM   658  N  N     . ASN A 1 86  ? -3.649  -4.227  -14.447 1   18.09  ? 85  ASN A N     1 
ATOM   659  C  CA    . ASN A 1 86  ? -4.067  -3.887  -15.818 1   19.62  ? 85  ASN A CA    1 
ATOM   660  C  C     . ASN A 1 86  ? -3.428  -2.562  -16.301 1   23.55  ? 85  ASN A C     1 
ATOM   661  O  O     . ASN A 1 86  ? -3.904  -1.970  -17.274 1   24.31  ? 85  ASN A O     1 
ATOM   662  C  CB    . ASN A 1 86  ? -5.596  -3.813  -15.873 1   19.95  ? 85  ASN A CB    1 
ATOM   663  C  CG    . ASN A 1 86  ? -6.167  -2.637  -15.110 1   32.41  ? 85  ASN A CG    1 
ATOM   664  O  OD1   . ASN A 1 86  ? -5.538  -2.110  -14.186 1   22.53  ? 85  ASN A OD1   1 
ATOM   665  N  ND2   . ASN A 1 86  ? -7.348  -2.160  -15.523 1   22.32  ? 85  ASN A ND2   1 
ATOM   666  N  N     . ASN A 1 87  ? -2.370  -2.104  -15.602 1   18.69  ? 86  ASN A N     1 
ATOM   667  C  CA    . ASN A 1 87  ? -1.659  -0.848  -15.875 1   18.74  ? 86  ASN A CA    1 
ATOM   668  C  C     . ASN A 1 87  ? -0.143  -0.985  -15.724 1   20.97  ? 86  ASN A C     1 
ATOM   669  O  O     . ASN A 1 87  ? 0.400   -0.872  -14.610 1   16.82  ? 86  ASN A O     1 
ATOM   670  C  CB    . ASN A 1 87  ? -2.216  0.291   -14.996 1   22.56  ? 86  ASN A CB    1 
ATOM   671  C  CG    . ASN A 1 87  ? -1.803  1.651   -15.505 1   40.25  ? 86  ASN A CG    1 
ATOM   672  O  OD1   . ASN A 1 87  ? -0.637  2.030   -15.441 1   30.14  ? 86  ASN A OD1   1 
ATOM   673  N  ND2   . ASN A 1 87  ? -2.729  2.363   -16.122 1   37.21  ? 86  ASN A ND2   1 
ATOM   674  N  N     . THR A 1 88  ? 0.563   -1.238  -16.868 1   18.7   ? 87  THR A N     1 
ATOM   675  C  CA    . THR A 1 88  ? 2.027   -1.422  -16.819 1   18.75  ? 87  THR A CA    1 
ATOM   676  C  C     . THR A 1 88  ? 2.775   -0.189  -16.335 1   20.96  ? 87  THR A C     1 
ATOM   677  O  O     . THR A 1 88  ? 3.794   -0.332  -15.666 1   21.59  ? 87  THR A O     1 
ATOM   678  C  CB    . THR A 1 88  ? 2.590   -1.927  -18.153 1   26.62  ? 87  THR A CB    1 
ATOM   679  O  OG1   . THR A 1 88  ? 2.042   -1.127  -19.197 1   32.64  ? 87  THR A OG1   1 
ATOM   680  C  CG2   . THR A 1 88  ? 2.247   -3.394  -18.403 1   25.57  ? 87  THR A CG2   1 
ATOM   681  N  N     . LYS A 1 89  ? 2.288   0.997   -16.684 1   20.32  ? 88  LYS A N     1 
ATOM   682  C  CA    . LYS A 1 89  ? 2.886   2.268   -16.252 1   22.08  ? 88  LYS A CA    1 
ATOM   683  C  C     . LYS A 1 89  ? 2.905   2.336   -14.706 1   23.81  ? 88  LYS A C     1 
ATOM   684  O  O     . LYS A 1 89  ? 3.945   2.654   -14.117 1   22.67  ? 88  LYS A O     1 
ATOM   685  C  CB    . LYS A 1 89  ? 2.130   3.462   -16.862 1   25.66  ? 88  LYS A CB    1 
ATOM   686  C  CG    . LYS A 1 89  ? 2.821   4.806   -16.609 1   46.39  ? 88  LYS A CG    1 
ATOM   687  C  CD    . LYS A 1 89  ? 2.117   5.956   -17.345 1   61.21  ? 88  LYS A CD    1 
ATOM   688  C  CE    . LYS A 1 89  ? 2.703   7.315   -17.024 1   74.72  ? 88  LYS A CE    1 
ATOM   689  N  NZ    . LYS A 1 89  ? 4.103   7.459   -17.509 1   86.34  ? 88  LYS A NZ    1 
ATOM   690  N  N     . SER A 1 90  ? 1.796   1.937   -14.064 1   19.05  ? 89  SER A N     1 
ATOM   691  C  CA    . SER A 1 90  ? 1.732   1.931   -12.605 1   18.65  ? 89  SER A CA    1 
ATOM   692  C  C     . SER A 1 90  ? 2.758   0.950   -12.007 1   21.24  ? 89  SER A C     1 
ATOM   693  O  O     . SER A 1 90  ? 3.329   1.245   -10.962 1   21.2   ? 89  SER A O     1 
ATOM   694  C  CB    . SER A 1 90  ? 0.307   1.652   -12.121 1   21.55  ? 89  SER A CB    1 
ATOM   695  O  OG    . SER A 1 90  ? -0.078  0.286   -12.207 1   20.2   ? 89  SER A OG    1 
ATOM   696  N  N     . PHE A 1 91  ? 3.026   -0.202  -12.695 1   16.29  ? 90  PHE A N     1 
ATOM   697  C  CA    . PHE A 1 91  ? 4.019   -1.183  -12.238 1   17.68  ? 90  PHE A CA    1 
ATOM   698  C  C     . PHE A 1 91  ? 5.456   -0.592  -12.418 1   23.55  ? 90  PHE A C     1 
ATOM   699  O  O     . PHE A 1 91  ? 6.276   -0.689  -11.504 1   22.86  ? 90  PHE A O     1 
ATOM   700  C  CB    . PHE A 1 91  ? 3.869   -2.519  -13.014 1   18.61  ? 90  PHE A CB    1 
ATOM   701  C  CG    . PHE A 1 91  ? 4.879   -3.575  -12.635 1   19.95  ? 90  PHE A CG    1 
ATOM   702  C  CD1   . PHE A 1 91  ? 4.817   -4.209  -11.399 1   20.34  ? 90  PHE A CD1   1 
ATOM   703  C  CD2   . PHE A 1 91  ? 5.896   -3.941  -13.518 1   22.7   ? 90  PHE A CD2   1 
ATOM   704  C  CE1   . PHE A 1 91  ? 5.750   -5.190  -11.045 1   22.2   ? 90  PHE A CE1   1 
ATOM   705  C  CE2   . PHE A 1 91  ? 6.830   -4.932  -13.169 1   24.93  ? 90  PHE A CE2   1 
ATOM   706  C  CZ    . PHE A 1 91  ? 6.760   -5.541  -11.932 1   22.74  ? 90  PHE A CZ    1 
ATOM   707  N  N     . GLU A 1 92  ? 5.707   0.073   -13.559 1   24.58  ? 91  GLU A N     1 
ATOM   708  C  CA    . GLU A 1 92  ? 6.991   0.720   -13.872 1   25.78  ? 91  GLU A CA    1 
ATOM   709  C  C     . GLU A 1 92  ? 7.329   1.845   -12.869 1   30.29  ? 91  GLU A C     1 
ATOM   710  O  O     . GLU A 1 92  ? 8.507   2.087   -12.610 1   30.97  ? 91  GLU A O     1 
ATOM   711  C  CB    . GLU A 1 92  ? 6.977   1.256   -15.308 1   27.76  ? 91  GLU A CB    1 
ATOM   712  C  CG    . GLU A 1 92  ? 7.270   0.179   -16.346 1   41.64  ? 91  GLU A CG    1 
ATOM   713  C  CD    . GLU A 1 92  ? 6.737   0.406   -17.751 1   65.33  ? 91  GLU A CD    1 
ATOM   714  O  OE1   . GLU A 1 92  ? 6.302   1.539   -18.067 1   51.85  ? 91  GLU A OE1   1 
ATOM   715  O  OE2   . GLU A 1 92  ? 6.779   -0.558  -18.549 1   60.98  ? 91  GLU A OE2   1 
ATOM   716  N  N     . ASP A 1 93  ? 6.292   2.479   -12.276 1   25.9   ? 92  ASP A N     1 
ATOM   717  C  CA    . ASP A 1 93  ? 6.383   3.567   -11.288 1   24.78  ? 92  ASP A CA    1 
ATOM   718  C  C     . ASP A 1 93  ? 6.827   3.134   -9.903  1   25.88  ? 92  ASP A C     1 
ATOM   719  O  O     . ASP A 1 93  ? 7.314   3.974   -9.143  1   24.55  ? 92  ASP A O     1 
ATOM   720  C  CB    . ASP A 1 93  ? 5.023   4.267   -11.147 1   26.93  ? 92  ASP A CB    1 
ATOM   721  C  CG    . ASP A 1 93  ? 4.598   5.175   -12.285 1   36.97  ? 92  ASP A CG    1 
ATOM   722  O  OD1   . ASP A 1 93  ? 5.446   5.488   -13.148 1   37.84  ? 92  ASP A OD1   1 
ATOM   723  O  OD2   . ASP A 1 93  ? 3.416   5.581   -12.306 1   42.46  ? 92  ASP A OD2   1 
ATOM   724  N  N     . ILE A 1 94  ? 6.613   1.843   -9.535  1   20.73  ? 93  ILE A N     1 
ATOM   725  C  CA    . ILE A 1 94  ? 6.920   1.314   -8.203  1   20.35  ? 93  ILE A CA    1 
ATOM   726  C  C     . ILE A 1 94  ? 8.327   1.694   -7.713  1   26.86  ? 93  ILE A C     1 
ATOM   727  O  O     . ILE A 1 94  ? 8.461   2.160   -6.580  1   23.72  ? 93  ILE A O     1 
ATOM   728  C  CB    . ILE A 1 94  ? 6.663   -0.215  -8.123  1   21.73  ? 93  ILE A CB    1 
ATOM   729  C  CG1   . ILE A 1 94  ? 5.150   -0.534  -8.255  1   20.32  ? 93  ILE A CG1   1 
ATOM   730  C  CG2   . ILE A 1 94  ? 7.302   -0.851  -6.870  1   24.11  ? 93  ILE A CG2   1 
ATOM   731  C  CD1   . ILE A 1 94  ? 4.184   0.099   -7.063  1   19.03  ? 93  ILE A CD1   1 
ATOM   732  N  N     . HIS A 1 95  ? 9.363   1.496   -8.566  1   26.47  ? 94  HIS A N     1 
ATOM   733  C  CA    . HIS A 1 95  ? 10.736  1.794   -8.168  1   28.13  ? 94  HIS A CA    1 
ATOM   734  C  C     . HIS A 1 95  ? 10.892  3.259   -7.742  1   29.61  ? 94  HIS A C     1 
ATOM   735  O  O     . HIS A 1 95  ? 11.633  3.504   -6.794  1   29.45  ? 94  HIS A O     1 
ATOM   736  C  CB    . HIS A 1 95  ? 11.757  1.353   -9.239  1   30.69  ? 94  HIS A CB    1 
ATOM   737  C  CG    . HIS A 1 95  ? 11.910  2.302   -10.381 1   35.88  ? 94  HIS A CG    1 
ATOM   738  N  ND1   . HIS A 1 95  ? 11.074  2.251   -11.475 1   38.74  ? 94  HIS A ND1   1 
ATOM   739  C  CD2   . HIS A 1 95  ? 12.817  3.288   -10.568 1   39     ? 94  HIS A CD2   1 
ATOM   740  C  CE1   . HIS A 1 95  ? 11.495  3.205   -12.292 1   38.46  ? 94  HIS A CE1   1 
ATOM   741  N  NE2   . HIS A 1 95  ? 12.544  3.850   -11.789 1   38.8   ? 94  HIS A NE2   1 
ATOM   742  N  N     . HIS A 1 96  ? 10.148  4.202   -8.375  1   26.03  ? 95  HIS A N     1 
ATOM   743  C  CA    . HIS A 1 96  ? 10.175  5.628   -8.005  1   27.71  ? 95  HIS A CA    1 
ATOM   744  C  C     . HIS A 1 96  ? 9.692   5.846   -6.558  1   27.23  ? 95  HIS A C     1 
ATOM   745  O  O     . HIS A 1 96  ? 10.371  6.528   -5.799  1   25.34  ? 95  HIS A O     1 
ATOM   746  C  CB    . HIS A 1 96  ? 9.398   6.513   -9.003  1   30.46  ? 95  HIS A CB    1 
ATOM   747  C  CG    . HIS A 1 96  ? 9.972   6.503   -10.391 1   36.17  ? 95  HIS A CG    1 
ATOM   748  N  ND1   . HIS A 1 96  ? 11.299  6.868   -10.636 1   39.04  ? 95  HIS A ND1   1 
ATOM   749  C  CD2   . HIS A 1 96  ? 9.389   6.163   -11.566 1   39.45  ? 95  HIS A CD2   1 
ATOM   750  C  CE1   . HIS A 1 96  ? 11.471  6.734   -11.943 1   39.13  ? 95  HIS A CE1   1 
ATOM   751  N  NE2   . HIS A 1 96  ? 10.353  6.311   -12.548 1   39.66  ? 95  HIS A NE2   1 
ATOM   752  N  N     . TYR A 1 97  ? 8.573   5.196   -6.159  1   21.72  ? 96  TYR A N     1 
ATOM   753  C  CA    . TYR A 1 97  ? 8.042   5.278   -4.790  1   19.59  ? 96  TYR A CA    1 
ATOM   754  C  C     . TYR A 1 97  ? 9.010   4.674   -3.763  1   23.32  ? 96  TYR A C     1 
ATOM   755  O  O     . TYR A 1 97  ? 9.257   5.287   -2.716  1   22.9   ? 96  TYR A O     1 
ATOM   756  C  CB    . TYR A 1 97  ? 6.623   4.633   -4.699  1   19.32  ? 96  TYR A CB    1 
ATOM   757  C  CG    . TYR A 1 97  ? 5.596   5.378   -5.523  1   19.32  ? 96  TYR A CG    1 
ATOM   758  C  CD1   . TYR A 1 97  ? 5.032   6.569   -5.062  1   21.34  ? 96  TYR A CD1   1 
ATOM   759  C  CD2   . TYR A 1 97  ? 5.261   4.954   -6.808  1   20.02  ? 96  TYR A CD2   1 
ATOM   760  C  CE1   . TYR A 1 97  ? 4.130   7.293   -5.840  1   20.98  ? 96  TYR A CE1   1 
ATOM   761  C  CE2   . TYR A 1 97  ? 4.347   5.661   -7.589  1   21.59  ? 96  TYR A CE2   1 
ATOM   762  C  CZ    . TYR A 1 97  ? 3.816   6.853   -7.118  1   28.15  ? 96  TYR A CZ    1 
ATOM   763  O  OH    . TYR A 1 97  ? 2.944   7.569   -7.905  1   26.5   ? 96  TYR A OH    1 
ATOM   764  N  N     . ARG A 1 98  ? 9.573   3.484   -4.070  1   20.72  ? 97  ARG A N     1 
ATOM   765  C  CA    . ARG A 1 98  ? 10.519  2.776   -3.212  1   21.48  ? 97  ARG A CA    1 
ATOM   766  C  C     . ARG A 1 98  ? 11.763  3.646   -2.944  1   26.22  ? 97  ARG A C     1 
ATOM   767  O  O     . ARG A 1 98  ? 12.188  3.789   -1.784  1   23.29  ? 97  ARG A O     1 
ATOM   768  C  CB    . ARG A 1 98  ? 10.886  1.419   -3.851  1   24.57  ? 97  ARG A CB    1 
ATOM   769  C  CG    . ARG A 1 98  ? 12.100  0.752   -3.231  1   31.24  ? 97  ARG A CG    1 
ATOM   770  C  CD    . ARG A 1 98  ? 11.849  -0.683  -2.890  1   40.37  ? 97  ARG A CD    1 
ATOM   771  N  NE    . ARG A 1 98  ? 13.053  -1.305  -2.344  1   42.71  ? 97  ARG A NE    1 
ATOM   772  C  CZ    . ARG A 1 98  ? 13.136  -1.801  -1.117  1   54.48  ? 97  ARG A CZ    1 
ATOM   773  N  NH1   . ARG A 1 98  ? 12.082  -1.768  -0.308  1   35.66  ? 97  ARG A NH1   1 
ATOM   774  N  NH2   . ARG A 1 98  ? 14.268  -2.350  -0.692  1   41.93  ? 97  ARG A NH2   1 
ATOM   775  N  N     . GLU A 1 99  ? 12.309  4.232   -4.028  1   26.55  ? 98  GLU A N     1 
ATOM   776  C  CA    . GLU A 1 99  ? 13.492  5.120   -4.012  1   27.91  ? 98  GLU A CA    1 
ATOM   777  C  C     . GLU A 1 99  ? 13.267  6.346   -3.133  1   30.44  ? 98  GLU A C     1 
ATOM   778  O  O     . GLU A 1 99  ? 14.092  6.603   -2.257  1   30.4   ? 98  GLU A O     1 
ATOM   779  C  CB    . GLU A 1 99  ? 13.904  5.523   -5.435  1   29.73  ? 98  GLU A CB    1 
ATOM   780  C  CG    . GLU A 1 99  ? 14.800  4.491   -6.105  1   43.95  ? 98  GLU A CG    1 
ATOM   781  C  CD    . GLU A 1 99  ? 14.662  4.361   -7.614  1   64.42  ? 98  GLU A CD    1 
ATOM   782  O  OE1   . GLU A 1 99  ? 14.436  5.391   -8.292  1   56.54  ? 98  GLU A OE1   1 
ATOM   783  O  OE2   . GLU A 1 99  ? 14.811  3.225   -8.121  1   57.12  ? 98  GLU A OE2   1 
ATOM   784  N  N     . GLN A 1 100 ? 12.134  7.060   -3.329  1   25.2   ? 99  GLN A N     1 
ATOM   785  C  CA    . GLN A 1 100 ? 11.744  8.231   -2.533  1   22.85  ? 99  GLN A CA    1 
ATOM   786  C  C     . GLN A 1 100 ? 11.629  7.897   -1.046  1   23.89  ? 99  GLN A C     1 
ATOM   787  O  O     . GLN A 1 100 ? 12.074  8.697   -0.228  1   23.29  ? 99  GLN A O     1 
ATOM   788  C  CB    . GLN A 1 100 ? 10.433  8.862   -3.031  1   23.81  ? 99  GLN A CB    1 
ATOM   789  C  CG    . GLN A 1 100 ? 10.522  9.559   -4.383  1   43.11  ? 99  GLN A CG    1 
ATOM   790  C  CD    . GLN A 1 100 ? 9.164   10.005  -4.870  1   72.6   ? 99  GLN A CD    1 
ATOM   791  O  OE1   . GLN A 1 100 ? 8.274   9.192   -5.155  1   69.78  ? 99  GLN A OE1   1 
ATOM   792  N  NE2   . GLN A 1 100 ? 8.980   11.311  -5.004  1   69.2   ? 99  GLN A NE2   1 
ATOM   793  N  N     . ILE A 1 101 ? 11.002  6.745   -0.686  1   18.8   ? 100 ILE A N     1 
ATOM   794  C  CA    . ILE A 1 101 ? 10.868  6.350   0.726   1   18.67  ? 100 ILE A CA    1 
ATOM   795  C  C     . ILE A 1 101 ? 12.254  6.106   1.365   1   23.24  ? 100 ILE A C     1 
ATOM   796  O  O     . ILE A 1 101 ? 12.512  6.581   2.472   1   22.94  ? 100 ILE A O     1 
ATOM   797  C  CB    . ILE A 1 101 ? 9.939   5.127   0.891   1   20.27  ? 100 ILE A CB    1 
ATOM   798  C  CG1   . ILE A 1 101 ? 8.481   5.490   0.501   1   20.58  ? 100 ILE A CG1   1 
ATOM   799  C  CG2   . ILE A 1 101 ? 9.994   4.585   2.331   1   20.92  ? 100 ILE A CG2   1 
ATOM   800  C  CD1   . ILE A 1 101 ? 7.662   4.259   0.025   1   22.94  ? 100 ILE A CD1   1 
ATOM   801  N  N     . LYS A 1 102 ? 13.118  5.367   0.654   1   22.81  ? 101 LYS A N     1 
ATOM   802  C  CA    . LYS A 1 102 ? 14.481  5.026   1.069   1   23.92  ? 101 LYS A CA    1 
ATOM   803  C  C     . LYS A 1 102 ? 15.320  6.294   1.310   1   28.85  ? 101 LYS A C     1 
ATOM   804  O  O     . LYS A 1 102 ? 15.989  6.375   2.342   1   28.75  ? 101 LYS A O     1 
ATOM   805  C  CB    . LYS A 1 102 ? 15.135  4.095   0.050   1   26.32  ? 101 LYS A CB    1 
ATOM   806  C  CG    . LYS A 1 102 ? 14.796  2.621   0.307   1   35.44  ? 101 LYS A CG    1 
ATOM   807  C  CD    . LYS A 1 102 ? 14.973  1.748   -0.945  1   50.06  ? 101 LYS A CD    1 
ATOM   808  C  CE    . LYS A 1 102 ? 16.404  1.313   -1.210  1   63.41  ? 101 LYS A CE    1 
ATOM   809  N  NZ    . LYS A 1 102 ? 16.500  0.395   -2.382  1   69.84  ? 101 LYS A NZ    1 
ATOM   810  N  N     . ARG A 1 103 ? 15.201  7.300   0.419   1   26.61  ? 102 ARG A N     1 
ATOM   811  C  CA    . ARG A 1 103 ? 15.896  8.605   0.536   1   27.08  ? 102 ARG A CA    1 
ATOM   812  C  C     . ARG A 1 103 ? 15.497  9.345   1.819   1   29.99  ? 102 ARG A C     1 
ATOM   813  O  O     . ARG A 1 103 ? 16.361  9.784   2.587   1   28.05  ? 102 ARG A O     1 
ATOM   814  C  CB    . ARG A 1 103 ? 15.554  9.524   -0.649  1   28.88  ? 102 ARG A CB    1 
ATOM   815  C  CG    . ARG A 1 103 ? 16.072  9.074   -1.999  1   41.96  ? 102 ARG A CG    1 
ATOM   816  C  CD    . ARG A 1 103 ? 15.879  10.170  -3.034  1   38.96  ? 102 ARG A CD    1 
ATOM   817  N  NE    . ARG A 1 103 ? 15.276  9.728   -4.297  1   50.81  ? 102 ARG A NE    1 
ATOM   818  C  CZ    . ARG A 1 103 ? 15.839  8.907   -5.186  1   73.51  ? 102 ARG A CZ    1 
ATOM   819  N  NH1   . ARG A 1 103 ? 17.020  8.350   -4.934  1   59.92  ? 102 ARG A NH1   1 
ATOM   820  N  NH2   . ARG A 1 103 ? 15.207  8.601   -6.309  1   68.65  ? 102 ARG A NH2   1 
ATOM   821  N  N     . VAL A 1 104 ? 14.169  9.499   2.030   1   24.93  ? 103 VAL A N     1 
ATOM   822  C  CA    . VAL A 1 104 ? 13.591  10.208  3.163   1   24.08  ? 103 VAL A CA    1 
ATOM   823  C  C     . VAL A 1 104 ? 13.946  9.516   4.473   1   29.34  ? 103 VAL A C     1 
ATOM   824  O  O     . VAL A 1 104 ? 14.341  10.185  5.425   1   29.08  ? 103 VAL A O     1 
ATOM   825  C  CB    . VAL A 1 104 ? 12.050  10.415  3.013   1   26.96  ? 103 VAL A CB    1 
ATOM   826  C  CG1   . VAL A 1 104 ? 11.442  10.991  4.294   1   26.27  ? 103 VAL A CG1   1 
ATOM   827  C  CG2   . VAL A 1 104 ? 11.702  11.295  1.805   1   26.35  ? 103 VAL A CG2   1 
ATOM   828  N  N     . LYS A 1 105 ? 13.794  8.179   4.520   1   25.94  ? 104 LYS A N     1 
ATOM   829  C  CA    . LYS A 1 105 ? 14.042  7.392   5.729   1   26.46  ? 104 LYS A CA    1 
ATOM   830  C  C     . LYS A 1 105 ? 15.535  7.145   5.980   1   32.99  ? 104 LYS A C     1 
ATOM   831  O  O     . LYS A 1 105 ? 15.909  6.809   7.108   1   33.64  ? 104 LYS A O     1 
ATOM   832  C  CB    . LYS A 1 105 ? 13.215  6.089   5.716   1   28.4   ? 104 LYS A CB    1 
ATOM   833  C  CG    . LYS A 1 105 ? 11.706  6.417   5.728   1   27.15  ? 104 LYS A CG    1 
ATOM   834  C  CD    . LYS A 1 105 ? 10.777  5.262   6.141   1   26.26  ? 104 LYS A CD    1 
ATOM   835  C  CE    . LYS A 1 105 ? 10.781  4.982   7.624   1   25.22  ? 104 LYS A CE    1 
ATOM   836  N  NZ    . LYS A 1 105 ? 10.067  6.004   8.426   1   23.16  ? 104 LYS A NZ    1 
ATOM   837  N  N     . ASP A 1 106 ? 16.388  7.373   4.955   1   31.72  ? 105 ASP A N     1 
ATOM   838  C  CA    . ASP A 1 106 ? 17.845  7.186   5.027   1   32.58  ? 105 ASP A CA    1 
ATOM   839  C  C     . ASP A 1 106 ? 18.113  5.771   5.591   1   38.69  ? 105 ASP A C     1 
ATOM   840  O  O     . ASP A 1 106 ? 18.775  5.602   6.623   1   37.67  ? 105 ASP A O     1 
ATOM   841  C  CB    . ASP A 1 106 ? 18.512  8.322   5.856   1   34.13  ? 105 ASP A CB    1 
ATOM   842  C  CG    . ASP A 1 106 ? 20.043  8.331   5.875   1   44.02  ? 105 ASP A CG    1 
ATOM   843  O  OD1   . ASP A 1 106 ? 20.653  7.875   4.885   1   43.21  ? 105 ASP A OD1   1 
ATOM   844  O  OD2   . ASP A 1 106 ? 20.625  8.825   6.870   1   50.47  ? 105 ASP A OD2   1 
ATOM   845  N  N     . SER A 1 107 ? 17.486  4.763   4.939   1   35.87  ? 106 SER A N     1 
ATOM   846  C  CA    . SER A 1 107 ? 17.537  3.354   5.346   1   36.13  ? 106 SER A CA    1 
ATOM   847  C  C     . SER A 1 107 ? 17.311  2.441   4.153   1   41.38  ? 106 SER A C     1 
ATOM   848  O  O     . SER A 1 107 ? 16.419  2.687   3.334   1   40.19  ? 106 SER A O     1 
ATOM   849  C  CB    . SER A 1 107 ? 16.485  3.072   6.419   1   39.61  ? 106 SER A CB    1 
ATOM   850  O  OG    . SER A 1 107 ? 16.400  1.698   6.766   1   47.58  ? 106 SER A OG    1 
ATOM   851  N  N     . GLU A 1 108 ? 18.117  1.371   4.067   1   39.36  ? 107 GLU A N     1 
ATOM   852  C  CA    . GLU A 1 108 ? 18.017  0.379   2.998   1   39.64  ? 107 GLU A CA    1 
ATOM   853  C  C     . GLU A 1 108 ? 17.013  -0.715  3.373   1   43.35  ? 107 GLU A C     1 
ATOM   854  O  O     . GLU A 1 108 ? 16.665  -1.546  2.535   1   44.43  ? 107 GLU A O     1 
ATOM   855  C  CB    . GLU A 1 108 ? 19.401  -0.224  2.677   1   41.15  ? 107 GLU A CB    1 
ATOM   856  C  CG    . GLU A 1 108 ? 20.299  0.695   1.861   1   54.2   ? 107 GLU A CG    1 
ATOM   857  C  CD    . GLU A 1 108 ? 19.812  1.039   0.464   1   79.79  ? 107 GLU A CD    1 
ATOM   858  O  OE1   . GLU A 1 108 ? 19.427  0.109   -0.284  1   70.87  ? 107 GLU A OE1   1 
ATOM   859  O  OE2   . GLU A 1 108 ? 19.832  2.241   0.113   1   80.61  ? 107 GLU A OE2   1 
ATOM   860  N  N     . ASP A 1 109 ? 16.538  -0.698  4.629   1   38.31  ? 108 ASP A N     1 
ATOM   861  C  CA    . ASP A 1 109 ? 15.596  -1.682  5.133   1   37.63  ? 108 ASP A CA    1 
ATOM   862  C  C     . ASP A 1 109 ? 14.350  -1.024  5.731   1   36.75  ? 108 ASP A C     1 
ATOM   863  O  O     . ASP A 1 109 ? 14.285  -0.768  6.938   1   38.01  ? 108 ASP A O     1 
ATOM   864  C  CB    . ASP A 1 109 ? 16.280  -2.622  6.139   1   40.24  ? 108 ASP A CB    1 
ATOM   865  C  CG    . ASP A 1 109 ? 15.584  -3.954  6.240   1   55.28  ? 108 ASP A CG    1 
ATOM   866  O  OD1   . ASP A 1 109 ? 14.574  -4.039  6.970   1   57.7   ? 108 ASP A OD1   1 
ATOM   867  O  OD2   . ASP A 1 109 ? 16.031  -4.909  5.569   1   65.46  ? 108 ASP A OD2   1 
ATOM   868  N  N     . VAL A 1 110 ? 13.377  -0.726  4.872   1   26.48  ? 109 VAL A N     1 
ATOM   869  C  CA    . VAL A 1 110 ? 12.112  -0.114  5.297   1   21.55  ? 109 VAL A CA    1 
ATOM   870  C  C     . VAL A 1 110 ? 11.005  -1.170  5.098   1   21.52  ? 109 VAL A C     1 
ATOM   871  O  O     . VAL A 1 110 ? 10.912  -1.740  4.004   1   20.12  ? 109 VAL A O     1 
ATOM   872  C  CB    . VAL A 1 110 ? 11.797  1.196   4.504   1   22.46  ? 109 VAL A CB    1 
ATOM   873  C  CG1   . VAL A 1 110 ? 10.421  1.753   4.862   1   20.92  ? 109 VAL A CG1   1 
ATOM   874  C  CG2   . VAL A 1 110 ? 12.878  2.254   4.724   1   21.52  ? 109 VAL A CG2   1 
ATOM   875  N  N     . PRO A 1 111 ? 10.141  -1.422  6.114   1   17.6   ? 110 PRO A N     1 
ATOM   876  C  CA    . PRO A 1 111 ? 9.051   -2.403  5.917   1   16.35  ? 110 PRO A CA    1 
ATOM   877  C  C     . PRO A 1 111 ? 8.130   -1.973  4.764   1   18.07  ? 110 PRO A C     1 
ATOM   878  O  O     . PRO A 1 111 ? 7.659   -0.830  4.719   1   15.16  ? 110 PRO A O     1 
ATOM   879  C  CB    . PRO A 1 111 ? 8.330   -2.421  7.274   1   17.85  ? 110 PRO A CB    1 
ATOM   880  C  CG    . PRO A 1 111 ? 9.318   -1.864  8.256   1   21.9   ? 110 PRO A CG    1 
ATOM   881  C  CD    . PRO A 1 111 ? 10.150  -0.884  7.491   1   18.35  ? 110 PRO A CD    1 
ATOM   882  N  N     . MET A 1 112 ? 7.993   -2.847  3.755   1   16.44  ? 111 MET A N     1 
ATOM   883  C  CA    . MET A 1 112 ? 7.171   -2.549  2.577   1   16.09  ? 111 MET A CA    1 
ATOM   884  C  C     . MET A 1 112 ? 6.481   -3.821  2.077   1   19.31  ? 111 MET A C     1 
ATOM   885  O  O     . MET A 1 112 ? 6.980   -4.923  2.318   1   17.33  ? 111 MET A O     1 
ATOM   886  C  CB    . MET A 1 112 ? 8.027   -2.012  1.415   1   17.83  ? 111 MET A CB    1 
ATOM   887  C  CG    . MET A 1 112 ? 8.668   -0.650  1.647   1   22.49  ? 111 MET A CG    1 
ATOM   888  S  SD    . MET A 1 112 ? 9.163   0.150   0.092   1   26.56  ? 111 MET A SD    1 
ATOM   889  C  CE    . MET A 1 112 ? 10.387  1.295   0.737   1   24.68  ? 111 MET A CE    1 
ATOM   890  N  N     . VAL A 1 113 ? 5.371   -3.662  1.313   1   15.81  ? 112 VAL A N     1 
ATOM   891  C  CA    . VAL A 1 113 ? 4.685   -4.782  0.637   1   15.48  ? 112 VAL A CA    1 
ATOM   892  C  C     . VAL A 1 113 ? 4.350   -4.320  -0.790  1   19.31  ? 112 VAL A C     1 
ATOM   893  O  O     . VAL A 1 113 ? 3.802   -3.216  -0.990  1   18.67  ? 112 VAL A O     1 
ATOM   894  C  CB    . VAL A 1 113 ? 3.436   -5.376  1.378   1   18.78  ? 112 VAL A CB    1 
ATOM   895  C  CG1   . VAL A 1 113 ? 2.712   -6.429  0.510   1   18.65  ? 112 VAL A CG1   1 
ATOM   896  C  CG2   . VAL A 1 113 ? 3.804   -5.990  2.740   1   18.71  ? 112 VAL A CG2   1 
ATOM   897  N  N     . LEU A 1 114 ? 4.685   -5.148  -1.797  1   16.37  ? 113 LEU A N     1 
ATOM   898  C  CA    . LEU A 1 114 ? 4.286   -4.846  -3.157  1   15.03  ? 113 LEU A CA    1 
ATOM   899  C  C     . LEU A 1 114 ? 2.841   -5.358  -3.362  1   17.14  ? 113 LEU A C     1 
ATOM   900  O  O     . LEU A 1 114 ? 2.532   -6.529  -3.110  1   16.13  ? 113 LEU A O     1 
ATOM   901  C  CB    . LEU A 1 114 ? 5.260   -5.456  -4.189  1   15.49  ? 113 LEU A CB    1 
ATOM   902  C  CG    . LEU A 1 114 ? 4.980   -5.117  -5.651  1   18.73  ? 113 LEU A CG    1 
ATOM   903  C  CD1   . LEU A 1 114 ? 5.079   -3.614  -5.942  1   18.94  ? 113 LEU A CD1   1 
ATOM   904  C  CD2   . LEU A 1 114 ? 5.883   -5.943  -6.593  1   19.43  ? 113 LEU A CD2   1 
ATOM   905  N  N     . VAL A 1 115 ? 1.953   -4.471  -3.836  1   14.57  ? 114 VAL A N     1 
ATOM   906  C  CA    . VAL A 1 115 ? 0.540   -4.823  -3.988  1   13.47  ? 114 VAL A CA    1 
ATOM   907  C  C     . VAL A 1 115 ? 0.104   -4.645  -5.427  1   15.6   ? 114 VAL A C     1 
ATOM   908  O  O     . VAL A 1 115 ? 0.204   -3.561  -5.975  1   14.13  ? 114 VAL A O     1 
ATOM   909  C  CB    . VAL A 1 115 ? -0.369  -4.005  -3.002  1   16.15  ? 114 VAL A CB    1 
ATOM   910  C  CG1   . VAL A 1 115 ? -1.856  -4.292  -3.218  1   15.39  ? 114 VAL A CG1   1 
ATOM   911  C  CG2   . VAL A 1 115 ? 0.002   -4.266  -1.549  1   15.75  ? 114 VAL A CG2   1 
ATOM   912  N  N     . GLY A 1 116 ? -0.386  -5.720  -6.023  1   12.64  ? 115 GLY A N     1 
ATOM   913  C  CA    . GLY A 1 116 ? -0.924  -5.690  -7.386  1   11.77  ? 115 GLY A CA    1 
ATOM   914  C  C     . GLY A 1 116 ? -2.426  -5.747  -7.261  1   14.37  ? 115 GLY A C     1 
ATOM   915  O  O     . GLY A 1 116 ? -3.003  -6.828  -7.053  1   13.65  ? 115 GLY A O     1 
ATOM   916  N  N     . ASN A 1 117 ? -3.055  -4.573  -7.361  1   13.26  ? 116 ASN A N     1 
ATOM   917  C  CA    . ASN A 1 117 ? -4.492  -4.408  -7.159  1   11.98  ? 116 ASN A CA    1 
ATOM   918  C  C     . ASN A 1 117 ? -5.303  -4.574  -8.455  1   14.57  ? 116 ASN A C     1 
ATOM   919  O  O     . ASN A 1 117 ? -4.712  -4.626  -9.536  1   13.78  ? 116 ASN A O     1 
ATOM   920  C  CB    . ASN A 1 117 ? -4.757  -3.033  -6.448  1   11.11  ? 116 ASN A CB    1 
ATOM   921  C  CG    . ASN A 1 117 ? -6.186  -2.899  -5.970  1   18.38  ? 116 ASN A CG    1 
ATOM   922  O  OD1   . ASN A 1 117 ? -6.739  -3.808  -5.323  1   13.43  ? 116 ASN A OD1   1 
ATOM   923  N  ND2   . ASN A 1 117 ? -6.847  -1.811  -6.362  1   13.29  ? 116 ASN A ND2   1 
ATOM   924  N  N     . LYS A 1 118 ? -6.662  -4.657  -8.339  1   11.66  ? 117 LYS A N     1 
ATOM   925  C  CA    . LYS A 1 118 ? -7.625  -4.847  -9.436  1   13.15  ? 117 LYS A CA    1 
ATOM   926  C  C     . LYS A 1 118 ? -7.473  -6.268  -10.037 1   16.93  ? 117 LYS A C     1 
ATOM   927  O  O     . LYS A 1 118 ? -7.710  -6.466  -11.234 1   17.09  ? 117 LYS A O     1 
ATOM   928  C  CB    . LYS A 1 118 ? -7.478  -3.757  -10.522 1   13.89  ? 117 LYS A CB    1 
ATOM   929  C  CG    . LYS A 1 118 ? -7.384  -2.307  -9.988  1   16.24  ? 117 LYS A CG    1 
ATOM   930  C  CD    . LYS A 1 118 ? -7.804  -1.334  -11.091 1   14.25  ? 117 LYS A CD    1 
ATOM   931  C  CE    . LYS A 1 118 ? -7.764  0.076   -10.535 1   19.2   ? 117 LYS A CE    1 
ATOM   932  N  NZ    . LYS A 1 118 ? -8.110  1.113   -11.554 1   18.17  ? 117 LYS A NZ    1 
ATOM   933  N  N     . CYS A 1 119 ? -7.048  -7.242  -9.201  1   14.33  ? 118 CYS A N     1 
ATOM   934  C  CA    . CYS A 1 119 ? -6.854  -8.625  -9.666  1   15.16  ? 118 CYS A CA    1 
ATOM   935  C  C     . CYS A 1 119 ? -8.154  -9.278  -10.149 1   20.49  ? 118 CYS A C     1 
ATOM   936  O  O     . CYS A 1 119 ? -8.090  -10.298 -10.840 1   23     ? 118 CYS A O     1 
ATOM   937  C  CB    . CYS A 1 119 ? -6.127  -9.484  -8.634  1   14.97  ? 118 CYS A CB    1 
ATOM   938  S  SG    . CYS A 1 119 ? -7.097  -9.896  -7.173  1   18.95  ? 118 CYS A SG    1 
ATOM   939  N  N     . ASP A 1 120 ? -9.317  -8.681  -9.834  1   15.54  ? 119 ASP A N     1 
ATOM   940  C  CA    . ASP A 1 120 ? -10.625 -9.166  -10.346 1   16.19  ? 119 ASP A CA    1 
ATOM   941  C  C     . ASP A 1 120 ? -10.778 -8.907  -11.873 1   22.09  ? 119 ASP A C     1 
ATOM   942  O  O     . ASP A 1 120 ? -11.630 -9.539  -12.512 1   21.46  ? 119 ASP A O     1 
ATOM   943  C  CB    . ASP A 1 120 ? -11.776 -8.472  -9.599  1   17.31  ? 119 ASP A CB    1 
ATOM   944  C  CG    . ASP A 1 120 ? -11.677 -6.961  -9.706  1   20.59  ? 119 ASP A CG    1 
ATOM   945  O  OD1   . ASP A 1 120 ? -10.791 -6.375  -9.028  1   17.91  ? 119 ASP A OD1   1 
ATOM   946  O  OD2   . ASP A 1 120 ? -12.462 -6.367  -10.485 1   20.11  ? 119 ASP A OD2   1 
ATOM   947  N  N     . LEU A 1 121 ? -10.003 -7.943  -12.447 1   18.36  ? 120 LEU A N     1 
ATOM   948  C  CA    . LEU A 1 121 ? -10.117 -7.555  -13.855 1   18.79  ? 120 LEU A CA    1 
ATOM   949  C  C     . LEU A 1 121 ? -9.458  -8.535  -14.830 1   23.86  ? 120 LEU A C     1 
ATOM   950  O  O     . LEU A 1 121 ? -8.270  -8.836  -14.685 1   22.25  ? 120 LEU A O     1 
ATOM   951  C  CB    . LEU A 1 121 ? -9.627  -6.122  -14.114 1   18.53  ? 120 LEU A CB    1 
ATOM   952  C  CG    . LEU A 1 121 ? -10.425 -5.027  -13.400 1   20.82  ? 120 LEU A CG    1 
ATOM   953  C  CD1   . LEU A 1 121 ? -9.785  -3.659  -13.599 1   19.92  ? 120 LEU A CD1   1 
ATOM   954  C  CD2   . LEU A 1 121 ? -11.920 -5.052  -13.782 1   24.18  ? 120 LEU A CD2   1 
ATOM   955  N  N     . PRO A 1 122 ? -10.234 -9.064  -15.812 1   22.82  ? 121 PRO A N     1 
ATOM   956  C  CA    . PRO A 1 122 ? -9.651  -10.040 -16.765 1   24.09  ? 121 PRO A CA    1 
ATOM   957  C  C     . PRO A 1 122 ? -8.446  -9.581  -17.587 1   29.3   ? 121 PRO A C     1 
ATOM   958  O  O     . PRO A 1 122 ? -7.530  -10.384 -17.844 1   31.46  ? 121 PRO A O     1 
ATOM   959  C  CB    . PRO A 1 122 ? -10.819 -10.400 -17.705 1   26     ? 121 PRO A CB    1 
ATOM   960  C  CG    . PRO A 1 122 ? -12.030 -9.777  -17.150 1   28.77  ? 121 PRO A CG    1 
ATOM   961  C  CD    . PRO A 1 122 ? -11.669 -8.809  -16.074 1   24.18  ? 121 PRO A CD    1 
ATOM   962  N  N     . SER A 1 123 ? -8.423  -8.304  -17.976 1   23.49  ? 122 SER A N     1 
ATOM   963  C  CA    . SER A 1 123 ? -7.420  -7.750  -18.869 1   23.45  ? 122 SER A CA    1 
ATOM   964  C  C     . SER A 1 123 ? -6.096  -7.411  -18.193 1   25.17  ? 122 SER A C     1 
ATOM   965  O  O     . SER A 1 123 ? -5.674  -6.258  -18.197 1   24.87  ? 122 SER A O     1 
ATOM   966  C  CB    . SER A 1 123 ? -7.984  -6.549  -19.630 1   29.51  ? 122 SER A CB    1 
ATOM   967  O  OG    . SER A 1 123 ? -8.173  -5.445  -18.759 1   42.17  ? 122 SER A OG    1 
ATOM   968  N  N     . ARG A 1 124 ? -5.387  -8.451  -17.726 1   20.98  ? 123 ARG A N     1 
ATOM   969  C  CA    . ARG A 1 124 ? -4.090  -8.342  -17.077 1   19.58  ? 123 ARG A CA    1 
ATOM   970  C  C     . ARG A 1 124 ? -3.011  -7.954  -18.077 1   21.98  ? 123 ARG A C     1 
ATOM   971  O  O     . ARG A 1 124 ? -2.960  -8.537  -19.154 1   21.39  ? 123 ARG A O     1 
ATOM   972  C  CB    . ARG A 1 124 ? -3.751  -9.689  -16.424 1   19.63  ? 123 ARG A CB    1 
ATOM   973  C  CG    . ARG A 1 124 ? -2.358  -9.767  -15.830 1   21.39  ? 123 ARG A CG    1 
ATOM   974  C  CD    . ARG A 1 124 ? -2.065  -11.157 -15.282 1   23.77  ? 123 ARG A CD    1 
ATOM   975  N  NE    . ARG A 1 124 ? -2.989  -11.563 -14.216 1   20.79  ? 123 ARG A NE    1 
ATOM   976  C  CZ    . ARG A 1 124 ? -2.797  -11.330 -12.921 1   27.06  ? 123 ARG A CZ    1 
ATOM   977  N  NH1   . ARG A 1 124 ? -1.731  -10.652 -12.512 1   19.08  ? 123 ARG A NH1   1 
ATOM   978  N  NH2   . ARG A 1 124 ? -3.672  -11.764 -12.028 1   18.49  ? 123 ARG A NH2   1 
ATOM   979  N  N     . THR A 1 125 ? -2.164  -6.957  -17.724 1   16.79  ? 124 THR A N     1 
ATOM   980  C  CA    . THR A 1 125 ? -1.011  -6.529  -18.523 1   17.15  ? 124 THR A CA    1 
ATOM   981  C  C     . THR A 1 125 ? 0.277   -6.791  -17.726 1   21.82  ? 124 THR A C     1 
ATOM   982  O  O     . THR A 1 125 ? 1.347   -6.806  -18.318 1   22.24  ? 124 THR A O     1 
ATOM   983  C  CB    . THR A 1 125 ? -1.136  -5.070  -18.997 1   23.19  ? 124 THR A CB    1 
ATOM   984  O  OG1   . THR A 1 125 ? -1.209  -4.217  -17.848 1   20.97  ? 124 THR A OG1   1 
ATOM   985  C  CG2   . THR A 1 125 ? -2.348  -4.839  -19.881 1   22.49  ? 124 THR A CG2   1 
ATOM   986  N  N     . VAL A 1 126 ? 0.178   -7.033  -16.390 1   18.18  ? 125 VAL A N     1 
ATOM   987  C  CA    . VAL A 1 126 ? 1.335   -7.356  -15.533 1   17.94  ? 125 VAL A CA    1 
ATOM   988  C  C     . VAL A 1 126 ? 1.168   -8.776  -14.932 1   23.06  ? 125 VAL A C     1 
ATOM   989  O  O     . VAL A 1 126 ? 0.239   -9.003  -14.168 1   22.49  ? 125 VAL A O     1 
ATOM   990  C  CB    . VAL A 1 126 ? 1.583   -6.296  -14.405 1   21.3   ? 125 VAL A CB    1 
ATOM   991  C  CG1   . VAL A 1 126 ? 2.862   -6.606  -13.634 1   21.09  ? 125 VAL A CG1   1 
ATOM   992  C  CG2   . VAL A 1 126 ? 1.623   -4.869  -14.959 1   21.47  ? 125 VAL A CG2   1 
ATOM   993  N  N     . ASP A 1 127 ? 2.082   -9.717  -15.247 1   22.22  ? 126 ASP A N     1 
ATOM   994  C  CA    . ASP A 1 127 ? 2.015   -11.080 -14.697 1   22.04  ? 126 ASP A CA    1 
ATOM   995  C  C     . ASP A 1 127 ? 2.462   -11.167 -13.256 1   23.69  ? 126 ASP A C     1 
ATOM   996  O  O     . ASP A 1 127 ? 3.348   -10.420 -12.855 1   23.47  ? 126 ASP A O     1 
ATOM   997  C  CB    . ASP A 1 127 ? 2.914   -12.014 -15.520 1   25.24  ? 126 ASP A CB    1 
ATOM   998  C  CG    . ASP A 1 127 ? 2.313   -12.352 -16.850 1   43.83  ? 126 ASP A CG    1 
ATOM   999  O  OD1   . ASP A 1 127 ? 3.067   -12.782 -17.744 1   45.48  ? 126 ASP A OD1   1 
ATOM   1000 O  OD2   . ASP A 1 127 ? 1.099   -12.145 -17.011 1   51.92  ? 126 ASP A OD2   1 
ATOM   1001 N  N     . THR A 1 128 ? 1.934   -12.158 -12.511 1   19.73  ? 127 THR A N     1 
ATOM   1002 C  CA    . THR A 1 128 ? 2.337   -12.433 -11.121 1   18.55  ? 127 THR A CA    1 
ATOM   1003 C  C     . THR A 1 128 ? 3.856   -12.662 -11.079 1   22.94  ? 127 THR A C     1 
ATOM   1004 O  O     . THR A 1 128 ? 4.520   -12.093 -10.212 1   20.51  ? 127 THR A O     1 
ATOM   1005 C  CB    . THR A 1 128 ? 1.541   -13.617 -10.567 1   20.96  ? 127 THR A CB    1 
ATOM   1006 O  OG1   . THR A 1 128 ? 0.152   -13.297 -10.644 1   21.36  ? 127 THR A OG1   1 
ATOM   1007 C  CG2   . THR A 1 128 ? 1.902   -13.948 -9.138  1   23.95  ? 127 THR A CG2   1 
ATOM   1008 N  N     . LYS A 1 129 ? 4.404   -13.428 -12.066 1   19.7   ? 128 LYS A N     1 
ATOM   1009 C  CA    . LYS A 1 129 ? 5.854   -13.721 -12.156 1   20.5   ? 128 LYS A CA    1 
ATOM   1010 C  C     . LYS A 1 129 ? 6.734   -12.448 -12.166 1   22.55  ? 128 LYS A C     1 
ATOM   1011 O  O     . LYS A 1 129 ? 7.666   -12.363 -11.362 1   21.82  ? 128 LYS A O     1 
ATOM   1012 C  CB    . LYS A 1 129 ? 6.149   -14.643 -13.374 1   24.4   ? 128 LYS A CB    1 
ATOM   1013 C  CG    . LYS A 1 129 ? 7.634   -14.982 -13.608 1   37.65  ? 128 LYS A CG    1 
ATOM   1014 C  CD    . LYS A 1 129 ? 8.263   -15.793 -12.479 1   50.12  ? 128 LYS A CD    1 
ATOM   1015 C  CE    . LYS A 1 129 ? 9.567   -16.439 -12.897 1   66.76  ? 128 LYS A CE    1 
ATOM   1016 N  NZ    . LYS A 1 129 ? 10.618  -15.449 -13.266 1   77.14  ? 128 LYS A NZ    1 
ATOM   1017 N  N     . GLN A 1 130 ? 6.430   -11.473 -13.046 1   20.83  ? 129 GLN A N     1 
ATOM   1018 C  CA    . GLN A 1 130 ? 7.134   -10.185 -13.169 1   21.75  ? 129 GLN A CA    1 
ATOM   1019 C  C     . GLN A 1 130 ? 7.115   -9.465  -11.806 1   25.75  ? 129 GLN A C     1 
ATOM   1020 O  O     . GLN A 1 130 ? 8.153   -8.982  -11.334 1   23.27  ? 129 GLN A O     1 
ATOM   1021 C  CB    . GLN A 1 130 ? 6.415   -9.269  -14.170 1   23.81  ? 129 GLN A CB    1 
ATOM   1022 C  CG    . GLN A 1 130 ? 6.472   -9.651  -15.633 1   41.83  ? 129 GLN A CG    1 
ATOM   1023 C  CD    . GLN A 1 130 ? 5.479   -8.801  -16.393 1   55.08  ? 129 GLN A CD    1 
ATOM   1024 O  OE1   . GLN A 1 130 ? 4.384   -9.255  -16.754 1   35.82  ? 129 GLN A OE1   1 
ATOM   1025 N  NE2   . GLN A 1 130 ? 5.811   -7.519  -16.589 1   54.19  ? 129 GLN A NE2   1 
ATOM   1026 N  N     . ALA A 1 131 ? 5.909   -9.354  -11.195 1   23.54  ? 130 ALA A N     1 
ATOM   1027 C  CA    . ALA A 1 131 ? 5.753   -8.686  -9.896  1   22.24  ? 130 ALA A CA    1 
ATOM   1028 C  C     . ALA A 1 131 ? 6.539   -9.400  -8.785  1   22.85  ? 130 ALA A C     1 
ATOM   1029 O  O     . ALA A 1 131 ? 7.206   -8.722  -7.998  1   21.96  ? 130 ALA A O     1 
ATOM   1030 C  CB    . ALA A 1 131 ? 4.285   -8.583  -9.538  1   23.24  ? 130 ALA A CB    1 
ATOM   1031 N  N     . GLN A 1 132 ? 6.487   -10.757 -8.729  1   18.86  ? 131 GLN A N     1 
ATOM   1032 C  CA    . GLN A 1 132 ? 7.215   -11.565 -7.720  1   19.96  ? 131 GLN A CA    1 
ATOM   1033 C  C     . GLN A 1 132 ? 8.729   -11.336 -7.840  1   23.96  ? 131 GLN A C     1 
ATOM   1034 O  O     . GLN A 1 132 ? 9.404   -11.204 -6.821  1   24.09  ? 131 GLN A O     1 
ATOM   1035 C  CB    . GLN A 1 132 ? 6.918   -13.065 -7.849  1   21.6   ? 131 GLN A CB    1 
ATOM   1036 C  CG    . GLN A 1 132 ? 5.544   -13.500 -7.332  1   25.22  ? 131 GLN A CG    1 
ATOM   1037 C  CD    . GLN A 1 132 ? 5.204   -14.924 -7.731  1   34.33  ? 131 GLN A CD    1 
ATOM   1038 O  OE1   . GLN A 1 132 ? 5.718   -15.472 -8.710  1   31.11  ? 131 GLN A OE1   1 
ATOM   1039 N  NE2   . GLN A 1 132 ? 4.304   -15.546 -7.000  1   33.05  ? 131 GLN A NE2   1 
ATOM   1040 N  N     . ASP A 1 133 ? 9.247   -11.282 -9.085  1   21.24  ? 132 ASP A N     1 
ATOM   1041 C  CA    . ASP A 1 133 ? 10.673  -11.033 -9.340  1   21.12  ? 132 ASP A CA    1 
ATOM   1042 C  C     . ASP A 1 133 ? 11.087  -9.651  -8.831  1   25.8   ? 132 ASP A C     1 
ATOM   1043 O  O     . ASP A 1 133 ? 12.133  -9.538  -8.197  1   24.95  ? 132 ASP A O     1 
ATOM   1044 C  CB    . ASP A 1 133 ? 11.004  -11.170 -10.829 1   22.37  ? 132 ASP A CB    1 
ATOM   1045 C  CG    . ASP A 1 133 ? 10.989  -12.601 -11.348 1   27.14  ? 132 ASP A CG    1 
ATOM   1046 O  OD1   . ASP A 1 133 ? 10.891  -13.546 -10.512 1   26.24  ? 132 ASP A OD1   1 
ATOM   1047 O  OD2   . ASP A 1 133 ? 11.047  -12.777 -12.578 1   31.03  ? 132 ASP A OD2   1 
ATOM   1048 N  N     . LEU A 1 134 ? 10.237  -8.623  -9.046  1   21.87  ? 133 LEU A N     1 
ATOM   1049 C  CA    . LEU A 1 134 ? 10.513  -7.258  -8.555  1   22.24  ? 133 LEU A CA    1 
ATOM   1050 C  C     . LEU A 1 134 ? 10.527  -7.199  -7.024  1   27.97  ? 133 LEU A C     1 
ATOM   1051 O  O     . LEU A 1 134 ? 11.475  -6.645  -6.447  1   28.92  ? 133 LEU A O     1 
ATOM   1052 C  CB    . LEU A 1 134 ? 9.543   -6.229  -9.159  1   22.23  ? 133 LEU A CB    1 
ATOM   1053 C  CG    . LEU A 1 134 ? 9.767   -4.741  -8.784  1   27.45  ? 133 LEU A CG    1 
ATOM   1054 C  CD1   . LEU A 1 134 ? 11.074  -4.186  -9.400  1   28.29  ? 133 LEU A CD1   1 
ATOM   1055 C  CD2   . LEU A 1 134 ? 8.587   -3.890  -9.222  1   27.12  ? 133 LEU A CD2   1 
ATOM   1056 N  N     . ALA A 1 135 ? 9.520   -7.813  -6.367  1   23.14  ? 134 ALA A N     1 
ATOM   1057 C  CA    . ALA A 1 135 ? 9.409   -7.874  -4.903  1   23.37  ? 134 ALA A CA    1 
ATOM   1058 C  C     . ALA A 1 135 ? 10.604  -8.638  -4.289  1   28.97  ? 134 ALA A C     1 
ATOM   1059 O  O     . ALA A 1 135 ? 11.163  -8.186  -3.292  1   27.86  ? 134 ALA A O     1 
ATOM   1060 C  CB    . ALA A 1 135 ? 8.105   -8.552  -4.511  1   24.15  ? 134 ALA A CB    1 
ATOM   1061 N  N     . ARG A 1 136 ? 11.005  -9.773  -4.908  1   26.39  ? 135 ARG A N     1 
ATOM   1062 C  CA    . ARG A 1 136 ? 12.138  -10.594 -4.453  1   26.91  ? 135 ARG A CA    1 
ATOM   1063 C  C     . ARG A 1 136 ? 13.449  -9.812  -4.412  1   31.15  ? 135 ARG A C     1 
ATOM   1064 O  O     . ARG A 1 136 ? 14.214  -9.966  -3.454  1   29.96  ? 135 ARG A O     1 
ATOM   1065 C  CB    . ARG A 1 136 ? 12.302  -11.836 -5.333  1   27.76  ? 135 ARG A CB    1 
ATOM   1066 C  CG    . ARG A 1 136 ? 13.068  -12.964 -4.635  1   37.62  ? 135 ARG A CG    1 
ATOM   1067 C  CD    . ARG A 1 136 ? 12.932  -14.280 -5.376  1   41.23  ? 135 ARG A CD    1 
ATOM   1068 N  NE    . ARG A 1 136 ? 13.542  -14.218 -6.704  1   49.75  ? 135 ARG A NE    1 
ATOM   1069 C  CZ    . ARG A 1 136 ? 12.865  -14.141 -7.847  1   62.83  ? 135 ARG A CZ    1 
ATOM   1070 N  NH1   . ARG A 1 136 ? 11.535  -14.129 -7.843  1   47.48  ? 135 ARG A NH1   1 
ATOM   1071 N  NH2   . ARG A 1 136 ? 13.511  -14.072 -9.003  1   51.24  ? 135 ARG A NH2   1 
ATOM   1072 N  N     . SER A 1 137 ? 13.700  -8.971  -5.438  1   28.31  ? 136 SER A N     1 
ATOM   1073 C  CA    . SER A 1 137 ? 14.906  -8.144  -5.505  1   28.8   ? 136 SER A CA    1 
ATOM   1074 C  C     . SER A 1 137 ? 14.938  -7.096  -4.367  1   32.86  ? 136 SER A C     1 
ATOM   1075 O  O     . SER A 1 137 ? 16.018  -6.689  -3.926  1   31.39  ? 136 SER A O     1 
ATOM   1076 C  CB    . SER A 1 137 ? 15.025  -7.475  -6.869  1   30.64  ? 136 SER A CB    1 
ATOM   1077 O  OG    . SER A 1 137 ? 14.060  -6.456  -7.069  1   37.03  ? 136 SER A OG    1 
ATOM   1078 N  N     . TYR A 1 138 ? 13.746  -6.684  -3.880  1   29.43  ? 137 TYR A N     1 
ATOM   1079 C  CA    . TYR A 1 138 ? 13.604  -5.716  -2.791  1   28.21  ? 137 TYR A CA    1 
ATOM   1080 C  C     . TYR A 1 138 ? 13.603  -6.395  -1.431  1   31.6   ? 137 TYR A C     1 
ATOM   1081 O  O     . TYR A 1 138 ? 13.688  -5.710  -0.406  1   32.3   ? 137 TYR A O     1 
ATOM   1082 C  CB    . TYR A 1 138 ? 12.292  -4.912  -2.947  1   29.46  ? 137 TYR A CB    1 
ATOM   1083 C  CG    . TYR A 1 138 ? 12.178  -4.024  -4.168  1   30.2   ? 137 TYR A CG    1 
ATOM   1084 C  CD1   . TYR A 1 138 ? 13.312  -3.516  -4.800  1   32.55  ? 137 TYR A CD1   1 
ATOM   1085 C  CD2   . TYR A 1 138 ? 10.933  -3.615  -4.639  1   30.17  ? 137 TYR A CD2   1 
ATOM   1086 C  CE1   . TYR A 1 138 ? 13.207  -2.689  -5.920  1   31.41  ? 137 TYR A CE1   1 
ATOM   1087 C  CE2   . TYR A 1 138 ? 10.817  -2.772  -5.742  1   29.94  ? 137 TYR A CE2   1 
ATOM   1088 C  CZ    . TYR A 1 138 ? 11.956  -2.297  -6.368  1   33.43  ? 137 TYR A CZ    1 
ATOM   1089 O  OH    . TYR A 1 138 ? 11.820  -1.452  -7.437  1   30.37  ? 137 TYR A OH    1 
ATOM   1090 N  N     . GLY A 1 139 ? 13.444  -7.712  -1.422  1   25.31  ? 138 GLY A N     1 
ATOM   1091 C  CA    . GLY A 1 139 ? 13.334  -8.490  -0.197  1   25.2   ? 138 GLY A CA    1 
ATOM   1092 C  C     . GLY A 1 139 ? 12.023  -8.240  0.530   1   28.12  ? 138 GLY A C     1 
ATOM   1093 O  O     . GLY A 1 139 ? 11.977  -8.270  1.760   1   27.26  ? 138 GLY A O     1 
ATOM   1094 N  N     . ILE A 1 140 ? 10.924  -7.998  -0.233  1   23.8   ? 139 ILE A N     1 
ATOM   1095 C  CA    . ILE A 1 140 ? 9.617   -7.719  0.365   1   22     ? 139 ILE A CA    1 
ATOM   1096 C  C     . ILE A 1 140 ? 8.539   -8.686  -0.168  1   25.15  ? 139 ILE A C     1 
ATOM   1097 O  O     . ILE A 1 140 ? 8.685   -9.184  -1.294  1   24.02  ? 139 ILE A O     1 
ATOM   1098 C  CB    . ILE A 1 140 ? 9.205   -6.223  0.124   1   23.79  ? 139 ILE A CB    1 
ATOM   1099 C  CG1   . ILE A 1 140 ? 8.866   -5.941  -1.375  1   22.09  ? 139 ILE A CG1   1 
ATOM   1100 C  CG2   . ILE A 1 140 ? 10.254  -5.243  0.685   1   24.62  ? 139 ILE A CG2   1 
ATOM   1101 C  CD1   . ILE A 1 140 ? 8.295   -4.520  -1.710  1   27.48  ? 139 ILE A CD1   1 
ATOM   1102 N  N     . PRO A 1 141 ? 7.415   -8.875  0.563   1   20.76  ? 140 PRO A N     1 
ATOM   1103 C  CA    . PRO A 1 141 ? 6.340   -9.735  0.035   1   19.95  ? 140 PRO A CA    1 
ATOM   1104 C  C     . PRO A 1 141 ? 5.593   -9.093  -1.133  1   23.07  ? 140 PRO A C     1 
ATOM   1105 O  O     . PRO A 1 141 ? 5.634   -7.863  -1.306  1   20.83  ? 140 PRO A O     1 
ATOM   1106 C  CB    . PRO A 1 141 ? 5.393   -9.891  1.228   1   21.44  ? 140 PRO A CB    1 
ATOM   1107 C  CG    . PRO A 1 141 ? 6.170   -9.430  2.417   1   26.31  ? 140 PRO A CG    1 
ATOM   1108 C  CD    . PRO A 1 141 ? 7.072   -8.373  1.910   1   21.45  ? 140 PRO A CD    1 
ATOM   1109 N  N     . PHE A 1 142 ? 4.958   -9.951  -1.969  1   19.16  ? 141 PHE A N     1 
ATOM   1110 C  CA    . PHE A 1 142 ? 4.077   -9.533  -3.073  1   18.35  ? 141 PHE A CA    1 
ATOM   1111 C  C     . PHE A 1 142 ? 2.718   -10.156 -2.830  1   20.31  ? 141 PHE A C     1 
ATOM   1112 O  O     . PHE A 1 142 ? 2.635   -11.355 -2.575  1   19.7   ? 141 PHE A O     1 
ATOM   1113 C  CB    . PHE A 1 142 ? 4.602   -9.907  -4.477  1   19.59  ? 141 PHE A CB    1 
ATOM   1114 C  CG    . PHE A 1 142 ? 3.579   -9.687  -5.582  1   20.78  ? 141 PHE A CG    1 
ATOM   1115 C  CD1   . PHE A 1 142 ? 3.118   -8.406  -5.885  1   21.96  ? 141 PHE A CD1   1 
ATOM   1116 C  CD2   . PHE A 1 142 ? 3.043   -10.767 -6.284  1   22.29  ? 141 PHE A CD2   1 
ATOM   1117 C  CE1   . PHE A 1 142 ? 2.153   -8.207  -6.879  1   21.89  ? 141 PHE A CE1   1 
ATOM   1118 C  CE2   . PHE A 1 142 ? 2.098   -10.565 -7.294  1   24     ? 141 PHE A CE2   1 
ATOM   1119 C  CZ    . PHE A 1 142 ? 1.661   -9.290  -7.588  1   22.05  ? 141 PHE A CZ    1 
ATOM   1120 N  N     . ILE A 1 143 ? 1.651   -9.341  -2.874  1   17.17  ? 142 ILE A N     1 
ATOM   1121 C  CA    . ILE A 1 143 ? 0.279   -9.794  -2.656  1   17.43  ? 142 ILE A CA    1 
ATOM   1122 C  C     . ILE A 1 143 ? -0.619  -9.192  -3.729  1   18.97  ? 142 ILE A C     1 
ATOM   1123 O  O     . ILE A 1 143 ? -0.491  -8.000  -4.017  1   16.94  ? 142 ILE A O     1 
ATOM   1124 C  CB    . ILE A 1 143 ? -0.219  -9.411  -1.222  1   21.36  ? 142 ILE A CB    1 
ATOM   1125 C  CG1   . ILE A 1 143 ? 0.633   -10.156 -0.144  1   22.98  ? 142 ILE A CG1   1 
ATOM   1126 C  CG2   . ILE A 1 143 ? -1.736  -9.739  -1.050  1   25.81  ? 142 ILE A CG2   1 
ATOM   1127 C  CD1   . ILE A 1 143 ? 0.610   -9.570  1.165   1   32.94  ? 142 ILE A CD1   1 
ATOM   1128 N  N     . GLU A 1 144 ? -1.450  -10.038 -4.377  1   16.36  ? 143 GLU A N     1 
ATOM   1129 C  CA    . GLU A 1 144 ? -2.435  -9.549  -5.331  1   15.3   ? 143 GLU A CA    1 
ATOM   1130 C  C     . GLU A 1 144 ? -3.713  -9.294  -4.545  1   17.51  ? 143 GLU A C     1 
ATOM   1131 O  O     . GLU A 1 144 ? -4.072  -10.078 -3.666  1   15.25  ? 143 GLU A O     1 
ATOM   1132 C  CB    . GLU A 1 144 ? -2.668  -10.502 -6.517  1   16.88  ? 143 GLU A CB    1 
ATOM   1133 C  CG    . GLU A 1 144 ? -1.595  -10.353 -7.588  1   24.05  ? 143 GLU A CG    1 
ATOM   1134 C  CD    . GLU A 1 144 ? -1.815  -10.956 -8.971  1   30.95  ? 143 GLU A CD    1 
ATOM   1135 O  OE1   . GLU A 1 144 ? -2.924  -11.476 -9.242  1   20.19  ? 143 GLU A OE1   1 
ATOM   1136 O  OE2   . GLU A 1 144 ? -0.901  -10.815 -9.815  1   20.28  ? 143 GLU A OE2   1 
ATOM   1137 N  N     . THR A 1 145 ? -4.390  -8.161  -4.855  1   15.94  ? 144 THR A N     1 
ATOM   1138 C  CA    . THR A 1 145 ? -5.594  -7.758  -4.152  1   13.41  ? 144 THR A CA    1 
ATOM   1139 C  C     . THR A 1 145 ? -6.666  -7.318  -5.121  1   13.76  ? 144 THR A C     1 
ATOM   1140 O  O     . THR A 1 145 ? -6.370  -6.988  -6.269  1   12.13  ? 144 THR A O     1 
ATOM   1141 C  CB    . THR A 1 145 ? -5.284  -6.571  -3.203  1   16.17  ? 144 THR A CB    1 
ATOM   1142 O  OG1   . THR A 1 145 ? -4.861  -5.426  -3.968  1   15.5   ? 144 THR A OG1   1 
ATOM   1143 C  CG2   . THR A 1 145 ? -4.269  -6.913  -2.101  1   15.16  ? 144 THR A CG2   1 
ATOM   1144 N  N     . SER A 1 146 ? -7.904  -7.286  -4.639  1   12.16  ? 145 SER A N     1 
ATOM   1145 C  CA    . SER A 1 146 ? -9.041  -6.698  -5.315  1   14.2   ? 145 SER A CA    1 
ATOM   1146 C  C     . SER A 1 146 ? -9.818  -5.950  -4.275  1   17.29  ? 145 SER A C     1 
ATOM   1147 O  O     . SER A 1 146 ? -10.427 -6.575  -3.398  1   16.06  ? 145 SER A O     1 
ATOM   1148 C  CB    . SER A 1 146 ? -9.947  -7.719  -5.990  1   17.98  ? 145 SER A CB    1 
ATOM   1149 O  OG    . SER A 1 146 ? -11.124 -7.041  -6.408  1   19.42  ? 145 SER A OG    1 
ATOM   1150 N  N     . ALA A 1 147 ? -9.787  -4.608  -4.350  1   14.6   ? 146 ALA A N     1 
ATOM   1151 C  CA    . ALA A 1 147 ? -10.603 -3.771  -3.473  1   15.59  ? 146 ALA A CA    1 
ATOM   1152 C  C     . ALA A 1 147 ? -12.103 -4.055  -3.761  1   19.77  ? 146 ALA A C     1 
ATOM   1153 O  O     . ALA A 1 147 ? -12.931 -3.896  -2.870  1   20.16  ? 146 ALA A O     1 
ATOM   1154 C  CB    . ALA A 1 147 ? -10.294 -2.290  -3.713  1   16.12  ? 146 ALA A CB    1 
ATOM   1155 N  N     . LYS A 1 148 ? -12.438 -4.465  -4.998  1   18.42  ? 147 LYS A N     1 
ATOM   1156 C  CA    . LYS A 1 148 ? -13.818 -4.773  -5.383  1   19.17  ? 147 LYS A CA    1 
ATOM   1157 C  C     . LYS A 1 148 ? -14.377 -6.006  -4.653  1   23.34  ? 147 LYS A C     1 
ATOM   1158 O  O     . LYS A 1 148 ? -15.434 -5.916  -4.032  1   22.93  ? 147 LYS A O     1 
ATOM   1159 C  CB    . LYS A 1 148 ? -13.959 -4.927  -6.903  1   20.82  ? 147 LYS A CB    1 
ATOM   1160 C  CG    . LYS A 1 148 ? -15.417 -5.203  -7.360  1   19.98  ? 147 LYS A CG    1 
ATOM   1161 C  CD    . LYS A 1 148 ? -15.502 -5.119  -8.873  1   21.24  ? 147 LYS A CD    1 
ATOM   1162 C  CE    . LYS A 1 148 ? -16.813 -5.667  -9.385  1   31.05  ? 147 LYS A CE    1 
ATOM   1163 N  NZ    . LYS A 1 148 ? -16.931 -5.457  -10.844 1   32.86  ? 147 LYS A NZ    1 
ATOM   1164 N  N     . THR A 1 149 ? -13.664 -7.134  -4.701  1   20.34  ? 148 THR A N     1 
ATOM   1165 C  CA    . THR A 1 149 ? -14.123 -8.399  -4.083  1   20.32  ? 148 THR A CA    1 
ATOM   1166 C  C     . THR A 1 149 ? -13.628 -8.631  -2.641  1   24.23  ? 148 THR A C     1 
ATOM   1167 O  O     . THR A 1 149 ? -14.098 -9.569  -1.995  1   25.16  ? 148 THR A O     1 
ATOM   1168 C  CB    . THR A 1 149 ? -13.655 -9.582  -4.938  1   25.27  ? 148 THR A CB    1 
ATOM   1169 O  OG1   . THR A 1 149 ? -12.235 -9.692  -4.808  1   20.04  ? 148 THR A OG1   1 
ATOM   1170 C  CG2   . THR A 1 149 ? -14.082 -9.497  -6.402  1   20.74  ? 148 THR A CG2   1 
ATOM   1171 N  N     A ARG A 1 150 ? -12.652 -7.818  -2.152  0.5 19.59  ? 149 ARG A N     1 
ATOM   1172 N  N     B ARG A 1 150 ? -12.662 -7.796  -2.178  0.5 20.16  ? 149 ARG A N     1 
ATOM   1173 C  CA    A ARG A 1 150 ? -11.986 -7.915  -0.828  0.5 19.25  ? 149 ARG A CA    1 
ATOM   1174 C  CA    B ARG A 1 150 ? -11.963 -7.827  -0.883  0.5 20.09  ? 149 ARG A CA    1 
ATOM   1175 C  C     A ARG A 1 150 ? -10.816 -8.878  -0.867  0.5 21.91  ? 149 ARG A C     1 
ATOM   1176 C  C     B ARG A 1 150 ? -10.846 -8.889  -0.858  0.5 22.25  ? 149 ARG A C     1 
ATOM   1177 O  O     A ARG A 1 150 ? -10.072 -8.938  0.107   0.5 21.68  ? 149 ARG A O     1 
ATOM   1178 O  O     B ARG A 1 150 ? -10.127 -8.973  0.132   0.5 21.89  ? 149 ARG A O     1 
ATOM   1179 C  CB    A ARG A 1 150 ? -12.917 -8.346  0.338   0.5 17.72  ? 149 ARG A CB    1 
ATOM   1180 C  CB    B ARG A 1 150 ? -12.898 -7.936  0.346   0.5 20.07  ? 149 ARG A CB    1 
ATOM   1181 C  CG    A ARG A 1 150 ? -14.087 -7.434  0.591   0.5 22.67  ? 149 ARG A CG    1 
ATOM   1182 C  CG    B ARG A 1 150 ? -12.319 -7.248  1.583   0.5 29.61  ? 149 ARG A CG    1 
ATOM   1183 C  CD    A ARG A 1 150 ? -14.705 -7.635  1.956   0.5 27.26  ? 149 ARG A CD    1 
ATOM   1184 C  CD    B ARG A 1 150 ? -12.557 -8.007  2.882   0.5 39.68  ? 149 ARG A CD    1 
ATOM   1185 N  NE    A ARG A 1 150 ? -15.887 -6.787  2.099   0.5 35.46  ? 149 ARG A NE    1 
ATOM   1186 N  NE    B ARG A 1 150 ? -11.845 -7.416  4.026   0.5 38.41  ? 149 ARG A NE    1 
ATOM   1187 C  CZ    A ARG A 1 150 ? -17.119 -7.153  1.762   0.5 45.84  ? 149 ARG A CZ    1 
ATOM   1188 C  CZ    B ARG A 1 150 ? -12.160 -6.252  4.586   0.5 46.71  ? 149 ARG A CZ    1 
ATOM   1189 N  NH1   A ARG A 1 150 ? -17.352 -8.373  1.291   0.5 32     ? 149 ARG A NH1   1 
ATOM   1190 N  NH1   B ARG A 1 150 ? -13.154 -5.523  4.102   0.5 26.51  ? 149 ARG A NH1   1 
ATOM   1191 N  NH2   A ARG A 1 150 ? -18.131 -6.311  1.911   0.5 31.57  ? 149 ARG A NH2   1 
ATOM   1192 N  NH2   B ARG A 1 150 ? -11.473 -5.799  5.627   0.5 36.46  ? 149 ARG A NH2   1 
ATOM   1193 N  N     . GLN A 1 151 ? -10.681 -9.678  -1.948  1   18.1   ? 150 GLN A N     1 
ATOM   1194 C  CA    . GLN A 1 151 ? -9.628  -10.714 -2.041  1   17.24  ? 150 GLN A CA    1 
ATOM   1195 C  C     . GLN A 1 151 ? -8.246  -10.146 -1.727  1   18.36  ? 150 GLN A C     1 
ATOM   1196 O  O     . GLN A 1 151 ? -7.892  -9.110  -2.278  1   18.73  ? 150 GLN A O     1 
ATOM   1197 C  CB    . GLN A 1 151 ? -9.612  -11.367 -3.443  1   19.06  ? 150 GLN A CB    1 
ATOM   1198 C  CG    . GLN A 1 151 ? -10.806 -12.272 -3.732  1   30.92  ? 150 GLN A CG    1 
ATOM   1199 C  CD    . GLN A 1 151 ? -10.814 -12.635 -5.197  1   43.13  ? 150 GLN A CD    1 
ATOM   1200 O  OE1   . GLN A 1 151 ? -11.397 -11.935 -6.035  1   27.88  ? 150 GLN A OE1   1 
ATOM   1201 N  NE2   . GLN A 1 151 ? -10.087 -13.689 -5.549  1   43     ? 150 GLN A NE2   1 
ATOM   1202 N  N     . GLY A 1 152 ? -7.543  -10.742 -0.760  1   14.79  ? 151 GLY A N     1 
ATOM   1203 C  CA    . GLY A 1 152 ? -6.199  -10.296 -0.367  1   16.17  ? 151 GLY A CA    1 
ATOM   1204 C  C     . GLY A 1 152 ? -6.059  -8.956  0.365   1   17.25  ? 151 GLY A C     1 
ATOM   1205 O  O     . GLY A 1 152 ? -4.947  -8.601  0.758   1   16.59  ? 151 GLY A O     1 
ATOM   1206 N  N     . VAL A 1 153 ? -7.166  -8.209  0.588   1   14.67  ? 152 VAL A N     1 
ATOM   1207 C  CA    . VAL A 1 153 ? -7.084  -6.872  1.216   1   15.56  ? 152 VAL A CA    1 
ATOM   1208 C  C     . VAL A 1 153 ? -6.517  -6.937  2.651   1   19.39  ? 152 VAL A C     1 
ATOM   1209 O  O     . VAL A 1 153 ? -5.482  -6.316  2.916   1   17.45  ? 152 VAL A O     1 
ATOM   1210 C  CB    . VAL A 1 153 ? -8.408  -6.075  1.131   1   18.37  ? 152 VAL A CB    1 
ATOM   1211 C  CG1   . VAL A 1 153 ? -8.306  -4.760  1.914   1   19.01  ? 152 VAL A CG1   1 
ATOM   1212 C  CG2   . VAL A 1 153 ? -8.778  -5.806  -0.335  1   16.88  ? 152 VAL A CG2   1 
ATOM   1213 N  N     . ASP A 1 154 ? -7.162  -7.705  3.550   1   18.77  ? 153 ASP A N     1 
ATOM   1214 C  CA    . ASP A 1 154 ? -6.650  -7.895  4.922   1   18.87  ? 153 ASP A CA    1 
ATOM   1215 C  C     . ASP A 1 154 ? -5.237  -8.471  4.881   1   21.97  ? 153 ASP A C     1 
ATOM   1216 O  O     . ASP A 1 154 ? -4.374  -7.994  5.609   1   21.54  ? 153 ASP A O     1 
ATOM   1217 C  CB    . ASP A 1 154 ? -7.566  -8.823  5.748   1   20.78  ? 153 ASP A CB    1 
ATOM   1218 C  CG    . ASP A 1 154 ? -8.892  -8.202  6.176   1   28.43  ? 153 ASP A CG    1 
ATOM   1219 O  OD1   . ASP A 1 154 ? -9.017  -6.976  6.113   1   28.3   ? 153 ASP A OD1   1 
ATOM   1220 O  OD2   . ASP A 1 154 ? -9.782  -8.947  6.610   1   37.21  ? 153 ASP A OD2   1 
ATOM   1221 N  N     . ASP A 1 155 ? -4.979  -9.449  3.977   1   19.69  ? 154 ASP A N     1 
ATOM   1222 C  CA    . ASP A 1 155 ? -3.668  -10.085 3.897   1   18.72  ? 154 ASP A CA    1 
ATOM   1223 C  C     . ASP A 1 155 ? -2.576  -9.050  3.607   1   21.3   ? 154 ASP A C     1 
ATOM   1224 O  O     . ASP A 1 155 ? -1.524  -9.115  4.216   1   19.6   ? 154 ASP A O     1 
ATOM   1225 C  CB    . ASP A 1 155 ? -3.650  -11.216 2.845   1   21.35  ? 154 ASP A CB    1 
ATOM   1226 C  CG    . ASP A 1 155 ? -2.393  -12.074 2.849   1   38.59  ? 154 ASP A CG    1 
ATOM   1227 O  OD1   . ASP A 1 155 ? -1.705  -12.124 3.897   1   40.08  ? 154 ASP A OD1   1 
ATOM   1228 O  OD2   . ASP A 1 155 ? -2.114  -12.728 1.812   1   47.13  ? 154 ASP A OD2   1 
ATOM   1229 N  N     . ALA A 1 156 ? -2.819  -8.108  2.673   1   16.72  ? 155 ALA A N     1 
ATOM   1230 C  CA    . ALA A 1 156 ? -1.832  -7.094  2.298   1   16     ? 155 ALA A CA    1 
ATOM   1231 C  C     . ALA A 1 156 ? -1.494  -6.172  3.468   1   17.42  ? 155 ALA A C     1 
ATOM   1232 O  O     . ALA A 1 156 ? -0.314  -5.939  3.741   1   16.37  ? 155 ALA A O     1 
ATOM   1233 C  CB    . ALA A 1 156 ? -2.327  -6.298  1.098   1   16.71  ? 155 ALA A CB    1 
ATOM   1234 N  N     . PHE A 1 157 ? -2.515  -5.665  4.172   1   13.62  ? 156 PHE A N     1 
ATOM   1235 C  CA    . PHE A 1 157 ? -2.270  -4.784  5.330   1   14.14  ? 156 PHE A CA    1 
ATOM   1236 C  C     . PHE A 1 157 ? -1.638  -5.558  6.501   1   17.97  ? 156 PHE A C     1 
ATOM   1237 O  O     . PHE A 1 157 ? -0.689  -5.069  7.109   1   19.26  ? 156 PHE A O     1 
ATOM   1238 C  CB    . PHE A 1 157 ? -3.555  -4.062  5.761   1   15.69  ? 156 PHE A CB    1 
ATOM   1239 C  CG    . PHE A 1 157 ? -3.953  -2.947  4.812   1   15.33  ? 156 PHE A CG    1 
ATOM   1240 C  CD1   . PHE A 1 157 ? -4.842  -3.184  3.769   1   17.46  ? 156 PHE A CD1   1 
ATOM   1241 C  CD2   . PHE A 1 157 ? -3.399  -1.672  4.933   1   16.39  ? 156 PHE A CD2   1 
ATOM   1242 C  CE1   . PHE A 1 157 ? -5.248  -2.140  2.915   1   17.58  ? 156 PHE A CE1   1 
ATOM   1243 C  CE2   . PHE A 1 157 ? -3.807  -0.624  4.080   1   18.09  ? 156 PHE A CE2   1 
ATOM   1244 C  CZ    . PHE A 1 157 ? -4.695  -0.876  3.050   1   16.91  ? 156 PHE A CZ    1 
ATOM   1245 N  N     . TYR A 1 158 ? -2.139  -6.776  6.786   1   14.68  ? 157 TYR A N     1 
ATOM   1246 C  CA    . TYR A 1 158 ? -1.589  -7.590  7.907   1   15.62  ? 157 TYR A CA    1 
ATOM   1247 C  C     . TYR A 1 158 ? -0.165  -8.018  7.627   1   18.83  ? 157 TYR A C     1 
ATOM   1248 O  O     . TYR A 1 158 ? 0.651   -7.987  8.551   1   18.75  ? 157 TYR A O     1 
ATOM   1249 C  CB    . TYR A 1 158 ? -2.461  -8.804  8.234   1   17.23  ? 157 TYR A CB    1 
ATOM   1250 C  CG    . TYR A 1 158 ? -3.833  -8.515  8.805   1   20.88  ? 157 TYR A CG    1 
ATOM   1251 C  CD1   . TYR A 1 158 ? -4.334  -7.212  8.858   1   22.88  ? 157 TYR A CD1   1 
ATOM   1252 C  CD2   . TYR A 1 158 ? -4.663  -9.549  9.226   1   22.69  ? 157 TYR A CD2   1 
ATOM   1253 C  CE1   . TYR A 1 158 ? -5.630  -6.952  9.314   1   25.12  ? 157 TYR A CE1   1 
ATOM   1254 C  CE2   . TYR A 1 158 ? -5.945  -9.296  9.719   1   23.7   ? 157 TYR A CE2   1 
ATOM   1255 C  CZ    . TYR A 1 158 ? -6.428  -7.999  9.756   1   32.9   ? 157 TYR A CZ    1 
ATOM   1256 O  OH    . TYR A 1 158 ? -7.696  -7.762  10.254  1   36.43  ? 157 TYR A OH    1 
ATOM   1257 N  N     . THR A 1 159 ? 0.155   -8.393  6.346   1   16.61  ? 158 THR A N     1 
ATOM   1258 C  CA    . THR A 1 159 ? 1.538   -8.737  5.955   1   15.52  ? 158 THR A CA    1 
ATOM   1259 C  C     . THR A 1 159 ? 2.464   -7.528  6.210   1   19.6   ? 158 THR A C     1 
ATOM   1260 O  O     . THR A 1 159 ? 3.556   -7.709  6.762   1   18.36  ? 158 THR A O     1 
ATOM   1261 C  CB    . THR A 1 159 ? 1.604   -9.276  4.527   1   20.49  ? 158 THR A CB    1 
ATOM   1262 O  OG1   . THR A 1 159 ? 0.802   -10.460 4.426   1   22.67  ? 158 THR A OG1   1 
ATOM   1263 C  CG2   . THR A 1 159 ? 3.020   -9.556  4.056   1   19.21  ? 158 THR A CG2   1 
ATOM   1264 N  N     . LEU A 1 160 ? 2.014   -6.306  5.868   1   16.55  ? 159 LEU A N     1 
ATOM   1265 C  CA    . LEU A 1 160 ? 2.820   -5.111  6.157   1   15.46  ? 159 LEU A CA    1 
ATOM   1266 C  C     . LEU A 1 160 ? 3.035   -4.945  7.686   1   18.25  ? 159 LEU A C     1 
ATOM   1267 O  O     . LEU A 1 160 ? 4.163   -4.698  8.099   1   18.71  ? 159 LEU A O     1 
ATOM   1268 C  CB    . LEU A 1 160 ? 2.165   -3.873  5.555   1   15.75  ? 159 LEU A CB    1 
ATOM   1269 C  CG    . LEU A 1 160 ? 2.916   -2.546  5.722   1   18.68  ? 159 LEU A CG    1 
ATOM   1270 C  CD1   . LEU A 1 160 ? 4.381   -2.624  5.174   1   18.76  ? 159 LEU A CD1   1 
ATOM   1271 C  CD2   . LEU A 1 160 ? 2.146   -1.422  5.024   1   20.59  ? 159 LEU A CD2   1 
ATOM   1272 N  N     . VAL A 1 161 ? 1.988   -5.174  8.525   1   17.49  ? 160 VAL A N     1 
ATOM   1273 C  CA    . VAL A 1 161 ? 2.144   -5.110  9.994   1   17.04  ? 160 VAL A CA    1 
ATOM   1274 C  C     . VAL A 1 161 ? 3.212   -6.144  10.466  1   21.98  ? 160 VAL A C     1 
ATOM   1275 O  O     . VAL A 1 161 ? 4.082   -5.816  11.282  1   21.22  ? 160 VAL A O     1 
ATOM   1276 C  CB    . VAL A 1 161 ? 0.793   -5.260  10.727  1   21.25  ? 160 VAL A CB    1 
ATOM   1277 C  CG1   . VAL A 1 161 ? 0.986   -5.414  12.237  1   20.79  ? 160 VAL A CG1   1 
ATOM   1278 C  CG2   . VAL A 1 161 ? -0.114  -4.070  10.432  1   21.24  ? 160 VAL A CG2   1 
ATOM   1279 N  N     . ARG A 1 162 ? 3.169   -7.374  9.898   1   18.59  ? 161 ARG A N     1 
ATOM   1280 C  CA    . ARG A 1 162 ? 4.135   -8.433  10.219  1   19.11  ? 161 ARG A CA    1 
ATOM   1281 C  C     . ARG A 1 162 ? 5.552   -8.033  9.878   1   22.91  ? 161 ARG A C     1 
ATOM   1282 O  O     . ARG A 1 162 ? 6.467   -8.348  10.638  1   22.52  ? 161 ARG A O     1 
ATOM   1283 C  CB    . ARG A 1 162 ? 3.758   -9.737  9.532   1   19.41  ? 161 ARG A CB    1 
ATOM   1284 C  CG    . ARG A 1 162 ? 2.525   -10.358 10.181  1   26.57  ? 161 ARG A CG    1 
ATOM   1285 C  CD    . ARG A 1 162 ? 1.954   -11.469 9.331   1   28.31  ? 161 ARG A CD    1 
ATOM   1286 N  NE    . ARG A 1 162 ? 0.686   -11.927 9.899   1   30.82  ? 161 ARG A NE    1 
ATOM   1287 C  CZ    . ARG A 1 162 ? -0.407  -12.190 9.197   1   30.62  ? 161 ARG A CZ    1 
ATOM   1288 N  NH1   . ARG A 1 162 ? -0.397  -12.072 7.878   1   29.03  ? 161 ARG A NH1   1 
ATOM   1289 N  NH2   . ARG A 1 162 ? -1.523  -12.558 9.809   1   26.8   ? 161 ARG A NH2   1 
ATOM   1290 N  N     . GLU A 1 163 ? 5.731   -7.329  8.750   1   19.47  ? 162 GLU A N     1 
ATOM   1291 C  CA    . GLU A 1 163 ? 7.023   -6.801  8.304   1   20.05  ? 162 GLU A CA    1 
ATOM   1292 C  C     . GLU A 1 163 ? 7.529   -5.759  9.307   1   24.44  ? 162 GLU A C     1 
ATOM   1293 O  O     . GLU A 1 163 ? 8.720   -5.760  9.613   1   23.65  ? 162 GLU A O     1 
ATOM   1294 C  CB    . GLU A 1 163 ? 6.932   -6.197  6.884   1   21.69  ? 162 GLU A CB    1 
ATOM   1295 C  CG    . GLU A 1 163 ? 6.638   -7.198  5.774   1   29.48  ? 162 GLU A CG    1 
ATOM   1296 C  CD    . GLU A 1 163 ? 7.740   -8.209  5.527   1   42.17  ? 162 GLU A CD    1 
ATOM   1297 O  OE1   . GLU A 1 163 ? 8.811   -7.814  5.016   1   32.33  ? 162 GLU A OE1   1 
ATOM   1298 O  OE2   . GLU A 1 163 ? 7.549   -9.393  5.882   1   41.15  ? 162 GLU A OE2   1 
ATOM   1299 N  N     . ILE A 1 164 ? 6.627   -4.896  9.857   1   20.26  ? 163 ILE A N     1 
ATOM   1300 C  CA    . ILE A 1 164 ? 7.022   -3.893  10.850  1   19.29  ? 163 ILE A CA    1 
ATOM   1301 C  C     . ILE A 1 164 ? 7.452   -4.601  12.157  1   25.5   ? 163 ILE A C     1 
ATOM   1302 O  O     . ILE A 1 164 ? 8.509   -4.284  12.718  1   23.32  ? 163 ILE A O     1 
ATOM   1303 C  CB    . ILE A 1 164 ? 5.925   -2.808  11.103  1   20.6   ? 163 ILE A CB    1 
ATOM   1304 C  CG1   . ILE A 1 164 ? 5.673   -1.984  9.820   1   19.29  ? 163 ILE A CG1   1 
ATOM   1305 C  CG2   . ILE A 1 164 ? 6.348   -1.882  12.261  1   20.95  ? 163 ILE A CG2   1 
ATOM   1306 C  CD1   . ILE A 1 164 ? 4.316   -1.306  9.783   1   18.97  ? 163 ILE A CD1   1 
ATOM   1307 N  N     . ARG A 1 165 ? 6.657   -5.577  12.604  1   24.09  ? 164 ARG A N     1 
ATOM   1308 C  CA    . ARG A 1 165 ? 6.971   -6.355  13.816  1   25.3   ? 164 ARG A CA    1 
ATOM   1309 C  C     . ARG A 1 165 ? 8.320   -7.092  13.698  1   33.7   ? 164 ARG A C     1 
ATOM   1310 O  O     . ARG A 1 165 ? 9.036   -7.219  14.692  1   35.37  ? 164 ARG A O     1 
ATOM   1311 C  CB    . ARG A 1 165 ? 5.851   -7.360  14.097  1   22.28  ? 164 ARG A CB    1 
ATOM   1312 C  CG    . ARG A 1 165 ? 4.581   -6.734  14.613  1   23.62  ? 164 ARG A CG    1 
ATOM   1313 C  CD    . ARG A 1 165 ? 3.478   -7.776  14.776  1   32.8   ? 164 ARG A CD    1 
ATOM   1314 N  NE    . ARG A 1 165 ? 2.257   -7.194  15.335  1   35.74  ? 164 ARG A NE    1 
ATOM   1315 C  CZ    . ARG A 1 165 ? 1.113   -7.849  15.497  1   50.51  ? 164 ARG A CZ    1 
ATOM   1316 N  NH1   . ARG A 1 165 ? 1.008   -9.116  15.122  1   33.05  ? 164 ARG A NH1   1 
ATOM   1317 N  NH2   . ARG A 1 165 ? 0.060   -7.237  16.023  1   39.46  ? 164 ARG A NH2   1 
ATOM   1318 N  N     . LYS A 1 166 ? 8.652   -7.549  12.471  1   32.22  ? 165 LYS A N     1 
ATOM   1319 C  CA    . LYS A 1 166 ? 9.856   -8.294  12.075  1   32.69  ? 165 LYS A CA    1 
ATOM   1320 C  C     . LYS A 1 166 ? 11.072  -7.383  11.979  1   36.61  ? 165 LYS A C     1 
ATOM   1321 O  O     . LYS A 1 166 ? 12.207  -7.875  12.029  1   37.62  ? 165 LYS A O     1 
ATOM   1322 C  CB    . LYS A 1 166 ? 9.610   -8.931  10.696  1   35.46  ? 165 LYS A CB    1 
ATOM   1323 C  CG    . LYS A 1 166 ? 10.478  -10.134 10.352  1   51.3   ? 165 LYS A CG    1 
ATOM   1324 C  CD    . LYS A 1 166 ? 10.570  -10.352 8.842   1   59.87  ? 165 LYS A CD    1 
ATOM   1325 C  CE    . LYS A 1 166 ? 9.373   -11.051 8.241   1   67.97  ? 165 LYS A CE    1 
ATOM   1326 N  NZ    . LYS A 1 166 ? 9.530   -11.231 6.771   1   75.22  ? 165 LYS A NZ    1 
ATOM   1327 N  N     . HIS A 1 167 ? 10.838  -6.069  11.779  1   31.36  ? 166 HIS A N     1 
ATOM   1328 C  CA    . HIS A 1 167 ? 11.879  -5.048  11.624  1   52.93  ? 166 HIS A CA    1 
ATOM   1329 C  C     . HIS A 1 167 ? 12.595  -4.778  12.942  1   89.8   ? 166 HIS A C     1 
ATOM   1330 O  O     . HIS A 1 167 ? 13.806  -4.961  13.019  1   61.02  ? 166 HIS A O     1 
ATOM   1331 C  CB    . HIS A 1 167 ? 11.277  -3.753  11.057  1   53.27  ? 166 HIS A CB    1 
ATOM   1332 C  CG    . HIS A 1 167 ? 12.294  -2.743  10.623  1   56.65  ? 166 HIS A CG    1 
ATOM   1333 N  ND1   . HIS A 1 167 ? 12.575  -1.628  11.393  1   58.44  ? 166 HIS A ND1   1 
ATOM   1334 C  CD2   . HIS A 1 167 ? 13.054  -2.705  9.505   1   58.21  ? 166 HIS A CD2   1 
ATOM   1335 C  CE1   . HIS A 1 167 ? 13.496  -0.954  10.723  1   57.7   ? 166 HIS A CE1   1 
ATOM   1336 N  NE2   . HIS A 1 167 ? 13.817  -1.563  9.583   1   57.94  ? 166 HIS A NE2   1 
HETATM 1337 P  PB    . GDP B 2 .   ? -6.324  5.974   -6.173  1   16.54  ? 201 GDP A PB    1 
HETATM 1338 O  O1B   . GDP B 2 .   ? -6.838  6.324   -4.785  1   12.14  ? 201 GDP A O1B   1 
HETATM 1339 O  O2B   . GDP B 2 .   ? -5.063  5.063   -6.063  1   15.59  ? 201 GDP A O2B   1 
HETATM 1340 O  O3B   . GDP B 2 .   ? -6.115  7.189   -7.067  1   16.26  ? 201 GDP A O3B   1 
HETATM 1341 O  O3A   . GDP B 2 .   ? -7.436  5.027   -6.806  1   15.32  ? 201 GDP A O3A   1 
HETATM 1342 P  PA    . GDP B 2 .   ? -8.980  4.855   -6.456  1   16.75  ? 201 GDP A PA    1 
HETATM 1343 O  O1A   . GDP B 2 .   ? -9.641  6.181   -6.520  1   15.74  ? 201 GDP A O1A   1 
HETATM 1344 O  O2A   . GDP B 2 .   ? -9.177  4.206   -5.126  1   16.28  ? 201 GDP A O2A   1 
HETATM 1345 O  "O5'" . GDP B 2 .   ? -9.479  3.892   -7.652  1   12.84  ? 201 GDP A "O5'" 1 
HETATM 1346 C  "C5'" . GDP B 2 .   ? -9.607  4.365   -9.007  1   13.72  ? 201 GDP A "C5'" 1 
HETATM 1347 C  "C4'" . GDP B 2 .   ? -10.753 3.643   -9.684  1   16.57  ? 201 GDP A "C4'" 1 
HETATM 1348 O  "O4'" . GDP B 2 .   ? -10.470 2.228   -9.722  1   15.17  ? 201 GDP A "O4'" 1 
HETATM 1349 C  "C3'" . GDP B 2 .   ? -12.136 3.788   -9.040  1   19.83  ? 201 GDP A "C3'" 1 
HETATM 1350 O  "O3'" . GDP B 2 .   ? -13.155 3.911   -10.027 1   22.92  ? 201 GDP A "O3'" 1 
HETATM 1351 C  "C2'" . GDP B 2 .   ? -12.268 2.499   -8.227  1   19.39  ? 201 GDP A "C2'" 1 
HETATM 1352 O  "O2'" . GDP B 2 .   ? -13.600 2.076   -7.946  1   18.62  ? 201 GDP A "O2'" 1 
HETATM 1353 C  "C1'" . GDP B 2 .   ? -11.526 1.504   -9.125  1   16.02  ? 201 GDP A "C1'" 1 
HETATM 1354 N  N9    . GDP B 2 .   ? -10.943 0.365   -8.404  1   16.5   ? 201 GDP A N9    1 
HETATM 1355 C  C8    . GDP B 2 .   ? -10.095 0.439   -7.334  1   15.74  ? 201 GDP A C8    1 
HETATM 1356 N  N7    . GDP B 2 .   ? -9.693  -0.726  -6.900  1   16.08  ? 201 GDP A N7    1 
HETATM 1357 C  C5    . GDP B 2 .   ? -10.311 -1.635  -7.744  1   16.89  ? 201 GDP A C5    1 
HETATM 1358 C  C6    . GDP B 2 .   ? -10.245 -3.074  -7.788  1   17.72  ? 201 GDP A C6    1 
HETATM 1359 O  O6    . GDP B 2 .   ? -9.602  -3.817  -7.036  1   15.75  ? 201 GDP A O6    1 
HETATM 1360 N  N1    . GDP B 2 .   ? -11.012 -3.599  -8.816  1   18.16  ? 201 GDP A N1    1 
HETATM 1361 C  C2    . GDP B 2 .   ? -11.758 -2.856  -9.706  1   20.51  ? 201 GDP A C2    1 
HETATM 1362 N  N2    . GDP B 2 .   ? -12.418 -3.527  -10.651 1   18.8   ? 201 GDP A N2    1 
HETATM 1363 N  N3    . GDP B 2 .   ? -11.825 -1.519  -9.676  1   17.43  ? 201 GDP A N3    1 
HETATM 1364 C  C4    . GDP B 2 .   ? -11.087 -0.979  -8.677  1   14.02  ? 201 GDP A C4    1 
HETATM 1365 MG MG    . MG  C 3 .   ? -7.222  8.110   -3.850  1   20.8   2 202 MG  A MG    1 
HETATM 1366 P  P     . PO4 D 4 .   ? 0.375   11.125  -9.221  1   47.53  ? 203 PO4 A P     1 
HETATM 1367 O  O1    . PO4 D 4 .   ? -1.003  11.833  -8.818  1   47.82  ? 203 PO4 A O1    1 
HETATM 1368 O  O2    . PO4 D 4 .   ? 0.097   9.717   -9.835  1   44.89  ? 203 PO4 A O2    1 
HETATM 1369 O  O3    . PO4 D 4 .   ? 1.327   10.970  -7.943  1   47.16  ? 203 PO4 A O3    1 
HETATM 1370 O  O4    . PO4 D 4 .   ? 1.106   12.061  -10.294 1   49.71  ? 203 PO4 A O4    1 
HETATM 1371 C  C2    . QWK E 5 .   ? -3.994  15.149  -6.529  1   30.04  ? 204 QWK A C2    1 
HETATM 1372 C  C8    . QWK E 5 .   ? -3.617  20.510  -3.157  1   35     ? 204 QWK A C8    1 
HETATM 1373 C  C9    . QWK E 5 .   ? -2.477  20.973  -2.282  1   35.01  ? 204 QWK A C9    1 
HETATM 1374 C  C10   . QWK E 5 .   ? -1.283  21.405  -2.844  1   34.95  ? 204 QWK A C10   1 
HETATM 1375 C  C11   . QWK E 5 .   ? -0.233  21.826  -2.040  1   37.63  ? 204 QWK A C11   1 
HETATM 1376 C  C12   . QWK E 5 .   ? -0.354  21.786  -0.662  1   37.37  ? 204 QWK A C12   1 
HETATM 1377 C  C13   . QWK E 5 .   ? -1.530  21.334  -0.091  1   38.66  ? 204 QWK A C13   1 
HETATM 1378 C  C14   . QWK E 5 .   ? -2.576  20.908  -0.897  1   35.99  ? 204 QWK A C14   1 
HETATM 1379 C  C15   . QWK E 5 .   ? -3.664  18.105  -2.835  1   33.74  ? 204 QWK A C15   1 
HETATM 1380 C  C16   . QWK E 5 .   ? -3.187  16.774  -3.375  1   32.48  ? 204 QWK A C16   1 
HETATM 1381 N  N18   . QWK E 5 .   ? -3.610  15.323  -5.259  1   29.26  ? 204 QWK A N18   1 
HETATM 1382 C  C19   . QWK E 5 .   ? -4.350  13.381  -8.189  1   31.2   ? 204 QWK A C19   1 
HETATM 1383 C  C20   . QWK E 5 .   ? -4.259  11.883  -8.331  1   26.46  ? 204 QWK A C20   1 
HETATM 1384 C  C21   . QWK E 5 .   ? -4.778  11.392  -9.671  1   26.19  ? 204 QWK A C21   1 
HETATM 1385 N  N1    . QWK E 5 .   ? -3.989  13.836  -6.972  1   30.41  ? 204 QWK A N1    1 
HETATM 1386 N  N3    . QWK E 5 .   ? -4.338  16.120  -7.397  1   28.49  ? 204 QWK A N3    1 
HETATM 1387 C  C4    . QWK E 5 .   ? -4.328  17.367  -6.910  1   30.87  ? 204 QWK A C4    1 
HETATM 1388 C  C5    . QWK E 5 .   ? -3.978  17.698  -5.620  1   32.2   ? 204 QWK A C5    1 
HETATM 1389 C  C6    . QWK E 5 .   ? -4.009  19.116  -5.097  1   32.88  ? 204 QWK A C6    1 
HETATM 1390 N  N7    . QWK E 5 .   ? -3.367  19.201  -3.774  1   33.56  ? 204 QWK A N7    1 
HETATM 1391 C  C17   . QWK E 5 .   ? -3.630  16.585  -4.801  1   30.32  ? 204 QWK A C17   1 
HETATM 1392 O  O22   . QWK E 5 .   ? -4.764  14.103  -9.094  1   31.88  ? 204 QWK A O22   1 
HETATM 1393 C  C2    . QWK F 5 .   ? -8.009  -15.856 -9.303  1   32.5   ? 205 QWK A C2    1 
HETATM 1394 C  C8    . QWK F 5 .   ? -8.470  -20.049 -12.645 1   25.86  ? 205 QWK A C8    1 
HETATM 1395 C  C9    . QWK F 5 .   ? -7.450  -20.912 -13.345 1   24.56  ? 205 QWK A C9    1 
HETATM 1396 C  C10   . QWK F 5 .   ? -7.694  -22.260 -13.563 1   23.75  ? 205 QWK A C10   1 
HETATM 1397 C  C11   . QWK F 5 .   ? -6.752  -23.054 -14.198 1   22.15  ? 205 QWK A C11   1 
HETATM 1398 C  C12   . QWK F 5 .   ? -5.564  -22.506 -14.635 1   22.05  ? 205 QWK A C12   1 
HETATM 1399 C  C13   . QWK F 5 .   ? -5.313  -21.167 -14.435 1   23.47  ? 205 QWK A C13   1 
HETATM 1400 C  C14   . QWK F 5 .   ? -6.251  -20.371 -13.795 1   23.61  ? 205 QWK A C14   1 
HETATM 1401 C  C15   . QWK F 5 .   ? -7.295  -20.388 -10.506 1   27.34  ? 205 QWK A C15   1 
HETATM 1402 C  C16   . QWK F 5 .   ? -6.647  -19.025 -10.415 1   29.42  ? 205 QWK A C16   1 
HETATM 1403 N  N18   . QWK F 5 .   ? -7.134  -16.813 -9.610  1   32.01  ? 205 QWK A N18   1 
HETATM 1404 C  C19   . QWK F 5 .   ? -8.117  -13.598 -8.460  1   31.97  ? 205 QWK A C19   1 
HETATM 1405 C  C20   . QWK F 5 .   ? -7.243  -12.446 -8.038  1   28.11  ? 205 QWK A C20   1 
HETATM 1406 C  C21   . QWK F 5 .   ? -7.997  -11.407 -7.246  1   25.53  ? 205 QWK A C21   1 
HETATM 1407 N  N1    . QWK F 5 .   ? -7.430  -14.678 -8.857  1   32.19  ? 205 QWK A N1    1 
HETATM 1408 N  N3    . QWK F 5 .   ? -9.351  -15.949 -9.376  1   35.66  ? 205 QWK A N3    1 
HETATM 1409 C  C4    . QWK F 5 .   ? -9.837  -17.123 -9.795  1   35.25  ? 205 QWK A C4    1 
HETATM 1410 C  C5    . QWK F 5 .   ? -9.062  -18.192 -10.175 1   29.94  ? 205 QWK A C5    1 
HETATM 1411 C  C6    . QWK F 5 .   ? -9.663  -19.512 -10.594 1   26.8   ? 205 QWK A C6    1 
HETATM 1412 N  N7    . QWK F 5 .   ? -8.600  -20.328 -11.203 1   26.46  ? 205 QWK A N7    1 
HETATM 1413 C  C17   . QWK F 5 .   ? -7.651  -17.975 -10.033 1   30.53  ? 205 QWK A C17   1 
HETATM 1414 O  O22   . QWK F 5 .   ? -9.342  -13.535 -8.459  1   36.95  ? 205 QWK A O22   1 
HETATM 1415 O  O     . HOH G 6 .   ? -7.697  9.812   1.347   1   17.82  ? 301 HOH A O     1 
HETATM 1416 O  O     . HOH G 6 .   ? -12.001 7.033   -7.363  1   29.9   ? 302 HOH A O     1 
HETATM 1417 O  O     . HOH G 6 .   ? 0.371   8.911   -6.134  1   23.73  ? 303 HOH A O     1 
HETATM 1418 O  O     . HOH G 6 .   ? -20.744 -0.615  -5.982  1   40.75  ? 304 HOH A O     1 
HETATM 1419 O  O     . HOH G 6 .   ? 0.950   12.288  -1.566  1   20.28  ? 305 HOH A O     1 
HETATM 1420 O  O     . HOH G 6 .   ? -5.697  8.816   11.377  1   27.17  ? 306 HOH A O     1 
HETATM 1421 O  O     . HOH G 6 .   ? -5.633  7.975   -2.546  1   14.36  ? 307 HOH A O     1 
HETATM 1422 O  O     . HOH G 6 .   ? 2.542   -5.434  22.230  1   84.4   ? 308 HOH A O     1 
HETATM 1423 O  O     . HOH G 6 .   ? 9.382   -5.335  4.202   1   27.52  ? 309 HOH A O     1 
HETATM 1424 O  O     . HOH G 6 .   ? -10.472 -6.086  -17.559 1   35.77  ? 310 HOH A O     1 
HETATM 1425 O  O     . HOH G 6 .   ? 6.671   7.205   13.348  1   44.57  ? 311 HOH A O     1 
HETATM 1426 O  O     . HOH G 6 .   ? 3.755   10.077  -7.254  1   52.19  ? 312 HOH A O     1 
HETATM 1427 O  O     . HOH G 6 .   ? 0.718   -5.125  17.940  1   38.69  ? 313 HOH A O     1 
HETATM 1428 O  O     . HOH G 6 .   ? 1.789   7.051   -13.844 1   44.84  ? 314 HOH A O     1 
HETATM 1429 O  O     . HOH G 6 .   ? -9.017  8.251   -4.934  1   16.57  ? 315 HOH A O     1 
HETATM 1430 O  O     . HOH G 6 .   ? -13.452 0.765   -1.160  1   15.04  ? 316 HOH A O     1 
HETATM 1431 O  O     . HOH G 6 .   ? 12.611  -2.738  2.175   1   42.61  ? 317 HOH A O     1 
HETATM 1432 O  O     . HOH G 6 .   ? 4.757   0.591   16.033  1   39.38  ? 318 HOH A O     1 
HETATM 1433 O  O     . HOH G 6 .   ? -7.782  10.098  -2.968  1   15.07  ? 319 HOH A O     1 
HETATM 1434 O  O     . HOH G 6 .   ? -14.351 15.962  -2.529  1   33.21  ? 320 HOH A O     1 
HETATM 1435 O  O     . HOH G 6 .   ? 8.573   1.019   13.545  1   44.11  ? 321 HOH A O     1 
HETATM 1436 O  O     . HOH G 6 .   ? -5.099  16.594  -10.065 1   41.26  ? 322 HOH A O     1 
HETATM 1437 O  O     . HOH G 6 .   ? 2.218   14.797  5.570   1   26.08  ? 323 HOH A O     1 
HETATM 1438 O  O     . HOH G 6 .   ? -11.574 -12.044 -8.734  1   34.64  ? 324 HOH A O     1 
HETATM 1439 O  O     . HOH G 6 .   ? 5.309   -10.876 6.146   1   60.72  ? 325 HOH A O     1 
HETATM 1440 O  O     . HOH G 6 .   ? 3.379   4.015   15.881  1   36.85  ? 326 HOH A O     1 
HETATM 1441 O  O     . HOH G 6 .   ? -14.738 -7.376  -11.538 1   29.04  ? 327 HOH A O     1 
HETATM 1442 O  O     . HOH G 6 .   ? 14.552  6.372   9.406   1   35.56  ? 328 HOH A O     1 
HETATM 1443 O  O     . HOH G 6 .   ? -0.264  14.275  4.629   1   40.24  ? 329 HOH A O     1 
HETATM 1444 O  O     . HOH G 6 .   ? 14.067  -5.005  2.186   1   52.41  ? 330 HOH A O     1 
HETATM 1445 O  O     . HOH G 6 .   ? -9.512  -9.522  2.719   1   22.52  ? 331 HOH A O     1 
HETATM 1446 O  O     . HOH G 6 .   ? -0.646  -3.911  20.944  1   46.48  ? 332 HOH A O     1 
HETATM 1447 O  O     . HOH G 6 .   ? -8.237  7.873   -8.625  1   19.38  ? 333 HOH A O     1 
HETATM 1448 O  O     . HOH G 6 .   ? -12.784 10.621  -9.926  1   40.24  ? 334 HOH A O     1 
HETATM 1449 O  O     . HOH G 6 .   ? 6.041   10.049  -3.844  1   36.99  ? 335 HOH A O     1 
HETATM 1450 O  O     . HOH G 6 .   ? 2.805   -10.843 13.844  1   47.06  ? 336 HOH A O     1 
HETATM 1451 O  O     . HOH G 6 .   ? -16.909 -6.078  -1.741  1   41.91  ? 337 HOH A O     1 
HETATM 1452 O  O     . HOH G 6 .   ? 8.894   12.508  -0.566  1   39.1   ? 338 HOH A O     1 
HETATM 1453 O  O     . HOH G 6 .   ? -5.971  9.210   -5.235  1   17.16  ? 339 HOH A O     1 
HETATM 1454 O  O     . HOH G 6 .   ? -9.108  -9.795  11.413  1   59.61  ? 340 HOH A O     1 
HETATM 1455 O  O     . HOH G 6 .   ? -9.199  -5.757  9.163   1   39.67  ? 341 HOH A O     1 
HETATM 1456 O  O     . HOH G 6 .   ? 1.713   -12.451 6.062   1   35.67  ? 342 HOH A O     1 
HETATM 1457 O  O     . HOH G 6 .   ? -6.778  -11.071 -14.182 1   42.75  ? 343 HOH A O     1 
HETATM 1458 O  O     . HOH G 6 .   ? 2.063   2.659   -8.798  1   16.87  ? 344 HOH A O     1 
HETATM 1459 O  O     . HOH G 6 .   ? -13.570 -11.485 -12.415 1   38.95  ? 345 HOH A O     1 
HETATM 1460 O  O     . HOH G 6 .   ? 3.065   7.768   -10.676 1   37.48  ? 346 HOH A O     1 
HETATM 1461 O  O     . HOH G 6 .   ? -4.451  -12.690 -2.879  1   35.23  ? 347 HOH A O     1 
HETATM 1462 O  O     . HOH G 6 .   ? -18.289 0.039   7.969   1   42.1   ? 348 HOH A O     1 
HETATM 1463 O  O     . HOH G 6 .   ? 10.488  -7.370  17.035  1   25.91  ? 349 HOH A O     1 
HETATM 1464 O  O     . HOH G 6 .   ? -6.126  0.533   -13.637 1   23.12  ? 350 HOH A O     1 
HETATM 1465 O  O     . HOH G 6 .   ? -3.159  17.072  0.432   1   34.85  ? 351 HOH A O     1 
HETATM 1466 O  O     . HOH G 6 .   ? 9.804   1.393   10.113  1   31.01  ? 352 HOH A O     1 
HETATM 1467 O  O     . HOH G 6 .   ? -2.634  9.218   -6.355  1   19.4   ? 353 HOH A O     1 
HETATM 1468 O  O     . HOH G 6 .   ? 12.068  7.724   9.265   1   35.83  ? 354 HOH A O     1 
HETATM 1469 O  O     . HOH G 6 .   ? 5.281   -17.341 -10.718 1   45.81  ? 355 HOH A O     1 
HETATM 1470 O  O     . HOH G 6 .   ? 1.369   7.924   -3.719  1   17.17  ? 356 HOH A O     1 
HETATM 1471 O  O     . HOH G 6 .   ? 10.939  -10.734 -14.463 1   37.02  ? 357 HOH A O     1 
HETATM 1472 O  O     . HOH G 6 .   ? -6.587  9.874   13.595  1   134.12 ? 358 HOH A O     1 
HETATM 1473 O  O     . HOH G 6 .   ? -9.339  -8.036  13.689  1   32.95  ? 359 HOH A O     1 
HETATM 1474 O  O     . HOH G 6 .   ? -5.473  -13.314 15.489  1   41.85  ? 360 HOH A O     1 
HETATM 1475 O  O     . HOH G 6 .   ? 7.455   12.350  -2.888  1   48.22  ? 361 HOH A O     1 
HETATM 1476 O  O     . HOH G 6 .   ? -17.478 -2.717  -10.548 1   42.45  ? 362 HOH A O     1 
HETATM 1477 O  O     . HOH G 6 .   ? 3.282   13.141  10.382  1   29.11  ? 363 HOH A O     1 
HETATM 1478 O  O     . HOH G 6 .   ? -12.395 -3.690  13.460  1   39.93  ? 364 HOH A O     1 
HETATM 1479 O  O     . HOH G 6 .   ? 9.063   -0.303  -11.026 1   32.39  ? 365 HOH A O     1 
HETATM 1480 O  O     . HOH G 6 .   ? -13.938 10.927  -1.688  1   51.81  ? 366 HOH A O     1 
HETATM 1481 O  O     . HOH G 6 .   ? -19.164 -1.803  -4.136  1   71.15  ? 367 HOH A O     1 
HETATM 1482 O  O     . HOH G 6 .   ? 3.723   8.953   -2.558  1   19.54  ? 368 HOH A O     1 
HETATM 1483 O  O     . HOH G 6 .   ? -1.210  -12.870 -4.050  1   24.84  ? 369 HOH A O     1 
HETATM 1484 O  O     . HOH G 6 .   ? -7.063  -10.984 2.734   1   20.89  ? 370 HOH A O     1 
HETATM 1485 O  O     . HOH G 6 .   ? -7.406  10.239  17.887  1   30.69  ? 371 HOH A O     1 
HETATM 1486 O  O     . HOH G 6 .   ? 5.457   -4.170  17.089  1   40.24  ? 372 HOH A O     1 
HETATM 1487 O  O     . HOH G 6 .   ? -1.646  7.541   -12.960 1   42.32  ? 373 HOH A O     1 
HETATM 1488 O  O     . HOH G 6 .   ? 10.749  -6.449  7.660   1   40.77  ? 374 HOH A O     1 
HETATM 1489 O  O     . HOH G 6 .   ? -9.026  -12.788 0.670   1   35.95  ? 375 HOH A O     1 
HETATM 1490 O  O     . HOH G 6 .   ? -2.989  -12.662 6.447   1   49.54  ? 376 HOH A O     1 
HETATM 1491 O  O     . HOH G 6 .   ? 7.825   21.790  0.328   1   31.86  ? 377 HOH A O     1 
HETATM 1492 O  O     . HOH G 6 .   ? 2.437   -2.158  23.308  1   29.91  ? 378 HOH A O     1 
HETATM 1493 O  O     . HOH G 6 .   ? -15.022 13.278  -6.241  1   35.23  ? 379 HOH A O     1 
HETATM 1494 O  O     . HOH G 6 .   ? -15.483 0.874   -9.890  1   33.91  ? 380 HOH A O     1 
HETATM 1495 O  O     . HOH G 6 .   ? -9.581  -7.968  20.721  1   48.42  ? 381 HOH A O     1 
HETATM 1496 O  O     . HOH G 6 .   ? -8.634  -11.469 7.664   1   58     ? 382 HOH A O     1 
HETATM 1497 O  O     . HOH G 6 .   ? 2.626   -15.169 -13.695 1   23.09  ? 383 HOH A O     1 
HETATM 1498 O  O     . HOH G 6 .   ? -7.340  12.747  7.617   1   31.13  ? 384 HOH A O     1 
HETATM 1499 O  O     . HOH G 6 .   ? -11.792 -15.237 -7.800  1   51.71  ? 385 HOH A O     1 
HETATM 1500 O  O     . HOH G 6 .   ? 5.860   -12.822 -1.681  1   34.05  ? 386 HOH A O     1 
HETATM 1501 O  O     . HOH G 6 .   ? -5.660  -13.942 -12.704 1   45.51  ? 387 HOH A O     1 
HETATM 1502 O  O     . HOH G 6 .   ? -10.897 0.024   -12.122 1   29.76  ? 388 HOH A O     1 
HETATM 1503 O  O     . HOH G 6 .   ? 10.050  4.202   10.899  1   47.34  ? 389 HOH A O     1 
HETATM 1504 O  O     . HOH G 6 .   ? 7.872   18.929  -6.023  1   40.33  ? 390 HOH A O     1 
HETATM 1505 O  O     . HOH G 6 .   ? -5.875  16.439  0.385   1   32.2   ? 391 HOH A O     1 
HETATM 1506 O  O     . HOH G 6 .   ? -5.024  -13.022 -16.011 1   31.41  ? 392 HOH A O     1 
HETATM 1507 O  O     . HOH G 6 .   ? 4.091   11.443  -4.930  1   49.12  ? 393 HOH A O     1 
HETATM 1508 O  O     . HOH G 6 .   ? -17.829 -4.314  -13.575 1   136.04 ? 394 HOH A O     1 
HETATM 1509 O  O     . HOH G 6 .   ? -10.998 -5.731  16.071  1   38.99  ? 395 HOH A O     1 
HETATM 1510 O  O     . HOH G 6 .   ? -4.657  -12.408 12.175  1   47.54  ? 396 HOH A O     1 
HETATM 1511 O  O     . HOH G 6 .   ? -3.709  -9.028  22.602  1   77.11  ? 397 HOH A O     1 
HETATM 1512 O  O     . HOH G 6 .   ? -10.654 -5.722  18.754  1   31.74  ? 398 HOH A O     1 
HETATM 1513 O  O     . HOH G 6 .   ? 5.108   -3.956  20.274  1   49.56  ? 399 HOH A O     1 
HETATM 1514 O  O     . HOH G 6 .   ? -15.099 -1.734  -11.429 1   55.6   ? 400 HOH A O     1 
HETATM 1515 O  O     . HOH G 6 .   ? 4.082   -15.480 -16.062 1   41.16  ? 401 HOH A O     1 
HETATM 1516 O  O     . HOH G 6 .   ? 7.286   21.434  -3.494  1   38.04  ? 402 HOH A O     1 
HETATM 1517 O  O     . HOH G 6 .   ? 12.069  -5.029  4.017   1   48.54  ? 403 HOH A O     1 
HETATM 1518 O  O     . HOH G 6 .   ? -18.685 -4.638  -3.990  1   96.41  ? 404 HOH A O     1 
HETATM 1519 O  O     . HOH G 6 .   ? -6.661  12.458  14.360  1   145.18 ? 405 HOH A O     1 
HETATM 1520 O  O     . HOH G 6 .   ? -4.091  2.160   -12.601 1   36.27  ? 406 HOH A O     1 
HETATM 1521 O  O     . HOH G 6 .   ? -1.971  -6.872  22.735  1   93.69  ? 407 HOH A O     1 
HETATM 1522 O  O     . HOH G 6 .   ? 2.022   12.942  7.683   1   32.12  ? 408 HOH A O     1 
HETATM 1523 O  O     . HOH G 6 .   ? 1.319   -14.000 -4.939  1   52.05  ? 409 HOH A O     1 
HETATM 1524 O  O     . HOH G 6 .   ? 6.313   -1.604  16.557  1   46.76  ? 410 HOH A O     1 
HETATM 1525 O  O     . HOH G 6 .   ? 0.345   -16.479 15.286  1   35.46  ? 411 HOH A O     1 
# 
